data_1NG9
#
_entry.id   1NG9
#
_cell.length_a   89.902
_cell.length_b   92.404
_cell.length_c   261.593
_cell.angle_alpha   90.00
_cell.angle_beta   90.00
_cell.angle_gamma   90.00
#
_symmetry.space_group_name_H-M   'P 21 21 21'
#
loop_
_entity.id
_entity.type
_entity.pdbx_description
1 polymer "5'-D(*AP*GP*CP*TP*GP*CP*CP*AP*GP*GP*CP*AP*CP*CP*AP*GP*TP*GP*TP*CP*AP*GP*CP*GP*TP*CP*CP*TP*AP*T)-3'"
2 polymer "5'-D(*AP*TP*AP*GP*GP*AP*CP*GP*CP*TP*GP*AP*CP*AP*CP*TP*GP*GP*TP*GP*CP*TP*TP*GP*GP*CP*AP*GP*CP*T)-3'"
3 polymer 'DNA mismatch repair protein MutS'
4 non-polymer 'MAGNESIUM ION'
5 non-polymer "ADENOSINE-5'-DIPHOSPHATE"
6 water water
#
loop_
_entity_poly.entity_id
_entity_poly.type
_entity_poly.pdbx_seq_one_letter_code
_entity_poly.pdbx_strand_id
1 'polydeoxyribonucleotide'
;(DA)(DG)(DC)(DT)(DG)(DC)(DC)(DA)(DG)(DG)(DC)(DA)(DC)(DC)(DA)(DG)(DT)(DG)(DT)(DC)
(DA)(DG)(DC)(DG)(DT)(DC)(DC)(DT)(DA)(DT)
;
E
2 'polydeoxyribonucleotide'
;(DA)(DT)(DA)(DG)(DG)(DA)(DC)(DG)(DC)(DT)(DG)(DA)(DC)(DA)(DC)(DT)(DG)(DG)(DT)(DG)
(DC)(DT)(DT)(DG)(DG)(DC)(DA)(DG)(DC)(DT)
;
F
3 'polypeptide(L)'
;MSAIENFDAHTPMMQQYLRLKAQHPEILLFYRMGDFYELFYDDAKRASQLLDISLTKRGASAGEPIPMAGIPYHAVENYL
AKLVNQGESVAICEQIGDPATSKGPVERKVVRIVTPGTISDEALLQERQDNLLAAIWQDSKGFGYATLDISSGRFRLSEP
ADRETMAAELQRTNPAELLYAEDFAEMSLIEGRRGLRRRPLWEFEIDTARQQLNLQFGTRDLVGFGVENAPRGLCAAGCL
LQYAKDTQRTTLPHIRSITMEREQDSIIMDAATRRNLEITQNLAGGAENTLASVLDCTVTPMGSRMLKRWLHMPVRDTRV
LLERQQTIGALQDFTAGLQPVLRQVGDLERILARLALRTARPRDLARMRHAFQQLPELRAQLETVDSAPVQALREKMGEF
AELRDLLERAIIDTPPVLVRDGGVIASGYNEELDEWRALADGATDYLERLEVRERERTGLDTLKVGFNAVHGYYIQISRG
QSHLAPINYMRRQTLKNAERYIIPELKEYEDKVLTSKGKALALEKQLYEELFDLLLPHLEALQQSASALAELDVLVNLAE
RAYTLNYTCPTFIDKPGIRITEGRHPVVEQVLNEPFIANPLNLSPQRRMLIITGPNMGGKSTYMRQTALIALMAYIGSYV
PAQKVEIGPIDRIFTRVGAADDLASGRSTFMVEMTETANILHNATEYSLVLMDEIGAGTSTYDGLSLAWACAENLANKIK
ALTLFATHYFELTQLPEKMEGVANVHLDALEHGDTIAFMHSVQDGAASKSYGLAVAALAGVPKEVIKRARQKLRELESIS
;
A,B
#
loop_
_chem_comp.id
_chem_comp.type
_chem_comp.name
_chem_comp.formula
ADP non-polymer ADENOSINE-5'-DIPHOSPHATE 'C10 H15 N5 O10 P2'
DA DNA linking 2'-DEOXYADENOSINE-5'-MONOPHOSPHATE 'C10 H14 N5 O6 P'
DC DNA linking 2'-DEOXYCYTIDINE-5'-MONOPHOSPHATE 'C9 H14 N3 O7 P'
DG DNA linking 2'-DEOXYGUANOSINE-5'-MONOPHOSPHATE 'C10 H14 N5 O7 P'
DT DNA linking THYMIDINE-5'-MONOPHOSPHATE 'C10 H15 N2 O8 P'
MG non-polymer 'MAGNESIUM ION' 'Mg 2'
#
# COMPACT_ATOMS: atom_id res chain seq x y z
N MET C 1 27.65 -26.27 -8.16
CA MET C 1 27.70 -27.65 -8.71
C MET C 1 27.35 -27.62 -10.19
N SER C 2 27.76 -28.70 -10.88
CA SER C 2 27.49 -28.92 -12.29
C SER C 2 27.94 -27.76 -13.17
N ALA C 3 28.31 -28.08 -14.41
CA ALA C 3 28.80 -27.10 -15.37
C ALA C 3 29.86 -26.17 -14.79
N ILE C 4 31.11 -26.62 -14.78
CA ILE C 4 32.25 -25.73 -14.64
C ILE C 4 32.11 -24.78 -15.82
N GLU C 5 31.86 -23.51 -15.50
CA GLU C 5 31.42 -22.54 -16.48
C GLU C 5 32.50 -21.49 -16.69
N ASN C 6 33.69 -21.99 -17.02
CA ASN C 6 34.81 -21.15 -17.44
C ASN C 6 34.54 -20.45 -18.78
N PHE C 7 35.38 -19.47 -19.11
CA PHE C 7 35.21 -18.63 -20.30
C PHE C 7 35.09 -19.44 -21.59
N ASP C 8 35.95 -20.45 -21.74
CA ASP C 8 36.02 -21.24 -22.98
C ASP C 8 34.81 -22.14 -23.22
N ALA C 9 34.17 -22.58 -22.13
CA ALA C 9 32.98 -23.41 -22.21
C ALA C 9 31.70 -22.63 -22.55
N HIS C 10 31.82 -21.31 -22.59
CA HIS C 10 30.72 -20.42 -22.94
C HIS C 10 30.73 -20.07 -24.43
N THR C 11 29.55 -19.73 -24.95
CA THR C 11 29.40 -19.32 -26.34
C THR C 11 29.88 -17.88 -26.47
N PRO C 12 30.21 -17.44 -27.68
CA PRO C 12 30.55 -16.03 -27.92
C PRO C 12 29.52 -15.03 -27.35
N MET C 13 28.24 -15.37 -27.45
CA MET C 13 27.15 -14.53 -26.98
C MET C 13 27.21 -14.38 -25.45
N MET C 14 27.37 -15.50 -24.76
CA MET C 14 27.40 -15.52 -23.31
C MET C 14 28.69 -14.98 -22.72
N GLN C 15 29.82 -15.17 -23.42
CA GLN C 15 31.08 -14.57 -23.01
C GLN C 15 30.91 -13.06 -22.87
N GLN C 16 30.43 -12.44 -23.95
CA GLN C 16 30.17 -11.02 -24.00
C GLN C 16 29.09 -10.60 -22.99
N TYR C 17 28.10 -11.46 -22.76
CA TYR C 17 27.02 -11.13 -21.83
C TYR C 17 27.50 -11.11 -20.39
N LEU C 18 28.18 -12.15 -19.96
CA LEU C 18 28.63 -12.22 -18.57
C LEU C 18 29.63 -11.11 -18.26
N ARG C 19 30.45 -10.74 -19.26
CA ARG C 19 31.38 -9.60 -19.16
C ARG C 19 30.69 -8.28 -18.84
N LEU C 20 29.58 -8.03 -19.52
CA LEU C 20 28.80 -6.81 -19.28
C LEU C 20 27.98 -6.92 -17.99
N LYS C 21 27.54 -8.12 -17.65
CA LYS C 21 26.76 -8.35 -16.43
C LYS C 21 27.68 -8.25 -15.20
N ALA C 22 28.97 -8.50 -15.39
CA ALA C 22 29.96 -8.40 -14.33
C ALA C 22 30.24 -6.94 -13.96
N GLN C 23 30.01 -6.05 -14.91
CA GLN C 23 30.10 -4.62 -14.66
C GLN C 23 28.88 -4.08 -13.92
N HIS C 24 27.82 -4.90 -13.82
CA HIS C 24 26.61 -4.56 -13.09
C HIS C 24 26.06 -5.76 -12.31
N PRO C 25 26.84 -6.29 -11.37
CA PRO C 25 26.54 -7.60 -10.78
C PRO C 25 25.20 -7.69 -10.06
N GLU C 26 24.76 -6.63 -9.38
CA GLU C 26 23.60 -6.70 -8.49
C GLU C 26 22.33 -6.01 -9.00
N ILE C 27 22.29 -5.63 -10.27
CA ILE C 27 21.08 -5.04 -10.87
C ILE C 27 20.74 -5.69 -12.21
N LEU C 28 19.47 -5.62 -12.59
CA LEU C 28 18.99 -6.26 -13.81
C LEU C 28 19.73 -5.70 -15.02
N LEU C 29 19.93 -6.54 -16.03
CA LEU C 29 20.54 -6.12 -17.28
C LEU C 29 19.58 -6.46 -18.41
N PHE C 30 18.99 -5.43 -19.00
CA PHE C 30 18.32 -5.54 -20.29
C PHE C 30 19.44 -5.67 -21.32
N TYR C 31 19.33 -6.68 -22.18
CA TYR C 31 20.39 -7.04 -23.14
C TYR C 31 19.82 -7.11 -24.56
N ARG C 32 20.26 -6.21 -25.42
CA ARG C 32 19.68 -6.10 -26.78
C ARG C 32 20.03 -7.29 -27.64
N MET C 33 18.99 -8.01 -28.06
CA MET C 33 19.08 -9.04 -29.08
C MET C 33 18.00 -8.78 -30.15
N GLY C 34 18.40 -8.17 -31.26
CA GLY C 34 17.47 -7.80 -32.31
C GLY C 34 16.41 -6.85 -31.78
N ASP C 35 15.15 -7.22 -31.98
CA ASP C 35 14.00 -6.38 -31.60
C ASP C 35 13.52 -6.68 -30.18
N PHE C 36 14.42 -7.15 -29.33
CA PHE C 36 14.09 -7.52 -27.95
C PHE C 36 15.19 -7.08 -26.96
N TYR C 37 14.79 -6.73 -25.75
CA TYR C 37 15.71 -6.72 -24.62
C TYR C 37 15.47 -8.02 -23.87
N GLU C 38 16.54 -8.77 -23.64
CA GLU C 38 16.46 -10.09 -23.03
C GLU C 38 17.24 -10.11 -21.74
N LEU C 39 16.80 -10.92 -20.80
CA LEU C 39 17.49 -11.12 -19.52
C LEU C 39 17.84 -12.60 -19.35
N PHE C 40 18.82 -12.90 -18.50
CA PHE C 40 19.27 -14.28 -18.34
C PHE C 40 19.52 -14.70 -16.90
N TYR C 41 19.49 -16.01 -16.69
CA TYR C 41 19.75 -16.63 -15.41
C TYR C 41 18.80 -16.06 -14.34
N ASP C 42 19.34 -15.53 -13.23
CA ASP C 42 18.51 -15.04 -12.14
C ASP C 42 17.78 -13.75 -12.51
N ASP C 43 18.40 -12.92 -13.35
CA ASP C 43 17.76 -11.73 -13.91
C ASP C 43 16.42 -12.09 -14.56
N ALA C 44 16.44 -13.17 -15.34
CA ALA C 44 15.25 -13.63 -16.04
C ALA C 44 14.17 -14.14 -15.07
N LYS C 45 14.58 -14.80 -14.00
CA LYS C 45 13.62 -15.33 -13.03
C LYS C 45 12.92 -14.20 -12.29
N ARG C 46 13.71 -13.21 -11.87
CA ARG C 46 13.18 -12.06 -11.15
C ARG C 46 12.33 -11.21 -12.07
N ALA C 47 12.89 -10.88 -13.24
CA ALA C 47 12.20 -10.10 -14.25
C ALA C 47 10.85 -10.75 -14.57
N SER C 48 10.83 -12.07 -14.60
CA SER C 48 9.57 -12.79 -14.81
C SER C 48 8.53 -12.46 -13.74
N GLN C 49 8.95 -12.43 -12.47
CA GLN C 49 8.00 -12.17 -11.38
C GLN C 49 7.60 -10.71 -11.26
N LEU C 50 8.54 -9.79 -11.44
CA LEU C 50 8.28 -8.36 -11.30
C LEU C 50 7.52 -7.78 -12.50
N LEU C 51 7.96 -8.11 -13.71
CA LEU C 51 7.35 -7.61 -14.94
C LEU C 51 6.11 -8.41 -15.39
N ASP C 52 5.93 -9.59 -14.82
CA ASP C 52 4.82 -10.49 -15.18
C ASP C 52 4.93 -10.93 -16.63
N ILE C 53 6.07 -11.53 -16.96
CA ILE C 53 6.32 -12.10 -18.28
C ILE C 53 6.87 -13.53 -18.18
N SER C 54 6.85 -14.22 -19.31
CA SER C 54 7.17 -15.65 -19.36
C SER C 54 8.67 -15.94 -19.11
N LEU C 55 8.91 -16.96 -18.29
CA LEU C 55 10.24 -17.48 -18.04
C LEU C 55 10.38 -18.72 -18.91
N THR C 56 11.24 -18.61 -19.92
CA THR C 56 11.49 -19.69 -20.86
C THR C 56 12.98 -20.01 -20.79
N LYS C 57 13.54 -20.60 -21.84
CA LYS C 57 14.95 -20.89 -21.86
C LYS C 57 15.54 -21.03 -23.27
N ARG C 58 16.77 -20.55 -23.40
CA ARG C 58 17.58 -20.70 -24.60
C ARG C 58 18.33 -22.03 -24.58
N GLY C 59 18.38 -22.70 -25.73
CA GLY C 59 19.07 -23.96 -25.87
C GLY C 59 20.58 -23.85 -25.65
N ALA C 60 21.19 -24.98 -25.33
CA ALA C 60 22.63 -25.03 -25.05
C ALA C 60 23.25 -26.38 -25.42
N SER C 61 24.41 -26.32 -26.04
CA SER C 61 25.17 -27.51 -26.42
C SER C 61 26.07 -27.97 -25.27
N ALA C 62 26.53 -27.00 -24.47
CA ALA C 62 27.34 -27.28 -23.27
C ALA C 62 26.48 -27.22 -22.01
N GLY C 63 26.08 -28.38 -21.52
CA GLY C 63 25.47 -28.50 -20.21
C GLY C 63 24.04 -28.00 -20.14
N GLU C 64 23.74 -27.26 -19.07
CA GLU C 64 22.37 -26.91 -18.71
C GLU C 64 21.91 -25.72 -19.54
N PRO C 65 20.59 -25.58 -19.75
CA PRO C 65 20.08 -24.47 -20.55
C PRO C 65 20.11 -23.18 -19.75
N ILE C 66 19.77 -22.09 -20.41
CA ILE C 66 19.89 -20.75 -19.85
C ILE C 66 18.49 -20.17 -19.62
N PRO C 67 18.11 -19.93 -18.37
CA PRO C 67 16.84 -19.23 -18.10
C PRO C 67 16.78 -17.92 -18.87
N MET C 68 15.58 -17.53 -19.29
CA MET C 68 15.44 -16.43 -20.24
C MET C 68 14.08 -15.75 -20.13
N ALA C 69 14.09 -14.44 -20.32
CA ALA C 69 12.85 -13.67 -20.45
C ALA C 69 13.16 -12.44 -21.29
N GLY C 70 12.15 -11.68 -21.66
CA GLY C 70 12.42 -10.47 -22.41
C GLY C 70 11.19 -9.80 -22.97
N ILE C 71 11.39 -8.59 -23.46
CA ILE C 71 10.30 -7.75 -23.96
C ILE C 71 10.72 -7.09 -25.29
N PRO C 72 9.77 -6.80 -26.16
CA PRO C 72 10.08 -6.07 -27.40
C PRO C 72 10.70 -4.69 -27.11
N TYR C 73 11.67 -4.28 -27.92
CA TYR C 73 12.44 -3.07 -27.67
C TYR C 73 11.54 -1.83 -27.67
N HIS C 74 10.47 -1.87 -28.45
CA HIS C 74 9.56 -0.75 -28.58
C HIS C 74 8.58 -0.60 -27.40
N ALA C 75 8.70 -1.47 -26.40
CA ALA C 75 7.82 -1.45 -25.22
C ALA C 75 8.59 -1.24 -23.93
N VAL C 76 9.87 -0.85 -24.01
CA VAL C 76 10.71 -0.69 -22.82
C VAL C 76 10.14 0.23 -21.77
N GLU C 77 9.60 1.38 -22.19
CA GLU C 77 9.23 2.42 -21.24
C GLU C 77 8.20 1.91 -20.23
N ASN C 78 7.26 1.09 -20.68
CA ASN C 78 6.23 0.58 -19.78
C ASN C 78 6.80 -0.31 -18.66
N TYR C 79 7.75 -1.16 -19.02
CA TYR C 79 8.39 -2.08 -18.08
C TYR C 79 9.44 -1.38 -17.21
N LEU C 80 10.12 -0.39 -17.78
CA LEU C 80 11.04 0.44 -17.01
C LEU C 80 10.30 1.13 -15.88
N ALA C 81 9.07 1.55 -16.14
CA ALA C 81 8.24 2.18 -15.11
C ALA C 81 7.93 1.20 -13.99
N LYS C 82 7.42 0.02 -14.37
CA LYS C 82 7.09 -1.05 -13.42
C LYS C 82 8.25 -1.37 -12.48
N LEU C 83 9.47 -1.30 -13.00
CA LEU C 83 10.68 -1.56 -12.23
C LEU C 83 11.03 -0.41 -11.29
N VAL C 84 11.04 0.81 -11.83
CA VAL C 84 11.49 1.98 -11.07
C VAL C 84 10.54 2.32 -9.93
N ASN C 85 9.26 1.98 -10.09
CA ASN C 85 8.25 2.14 -9.04
C ASN C 85 8.52 1.27 -7.81
N GLN C 86 9.21 0.15 -8.04
CA GLN C 86 9.57 -0.80 -7.00
C GLN C 86 10.99 -0.63 -6.47
N GLY C 87 11.75 0.30 -7.06
CA GLY C 87 13.08 0.66 -6.59
C GLY C 87 14.21 -0.08 -7.29
N GLU C 88 13.89 -0.73 -8.41
CA GLU C 88 14.86 -1.51 -9.16
C GLU C 88 15.60 -0.63 -10.12
N SER C 89 16.92 -0.70 -10.11
CA SER C 89 17.75 -0.14 -11.17
C SER C 89 17.79 -1.14 -12.33
N VAL C 90 18.03 -0.64 -13.53
CA VAL C 90 18.14 -1.46 -14.73
C VAL C 90 19.22 -0.89 -15.64
N ALA C 91 20.17 -1.73 -16.01
CA ALA C 91 21.17 -1.37 -17.01
C ALA C 91 20.61 -1.66 -18.39
N ILE C 92 20.65 -0.64 -19.26
CA ILE C 92 20.21 -0.77 -20.65
C ILE C 92 21.44 -0.98 -21.53
N CYS C 93 21.49 -2.13 -22.20
CA CYS C 93 22.56 -2.50 -23.12
C CYS C 93 22.05 -2.43 -24.55
N GLU C 94 22.76 -1.73 -25.41
CA GLU C 94 22.39 -1.63 -26.82
C GLU C 94 23.47 -2.23 -27.69
N GLN C 95 23.10 -2.48 -28.94
CA GLN C 95 24.04 -2.91 -29.96
C GLN C 95 24.59 -1.64 -30.58
N ILE C 96 25.92 -1.57 -30.67
CA ILE C 96 26.61 -0.40 -31.20
C ILE C 96 26.97 -0.60 -32.65
N GLY C 97 27.39 -1.81 -32.99
CA GLY C 97 27.92 -2.11 -34.32
C GLY C 97 26.91 -2.64 -35.32
N ASP C 98 27.37 -2.77 -36.56
CA ASP C 98 26.59 -3.33 -37.66
C ASP C 98 26.73 -4.87 -37.69
N PRO C 99 25.63 -5.60 -37.51
CA PRO C 99 25.66 -7.07 -37.60
C PRO C 99 26.15 -7.63 -38.94
N ALA C 100 25.94 -6.89 -40.02
CA ALA C 100 26.36 -7.30 -41.36
C ALA C 100 27.88 -7.35 -41.53
N THR C 101 28.60 -6.58 -40.71
CA THR C 101 30.07 -6.51 -40.80
C THR C 101 30.76 -7.03 -39.53
N SER C 102 30.04 -7.76 -38.69
CA SER C 102 30.60 -8.37 -37.48
C SER C 102 30.70 -9.88 -37.67
N LYS C 103 31.89 -10.43 -37.50
CA LYS C 103 32.08 -11.86 -37.63
C LYS C 103 31.26 -12.58 -36.55
N GLY C 104 31.54 -12.26 -35.29
CA GLY C 104 30.85 -12.87 -34.17
C GLY C 104 29.67 -12.03 -33.70
N PRO C 105 29.33 -12.17 -32.42
CA PRO C 105 28.43 -11.23 -31.73
C PRO C 105 28.91 -9.78 -31.81
N VAL C 106 27.98 -8.87 -32.07
CA VAL C 106 28.27 -7.46 -32.31
C VAL C 106 28.58 -6.71 -31.02
N GLU C 107 29.44 -5.71 -31.12
CA GLU C 107 29.81 -4.83 -30.00
C GLU C 107 28.56 -4.36 -29.27
N ARG C 108 28.58 -4.46 -27.94
CA ARG C 108 27.46 -4.07 -27.11
C ARG C 108 27.92 -3.24 -25.92
N LYS C 109 27.45 -2.00 -25.84
CA LYS C 109 27.73 -1.15 -24.69
C LYS C 109 26.48 -0.99 -23.83
N VAL C 110 26.68 -0.81 -22.54
CA VAL C 110 25.64 -0.29 -21.67
C VAL C 110 25.66 1.22 -21.88
N VAL C 111 24.54 1.78 -22.33
CA VAL C 111 24.47 3.20 -22.68
C VAL C 111 23.91 4.07 -21.55
N ARG C 112 23.12 3.46 -20.66
CA ARG C 112 22.58 4.15 -19.48
C ARG C 112 22.05 3.15 -18.44
N ILE C 113 21.96 3.62 -17.20
CA ILE C 113 21.35 2.84 -16.14
C ILE C 113 20.19 3.67 -15.56
N VAL C 114 18.99 3.11 -15.64
CA VAL C 114 17.82 3.73 -15.06
C VAL C 114 17.75 3.39 -13.56
N THR C 115 18.01 4.37 -12.71
CA THR C 115 17.86 4.20 -11.26
C THR C 115 16.85 5.21 -10.75
N PRO C 116 16.24 4.94 -9.59
CA PRO C 116 15.09 5.73 -9.14
C PRO C 116 15.39 7.20 -8.91
N GLY C 117 16.63 7.54 -8.56
CA GLY C 117 17.02 8.93 -8.36
C GLY C 117 17.71 9.61 -9.55
N THR C 118 17.81 8.91 -10.68
CA THR C 118 18.39 9.49 -11.89
C THR C 118 17.46 9.49 -13.11
N ILE C 119 16.16 9.38 -12.87
CA ILE C 119 15.20 9.38 -13.97
C ILE C 119 14.83 10.82 -14.35
N SER C 120 14.78 11.08 -15.65
CA SER C 120 14.50 12.41 -16.19
C SER C 120 13.34 12.40 -17.18
N ASP C 121 12.82 11.23 -17.54
CA ASP C 121 11.72 11.10 -18.51
C ASP C 121 10.38 11.43 -17.86
N GLU C 122 9.49 12.05 -18.62
CA GLU C 122 8.23 12.55 -18.08
C GLU C 122 7.30 11.47 -17.53
N ALA C 123 7.30 10.29 -18.14
CA ALA C 123 6.34 9.24 -17.78
C ALA C 123 6.76 8.40 -16.56
N LEU C 124 7.98 8.61 -16.07
CA LEU C 124 8.49 7.85 -14.92
C LEU C 124 8.52 8.70 -13.65
N LEU C 125 8.24 9.99 -13.79
CA LEU C 125 8.27 10.95 -12.68
C LEU C 125 6.86 11.42 -12.32
N GLN C 126 6.74 12.05 -11.15
CA GLN C 126 5.50 12.70 -10.74
C GLN C 126 5.64 14.22 -10.94
N GLU C 127 4.59 14.86 -11.45
CA GLU C 127 4.65 16.26 -11.89
C GLU C 127 5.02 17.27 -10.80
N ARG C 128 4.35 17.18 -9.67
CA ARG C 128 4.47 18.17 -8.59
C ARG C 128 5.34 17.70 -7.42
N GLN C 129 6.09 16.63 -7.62
CA GLN C 129 7.03 16.15 -6.61
C GLN C 129 8.44 16.03 -7.17
N ASP C 130 9.41 16.51 -6.41
CA ASP C 130 10.82 16.36 -6.74
C ASP C 130 11.24 14.90 -6.56
N ASN C 131 12.24 14.49 -7.33
CA ASN C 131 12.82 13.15 -7.24
C ASN C 131 14.33 13.35 -7.20
N LEU C 132 14.90 13.26 -6.00
CA LEU C 132 16.27 13.66 -5.76
C LEU C 132 17.13 12.44 -5.54
N LEU C 133 18.27 12.40 -6.21
CA LEU C 133 19.36 11.54 -5.81
C LEU C 133 20.07 12.23 -4.65
N ALA C 134 20.68 11.43 -3.77
CA ALA C 134 21.41 11.94 -2.61
C ALA C 134 22.61 11.06 -2.31
N ALA C 135 23.55 11.61 -1.55
CA ALA C 135 24.70 10.87 -1.03
C ALA C 135 24.88 11.28 0.41
N ILE C 136 25.07 10.31 1.29
CA ILE C 136 25.35 10.59 2.69
C ILE C 136 26.62 9.87 3.12
N TRP C 137 27.24 10.40 4.17
CA TRP C 137 28.53 9.90 4.61
C TRP C 137 28.83 10.43 6.01
N GLN C 138 29.44 9.60 6.83
CA GLN C 138 29.70 9.95 8.22
C GLN C 138 31.11 9.58 8.61
N ASP C 139 31.74 10.46 9.39
CA ASP C 139 32.94 10.10 10.14
C ASP C 139 32.84 10.60 11.57
N SER C 140 33.85 10.27 12.38
CA SER C 140 33.93 10.67 13.79
C SER C 140 33.06 11.87 14.15
N LYS C 141 33.39 13.02 13.56
CA LYS C 141 32.88 14.31 14.03
C LYS C 141 31.45 14.63 13.54
N GLY C 142 31.17 14.42 12.26
CA GLY C 142 29.85 14.73 11.71
C GLY C 142 29.51 14.05 10.39
N PHE C 143 28.69 14.70 9.59
CA PHE C 143 28.25 14.16 8.30
C PHE C 143 28.56 15.08 7.11
N GLY C 144 28.67 14.46 5.93
CA GLY C 144 28.53 15.15 4.66
C GLY C 144 27.28 14.65 3.93
N TYR C 145 26.69 15.51 3.12
CA TYR C 145 25.42 15.21 2.47
C TYR C 145 25.24 16.05 1.23
N ALA C 146 24.86 15.42 0.12
CA ALA C 146 24.58 16.12 -1.12
C ALA C 146 23.24 15.66 -1.69
N THR C 147 22.60 16.53 -2.47
CA THR C 147 21.44 16.15 -3.26
C THR C 147 21.61 16.65 -4.70
N LEU C 148 21.13 15.85 -5.65
CA LEU C 148 21.00 16.26 -7.05
C LEU C 148 19.58 16.03 -7.55
N ASP C 149 19.05 17.03 -8.23
CA ASP C 149 17.82 16.90 -8.99
C ASP C 149 18.31 16.83 -10.43
N ILE C 150 18.46 15.60 -10.95
CA ILE C 150 19.00 15.35 -12.29
C ILE C 150 18.18 16.02 -13.41
N SER C 151 16.88 16.17 -13.18
CA SER C 151 16.01 16.80 -14.16
C SER C 151 15.90 18.32 -13.96
N SER C 152 16.96 18.94 -13.47
CA SER C 152 17.01 20.40 -13.27
C SER C 152 18.42 20.98 -13.07
N GLY C 153 19.34 20.20 -12.49
CA GLY C 153 20.69 20.65 -12.24
C GLY C 153 20.97 21.17 -10.85
N ARG C 154 19.93 21.38 -10.04
CA ARG C 154 20.07 21.83 -8.65
C ARG C 154 20.92 20.86 -7.82
N PHE C 155 22.17 21.26 -7.58
CA PHE C 155 23.15 20.44 -6.89
C PHE C 155 23.47 21.12 -5.56
N ARG C 156 23.27 20.42 -4.46
CA ARG C 156 23.41 21.01 -3.13
C ARG C 156 24.31 20.18 -2.23
N LEU C 157 24.86 20.85 -1.22
CA LEU C 157 25.85 20.27 -0.33
C LEU C 157 25.59 20.82 1.07
N SER C 158 25.65 19.96 2.08
CA SER C 158 25.56 20.40 3.47
C SER C 158 26.37 19.52 4.42
N GLU C 159 26.62 20.03 5.61
CA GLU C 159 27.43 19.35 6.61
C GLU C 159 26.72 19.34 7.97
N PRO C 160 25.60 18.65 8.05
CA PRO C 160 24.81 18.59 9.29
C PRO C 160 25.64 18.20 10.50
N ALA C 161 25.48 18.93 11.60
CA ALA C 161 26.31 18.74 12.79
C ALA C 161 26.12 17.40 13.52
N ASP C 162 24.87 16.99 13.71
CA ASP C 162 24.56 15.88 14.61
C ASP C 162 23.50 14.93 14.05
N ARG C 163 23.26 13.83 14.74
CA ARG C 163 22.30 12.84 14.32
C ARG C 163 20.93 13.43 13.95
N GLU C 164 20.47 14.41 14.73
CA GLU C 164 19.10 14.89 14.64
C GLU C 164 18.90 15.88 13.48
N THR C 165 19.94 16.66 13.17
CA THR C 165 19.91 17.57 12.03
C THR C 165 20.01 16.79 10.72
N MET C 166 20.85 15.77 10.72
CA MET C 166 20.93 14.83 9.61
C MET C 166 19.64 14.09 9.37
N ALA C 167 18.93 13.75 10.44
CA ALA C 167 17.64 13.09 10.35
C ALA C 167 16.66 14.05 9.73
N ALA C 168 16.68 15.29 10.21
CA ALA C 168 15.78 16.32 9.71
C ALA C 168 16.10 16.75 8.27
N GLU C 169 17.32 16.46 7.80
CA GLU C 169 17.73 16.77 6.43
C GLU C 169 17.26 15.70 5.44
N LEU C 170 17.37 14.44 5.84
CA LEU C 170 16.75 13.33 5.11
C LEU C 170 15.22 13.47 5.02
N GLN C 171 14.60 14.05 6.03
CA GLN C 171 13.15 14.22 6.07
C GLN C 171 12.74 15.28 5.05
N ARG C 172 13.50 16.37 5.03
CA ARG C 172 13.24 17.54 4.20
C ARG C 172 13.52 17.32 2.71
N THR C 173 14.52 16.51 2.39
CA THR C 173 14.94 16.30 1.00
C THR C 173 14.28 15.06 0.42
N ASN C 174 14.06 14.06 1.27
CA ASN C 174 13.29 12.88 0.93
C ASN C 174 13.77 12.25 -0.37
N PRO C 175 15.06 11.91 -0.43
CA PRO C 175 15.64 11.39 -1.67
C PRO C 175 15.01 10.07 -2.11
N ALA C 176 14.96 9.86 -3.42
CA ALA C 176 14.38 8.67 -4.02
C ALA C 176 15.43 7.58 -4.08
N GLU C 177 16.68 7.99 -4.18
CA GLU C 177 17.80 7.07 -4.13
C GLU C 177 18.84 7.66 -3.20
N LEU C 178 19.33 6.87 -2.25
CA LEU C 178 20.34 7.35 -1.29
C LEU C 178 21.63 6.54 -1.31
N LEU C 179 22.70 7.13 -1.83
CA LEU C 179 24.01 6.51 -1.85
C LEU C 179 24.68 6.75 -0.50
N TYR C 180 25.16 5.68 0.15
CA TYR C 180 25.79 5.80 1.46
C TYR C 180 27.06 4.98 1.59
N ALA C 181 28.06 5.53 2.29
CA ALA C 181 29.38 4.91 2.44
C ALA C 181 29.32 3.67 3.33
N GLU C 182 30.11 2.66 3.00
CA GLU C 182 30.05 1.35 3.66
C GLU C 182 30.33 1.38 5.16
N ASP C 183 31.14 2.34 5.63
CA ASP C 183 31.47 2.46 7.05
C ASP C 183 30.50 3.34 7.89
N PHE C 184 29.28 3.52 7.38
CA PHE C 184 28.30 4.38 8.03
C PHE C 184 27.90 3.76 9.37
N ALA C 185 28.14 4.50 10.45
CA ALA C 185 27.89 4.01 11.80
C ALA C 185 26.41 4.09 12.18
N GLU C 186 25.76 5.20 11.86
CA GLU C 186 24.39 5.46 12.32
C GLU C 186 23.37 4.95 11.30
N MET C 187 23.26 3.63 11.19
CA MET C 187 22.34 3.02 10.24
C MET C 187 20.89 3.26 10.59
N SER C 188 20.61 3.71 11.82
CA SER C 188 19.23 3.97 12.24
C SER C 188 18.58 5.15 11.49
N LEU C 189 19.40 6.06 10.96
CA LEU C 189 18.91 7.15 10.11
C LEU C 189 18.51 6.67 8.71
N ILE C 190 19.13 5.58 8.26
CA ILE C 190 19.18 5.19 6.85
C ILE C 190 18.40 3.92 6.52
N GLU C 191 18.33 2.99 7.46
CA GLU C 191 17.62 1.72 7.28
C GLU C 191 16.17 1.92 6.90
N GLY C 192 15.69 1.08 5.98
CA GLY C 192 14.29 1.10 5.61
C GLY C 192 13.88 2.35 4.86
N ARG C 193 14.88 3.03 4.29
CA ARG C 193 14.65 4.11 3.36
C ARG C 193 14.72 3.50 1.97
N ARG C 194 13.98 4.10 1.04
CA ARG C 194 13.84 3.55 -0.31
C ARG C 194 15.08 3.86 -1.14
N GLY C 195 15.25 3.11 -2.22
CA GLY C 195 16.39 3.29 -3.11
C GLY C 195 17.73 3.41 -2.41
N LEU C 196 17.93 2.59 -1.37
CA LEU C 196 19.16 2.63 -0.59
C LEU C 196 20.29 1.90 -1.34
N ARG C 197 21.52 2.45 -1.29
CA ARG C 197 22.59 1.95 -2.13
C ARG C 197 23.98 1.97 -1.46
N ARG C 198 24.39 0.83 -0.91
CA ARG C 198 25.70 0.73 -0.29
C ARG C 198 26.83 0.96 -1.31
N ARG C 199 27.76 1.85 -0.99
CA ARG C 199 28.82 2.24 -1.90
C ARG C 199 30.18 2.08 -1.24
N PRO C 200 31.20 1.70 -2.02
CA PRO C 200 32.57 1.59 -1.48
C PRO C 200 33.03 2.87 -0.83
N LEU C 201 33.94 2.75 0.13
CA LEU C 201 34.52 3.92 0.76
C LEU C 201 35.30 4.81 -0.24
N TRP C 202 36.02 4.24 -1.20
CA TRP C 202 36.85 5.06 -2.10
C TRP C 202 36.06 6.08 -2.92
N GLU C 203 34.77 5.83 -3.14
CA GLU C 203 33.92 6.80 -3.85
C GLU C 203 33.67 8.11 -3.07
N PHE C 204 34.14 8.19 -1.83
CA PHE C 204 34.02 9.38 -0.98
C PHE C 204 35.38 10.00 -0.65
N GLU C 205 36.41 9.71 -1.44
CA GLU C 205 37.73 10.28 -1.17
C GLU C 205 37.77 11.72 -1.66
N ILE C 206 38.31 12.61 -0.82
CA ILE C 206 38.21 14.06 -1.06
C ILE C 206 38.94 14.56 -2.31
N ASP C 207 40.19 14.13 -2.55
CA ASP C 207 40.98 14.57 -3.71
C ASP C 207 40.32 14.24 -5.04
N THR C 208 39.72 13.06 -5.12
CA THR C 208 39.01 12.61 -6.30
C THR C 208 37.73 13.43 -6.57
N ALA C 209 37.02 13.80 -5.51
CA ALA C 209 35.79 14.59 -5.63
C ALA C 209 36.08 16.00 -6.11
N ARG C 210 37.09 16.62 -5.52
CA ARG C 210 37.57 17.93 -5.95
C ARG C 210 37.96 17.92 -7.44
N GLN C 211 38.65 16.88 -7.87
CA GLN C 211 39.06 16.77 -9.27
C GLN C 211 37.83 16.63 -10.17
N GLN C 212 36.94 15.70 -9.84
CA GLN C 212 35.75 15.49 -10.65
C GLN C 212 34.77 16.69 -10.70
N LEU C 213 34.60 17.39 -9.57
CA LEU C 213 33.62 18.48 -9.51
C LEU C 213 34.14 19.71 -10.24
N ASN C 214 35.45 19.95 -10.15
CA ASN C 214 36.10 21.03 -10.87
C ASN C 214 36.07 20.75 -12.38
N LEU C 215 36.21 19.49 -12.75
CA LEU C 215 36.16 19.09 -14.16
C LEU C 215 34.76 19.39 -14.68
N GLN C 216 33.75 18.93 -13.94
CA GLN C 216 32.35 19.12 -14.31
C GLN C 216 31.97 20.59 -14.44
N PHE C 217 32.47 21.42 -13.53
CA PHE C 217 32.13 22.85 -13.51
C PHE C 217 33.04 23.71 -14.38
N GLY C 218 34.12 23.14 -14.90
CA GLY C 218 35.11 23.88 -15.64
C GLY C 218 35.88 24.91 -14.83
N THR C 219 36.05 24.67 -13.54
CA THR C 219 36.83 25.57 -12.68
C THR C 219 38.14 24.93 -12.23
N ARG C 220 39.09 25.79 -11.85
CA ARG C 220 40.36 25.33 -11.26
C ARG C 220 40.12 24.89 -9.82
N ASP C 221 39.40 25.71 -9.06
CA ASP C 221 38.98 25.37 -7.71
C ASP C 221 37.51 25.77 -7.47
N LEU C 222 36.98 25.38 -6.31
CA LEU C 222 35.57 25.62 -6.01
C LEU C 222 35.38 26.81 -5.07
N VAL C 223 36.37 27.71 -5.05
CA VAL C 223 36.26 28.92 -4.23
C VAL C 223 34.97 29.66 -4.57
N GLY C 224 34.78 29.94 -5.85
CA GLY C 224 33.62 30.66 -6.36
C GLY C 224 32.24 30.11 -6.00
N PHE C 225 32.12 28.82 -5.70
CA PHE C 225 30.82 28.20 -5.39
C PHE C 225 30.46 28.19 -3.88
N GLY C 226 31.42 28.57 -3.04
CA GLY C 226 31.25 28.61 -1.61
C GLY C 226 31.46 27.27 -0.90
N VAL C 227 32.14 26.32 -1.54
CA VAL C 227 32.28 24.96 -0.99
C VAL C 227 33.71 24.45 -0.88
N GLU C 228 34.71 25.26 -1.23
CA GLU C 228 36.11 24.84 -1.11
C GLU C 228 36.40 24.47 0.34
N ASN C 229 35.85 25.27 1.25
CA ASN C 229 35.80 25.05 2.71
C ASN C 229 35.30 23.72 3.27
N ALA C 230 34.57 22.94 2.48
CA ALA C 230 33.64 21.94 3.02
C ALA C 230 33.91 20.51 2.54
N PRO C 231 35.04 19.92 2.95
CA PRO C 231 35.37 18.56 2.50
C PRO C 231 34.32 17.50 2.82
N ARG C 232 33.73 17.54 4.02
CA ARG C 232 32.69 16.57 4.43
C ARG C 232 31.59 16.45 3.37
N GLY C 233 31.05 17.59 3.01
CA GLY C 233 30.04 17.67 1.97
C GLY C 233 30.58 17.29 0.61
N LEU C 234 31.73 17.84 0.24
CA LEU C 234 32.38 17.54 -1.04
C LEU C 234 32.53 16.04 -1.30
N CYS C 235 32.88 15.28 -0.27
CA CYS C 235 33.03 13.84 -0.42
C CYS C 235 31.72 13.16 -0.84
N ALA C 236 30.61 13.57 -0.22
CA ALA C 236 29.29 13.08 -0.63
C ALA C 236 29.00 13.55 -2.05
N ALA C 237 29.24 14.82 -2.32
CA ALA C 237 29.03 15.41 -3.64
C ALA C 237 29.84 14.70 -4.73
N GLY C 238 31.01 14.18 -4.37
CA GLY C 238 31.86 13.45 -5.30
C GLY C 238 31.23 12.14 -5.70
N CYS C 239 30.89 11.34 -4.70
CA CYS C 239 30.19 10.07 -4.90
C CYS C 239 28.92 10.25 -5.75
N LEU C 240 28.15 11.28 -5.40
CA LEU C 240 26.92 11.62 -6.10
C LEU C 240 27.14 11.84 -7.59
N LEU C 241 28.11 12.68 -7.92
CA LEU C 241 28.39 13.04 -9.30
C LEU C 241 28.86 11.81 -10.07
N GLN C 242 29.67 10.98 -9.41
CA GLN C 242 30.22 9.81 -10.07
C GLN C 242 29.07 8.86 -10.43
N TYR C 243 28.09 8.75 -9.55
CA TYR C 243 26.92 7.92 -9.80
C TYR C 243 26.11 8.45 -10.97
N ALA C 244 25.91 9.76 -10.99
CA ALA C 244 25.12 10.42 -12.02
C ALA C 244 25.75 10.21 -13.37
N LYS C 245 27.06 10.46 -13.45
CA LYS C 245 27.81 10.27 -14.68
C LYS C 245 27.74 8.84 -15.17
N ASP C 246 27.85 7.89 -14.25
CA ASP C 246 27.80 6.47 -14.56
C ASP C 246 26.43 6.05 -15.10
N THR C 247 25.34 6.58 -14.51
CA THR C 247 23.99 6.20 -14.95
C THR C 247 23.63 6.81 -16.31
N GLN C 248 24.02 8.05 -16.56
CA GLN C 248 23.63 8.73 -17.80
C GLN C 248 24.61 8.41 -18.95
N ARG C 249 25.90 8.41 -18.65
CA ARG C 249 26.96 8.15 -19.63
C ARG C 249 26.95 9.11 -20.83
N THR C 250 26.56 10.35 -20.57
CA THR C 250 26.66 11.46 -21.52
C THR C 250 27.16 12.64 -20.73
N THR C 251 27.51 13.72 -21.39
CA THR C 251 27.84 14.93 -20.66
C THR C 251 26.55 15.45 -20.00
N LEU C 252 26.72 16.17 -18.90
CA LEU C 252 25.62 16.68 -18.09
C LEU C 252 25.76 18.19 -17.96
N PRO C 253 25.58 18.92 -19.06
CA PRO C 253 25.87 20.37 -19.08
C PRO C 253 24.94 21.19 -18.20
N HIS C 254 23.80 20.63 -17.82
CA HIS C 254 22.82 21.29 -16.95
C HIS C 254 23.19 21.27 -15.45
N ILE C 255 24.36 20.72 -15.13
CA ILE C 255 24.90 20.70 -13.78
C ILE C 255 26.15 21.55 -13.84
N ARG C 256 25.95 22.86 -13.72
CA ARG C 256 27.02 23.87 -13.92
C ARG C 256 27.42 24.56 -12.61
N SER C 257 26.89 24.05 -11.50
CA SER C 257 27.04 24.71 -10.22
C SER C 257 26.70 23.79 -9.04
N ILE C 258 27.20 24.18 -7.88
CA ILE C 258 26.86 23.56 -6.60
C ILE C 258 26.81 24.64 -5.51
N THR C 259 25.92 24.46 -4.56
CA THR C 259 25.74 25.42 -3.49
C THR C 259 25.73 24.74 -2.14
N MET C 260 26.45 25.32 -1.20
CA MET C 260 26.41 24.89 0.19
C MET C 260 25.20 25.52 0.90
N GLU C 261 24.56 24.73 1.74
CA GLU C 261 23.44 25.18 2.56
C GLU C 261 23.94 25.23 4.00
N ARG C 262 24.16 26.44 4.51
CA ARG C 262 24.68 26.63 5.85
C ARG C 262 23.55 26.59 6.88
N GLU C 263 23.88 26.15 8.10
CA GLU C 263 22.90 26.03 9.18
C GLU C 263 22.13 27.32 9.41
N GLN C 264 22.86 28.43 9.38
CA GLN C 264 22.38 29.71 9.86
C GLN C 264 21.64 30.49 8.76
N ASP C 265 21.64 29.95 7.54
CA ASP C 265 21.00 30.60 6.40
C ASP C 265 19.53 30.28 6.30
N SER C 266 19.12 29.32 7.11
CA SER C 266 17.73 28.86 7.14
C SER C 266 17.34 28.48 8.56
N ILE C 267 16.03 28.38 8.79
CA ILE C 267 15.50 27.88 10.06
C ILE C 267 15.50 26.36 10.05
N ILE C 268 16.36 25.75 10.85
CA ILE C 268 16.37 24.30 10.97
C ILE C 268 15.14 23.83 11.76
N MET C 269 14.36 22.93 11.17
CA MET C 269 13.26 22.30 11.89
C MET C 269 13.54 20.82 12.10
N ASP C 270 13.47 20.39 13.37
CA ASP C 270 13.68 18.97 13.70
C ASP C 270 12.61 18.13 13.02
N ALA C 271 12.89 16.85 12.86
CA ALA C 271 12.00 15.91 12.17
C ALA C 271 10.57 15.87 12.72
N ALA C 272 10.43 16.08 14.03
CA ALA C 272 9.11 16.09 14.67
C ALA C 272 8.28 17.32 14.29
N THR C 273 8.94 18.46 14.20
CA THR C 273 8.29 19.71 13.81
C THR C 273 7.65 19.55 12.44
N ARG C 274 8.44 19.09 11.47
CA ARG C 274 7.95 18.86 10.12
C ARG C 274 6.69 18.02 10.06
N ARG C 275 6.66 16.94 10.83
CA ARG C 275 5.53 16.02 10.86
C ARG C 275 4.32 16.62 11.56
N ASN C 276 4.57 17.24 12.70
CA ASN C 276 3.54 17.81 13.53
C ASN C 276 2.92 19.08 12.93
N LEU C 277 3.68 19.77 12.09
CA LEU C 277 3.20 20.96 11.39
C LEU C 277 2.55 20.61 10.05
N GLU C 278 2.73 19.37 9.60
CA GLU C 278 2.03 18.81 8.44
C GLU C 278 2.21 19.71 7.22
N ILE C 279 3.46 19.97 6.87
CA ILE C 279 3.80 20.92 5.82
C ILE C 279 3.43 20.41 4.42
N THR C 280 3.92 19.24 4.01
CA THR C 280 3.47 18.60 2.77
C THR C 280 2.83 17.22 2.97
N GLN C 281 2.88 16.72 4.20
CA GLN C 281 2.44 15.37 4.52
C GLN C 281 1.68 15.41 5.85
N ASN C 282 0.43 14.96 5.85
CA ASN C 282 -0.32 14.89 7.10
C ASN C 282 0.19 13.69 7.90
N LEU C 283 -0.41 13.44 9.06
CA LEU C 283 0.13 12.44 9.98
C LEU C 283 -0.25 11.03 9.53
N ALA C 284 -1.31 10.92 8.74
CA ALA C 284 -1.73 9.63 8.16
C ALA C 284 -0.95 9.26 6.90
N GLY C 285 -0.03 10.11 6.45
CA GLY C 285 0.80 9.83 5.29
C GLY C 285 0.40 10.56 4.02
N GLY C 286 -0.89 10.86 3.86
CA GLY C 286 -1.40 11.47 2.64
C GLY C 286 -1.07 12.93 2.47
N ALA C 287 -1.55 13.55 1.39
CA ALA C 287 -1.25 14.95 1.07
C ALA C 287 -2.41 15.91 1.36
N GLU C 288 -3.53 15.38 1.82
CA GLU C 288 -4.70 16.20 2.14
C GLU C 288 -4.50 16.97 3.45
N ASN C 289 -5.10 18.15 3.54
CA ASN C 289 -5.13 18.95 4.77
C ASN C 289 -3.72 19.26 5.33
N THR C 290 -2.79 19.52 4.43
CA THR C 290 -1.46 19.98 4.80
C THR C 290 -1.43 21.49 4.64
N LEU C 291 -0.30 22.10 4.98
CA LEU C 291 -0.08 23.52 4.76
C LEU C 291 -0.07 23.78 3.27
N ALA C 292 0.60 22.88 2.55
CA ALA C 292 0.79 22.98 1.10
C ALA C 292 -0.52 22.79 0.34
N SER C 293 -1.43 21.99 0.86
CA SER C 293 -2.73 21.80 0.21
C SER C 293 -3.50 23.11 0.13
N VAL C 294 -3.37 23.91 1.19
CA VAL C 294 -4.03 25.22 1.28
C VAL C 294 -3.28 26.33 0.52
N LEU C 295 -1.94 26.36 0.63
CA LEU C 295 -1.15 27.45 0.03
C LEU C 295 -0.78 27.23 -1.43
N ASP C 296 -0.92 26.01 -1.94
CA ASP C 296 -0.38 25.67 -3.25
C ASP C 296 -1.44 25.62 -4.35
N CYS C 297 -1.67 26.77 -4.98
CA CYS C 297 -2.46 26.88 -6.19
C CYS C 297 -1.62 27.48 -7.29
N THR C 298 -0.37 27.02 -7.36
CA THR C 298 0.51 27.32 -8.47
C THR C 298 -0.12 26.75 -9.74
N VAL C 299 0.21 27.33 -10.87
CA VAL C 299 -0.38 26.95 -12.15
C VAL C 299 0.55 26.12 -13.04
N THR C 300 1.81 25.93 -12.64
CA THR C 300 2.71 25.02 -13.35
C THR C 300 3.38 24.04 -12.38
N PRO C 301 3.77 22.87 -12.88
CA PRO C 301 4.43 21.87 -12.03
C PRO C 301 5.69 22.37 -11.35
N MET C 302 6.56 23.10 -12.05
CA MET C 302 7.83 23.54 -11.50
C MET C 302 7.62 24.56 -10.38
N GLY C 303 6.56 25.34 -10.49
CA GLY C 303 6.21 26.30 -9.45
C GLY C 303 5.80 25.60 -8.16
N SER C 304 4.95 24.58 -8.28
CA SER C 304 4.51 23.81 -7.13
C SER C 304 5.71 23.20 -6.39
N ARG C 305 6.59 22.53 -7.11
CA ARG C 305 7.79 21.96 -6.51
C ARG C 305 8.62 23.02 -5.78
N MET C 306 8.75 24.21 -6.37
CA MET C 306 9.48 25.32 -5.77
C MET C 306 8.83 25.83 -4.49
N LEU C 307 7.51 25.94 -4.47
CA LEU C 307 6.80 26.41 -3.28
C LEU C 307 7.04 25.48 -2.12
N LYS C 308 6.98 24.18 -2.38
CA LYS C 308 7.16 23.17 -1.33
C LYS C 308 8.59 23.18 -0.80
N ARG C 309 9.56 23.49 -1.65
CA ARG C 309 10.95 23.60 -1.22
C ARG C 309 11.08 24.76 -0.23
N TRP C 310 10.39 25.85 -0.52
CA TRP C 310 10.44 27.05 0.31
C TRP C 310 9.77 26.78 1.66
N LEU C 311 8.58 26.21 1.64
CA LEU C 311 7.90 25.88 2.90
C LEU C 311 8.80 25.00 3.77
N HIS C 312 9.53 24.09 3.14
CA HIS C 312 10.41 23.15 3.87
C HIS C 312 11.76 23.75 4.26
N MET C 313 12.08 24.95 3.78
CA MET C 313 13.37 25.58 4.04
C MET C 313 13.24 27.11 4.11
N PRO C 314 12.70 27.62 5.22
CA PRO C 314 12.57 29.07 5.40
C PRO C 314 13.94 29.73 5.50
N VAL C 315 14.07 30.90 4.88
CA VAL C 315 15.34 31.60 4.82
C VAL C 315 15.43 32.69 5.88
N ARG C 316 16.65 33.01 6.27
CA ARG C 316 16.92 33.99 7.32
C ARG C 316 17.47 35.33 6.81
N ASP C 317 17.76 35.43 5.51
CA ASP C 317 18.25 36.68 4.91
C ASP C 317 17.13 37.73 4.86
N THR C 318 17.28 38.78 5.66
CA THR C 318 16.24 39.81 5.79
C THR C 318 15.89 40.44 4.45
N ARG C 319 16.91 40.65 3.62
CA ARG C 319 16.76 41.27 2.31
C ARG C 319 15.89 40.43 1.37
N VAL C 320 16.13 39.12 1.32
CA VAL C 320 15.41 38.22 0.41
C VAL C 320 13.92 38.13 0.79
N LEU C 321 13.65 38.16 2.09
CA LEU C 321 12.29 38.08 2.60
C LEU C 321 11.53 39.37 2.31
N LEU C 322 12.22 40.51 2.39
CA LEU C 322 11.59 41.78 2.07
C LEU C 322 11.23 41.84 0.59
N GLU C 323 12.15 41.42 -0.28
CA GLU C 323 11.90 41.42 -1.72
C GLU C 323 10.74 40.54 -2.11
N ARG C 324 10.66 39.36 -1.51
CA ARG C 324 9.57 38.42 -1.76
C ARG C 324 8.22 39.03 -1.36
N GLN C 325 8.20 39.72 -0.22
CA GLN C 325 6.98 40.37 0.31
C GLN C 325 6.48 41.47 -0.61
N GLN C 326 7.42 42.26 -1.14
CA GLN C 326 7.11 43.40 -2.00
C GLN C 326 6.50 42.89 -3.30
N THR C 327 7.08 41.81 -3.81
CA THR C 327 6.60 41.16 -5.03
C THR C 327 5.16 40.71 -4.83
N ILE C 328 4.89 40.09 -3.68
CA ILE C 328 3.55 39.61 -3.33
C ILE C 328 2.56 40.78 -3.30
N GLY C 329 2.97 41.90 -2.73
CA GLY C 329 2.12 43.07 -2.59
C GLY C 329 1.89 43.79 -3.90
N ALA C 330 2.93 43.85 -4.73
CA ALA C 330 2.93 44.60 -5.97
C ALA C 330 2.09 43.89 -7.04
N LEU C 331 2.09 42.56 -7.01
CA LEU C 331 1.46 41.72 -8.02
C LEU C 331 0.04 41.28 -7.66
N GLN C 332 -0.48 41.72 -6.51
CA GLN C 332 -1.75 41.20 -6.01
C GLN C 332 -2.93 41.48 -6.95
N ASP C 333 -2.92 42.65 -7.60
CA ASP C 333 -3.99 43.05 -8.51
C ASP C 333 -3.92 42.37 -9.88
N PHE C 334 -2.74 41.88 -10.24
CA PHE C 334 -2.49 41.30 -11.57
C PHE C 334 -2.42 39.77 -11.53
N THR C 335 -3.11 39.20 -10.55
CA THR C 335 -3.14 37.76 -10.35
C THR C 335 -3.93 37.05 -11.46
N ALA C 336 -5.14 37.51 -11.74
CA ALA C 336 -6.04 36.82 -12.67
C ALA C 336 -5.59 36.87 -14.12
N GLY C 337 -4.77 37.87 -14.45
CA GLY C 337 -4.24 38.03 -15.79
C GLY C 337 -2.95 37.25 -16.00
N LEU C 338 -2.11 37.22 -14.97
CA LEU C 338 -0.80 36.56 -15.07
C LEU C 338 -0.89 35.04 -15.05
N GLN C 339 -1.91 34.49 -14.37
CA GLN C 339 -1.91 33.06 -14.04
C GLN C 339 -2.23 32.11 -15.22
N PRO C 340 -3.25 32.40 -16.03
CA PRO C 340 -3.50 31.61 -17.25
C PRO C 340 -2.37 31.69 -18.29
N VAL C 341 -1.54 32.74 -18.25
CA VAL C 341 -0.41 32.83 -19.17
C VAL C 341 0.77 32.02 -18.64
N LEU C 342 1.00 32.07 -17.33
CA LEU C 342 2.04 31.24 -16.70
C LEU C 342 1.74 29.76 -16.84
N ARG C 343 0.46 29.40 -16.79
CA ARG C 343 0.04 28.01 -16.91
C ARG C 343 0.52 27.41 -18.23
N GLN C 344 0.53 28.24 -19.28
CA GLN C 344 0.92 27.81 -20.62
C GLN C 344 2.45 27.62 -20.78
N VAL C 345 3.23 28.19 -19.87
CA VAL C 345 4.68 27.97 -19.87
C VAL C 345 5.01 26.51 -19.52
N GLY C 346 4.16 25.90 -18.70
CA GLY C 346 4.31 24.50 -18.35
C GLY C 346 5.50 24.21 -17.46
N ASP C 347 5.96 22.97 -17.51
CA ASP C 347 7.14 22.56 -16.78
C ASP C 347 8.35 22.69 -17.70
N LEU C 348 8.68 23.93 -18.04
CA LEU C 348 9.82 24.21 -18.89
C LEU C 348 11.13 23.69 -18.29
N GLU C 349 11.20 23.67 -16.96
CA GLU C 349 12.40 23.24 -16.25
C GLU C 349 12.82 21.81 -16.60
N ARG C 350 11.85 20.91 -16.63
CA ARG C 350 12.13 19.49 -16.84
C ARG C 350 12.38 19.18 -18.31
N ILE C 351 11.70 19.92 -19.20
CA ILE C 351 11.97 19.86 -20.64
C ILE C 351 13.41 20.26 -20.98
N LEU C 352 13.98 21.17 -20.19
CA LEU C 352 15.32 21.68 -20.45
C LEU C 352 16.36 20.67 -19.95
N ALA C 353 15.96 19.86 -18.99
CA ALA C 353 16.83 18.78 -18.51
C ALA C 353 16.99 17.73 -19.60
N ARG C 354 15.86 17.35 -20.18
CA ARG C 354 15.86 16.42 -21.30
C ARG C 354 16.59 17.01 -22.50
N LEU C 355 16.51 18.32 -22.69
CA LEU C 355 17.27 18.98 -23.75
C LEU C 355 18.77 18.79 -23.52
N ALA C 356 19.19 18.94 -22.27
CA ALA C 356 20.60 18.83 -21.88
C ALA C 356 21.14 17.40 -21.98
N LEU C 357 20.28 16.43 -21.73
CA LEU C 357 20.64 15.02 -21.82
C LEU C 357 20.44 14.48 -23.25
N ARG C 358 19.98 15.33 -24.16
CA ARG C 358 19.62 14.96 -25.55
C ARG C 358 18.53 13.90 -25.69
N THR C 359 17.67 13.77 -24.68
CA THR C 359 16.56 12.83 -24.73
C THR C 359 15.22 13.51 -24.97
N ALA C 360 15.24 14.80 -25.29
CA ALA C 360 14.02 15.58 -25.51
C ALA C 360 13.26 15.11 -26.75
N ARG C 361 12.00 14.74 -26.54
CA ARG C 361 11.10 14.27 -27.59
C ARG C 361 10.43 15.42 -28.35
N PRO C 362 9.85 15.15 -29.51
CA PRO C 362 9.18 16.20 -30.30
C PRO C 362 8.09 16.99 -29.57
N ARG C 363 7.34 16.40 -28.65
CA ARG C 363 6.35 17.16 -27.89
C ARG C 363 6.97 17.98 -26.73
N ASP C 364 8.21 17.64 -26.37
CA ASP C 364 8.98 18.47 -25.45
C ASP C 364 9.34 19.78 -26.12
N LEU C 365 9.84 19.73 -27.35
CA LEU C 365 10.23 20.95 -28.06
C LEU C 365 9.03 21.77 -28.49
N ALA C 366 7.90 21.12 -28.71
CA ALA C 366 6.65 21.82 -29.01
C ALA C 366 6.16 22.64 -27.83
N ARG C 367 6.27 22.10 -26.61
CA ARG C 367 5.84 22.81 -25.41
C ARG C 367 6.85 23.86 -24.96
N MET C 368 8.12 23.67 -25.33
CA MET C 368 9.16 24.68 -25.12
C MET C 368 8.90 25.89 -26.02
N ARG C 369 8.42 25.61 -27.23
CA ARG C 369 8.08 26.64 -28.22
C ARG C 369 6.81 27.37 -27.81
N HIS C 370 5.86 26.63 -27.22
CA HIS C 370 4.63 27.19 -26.66
C HIS C 370 4.93 28.10 -25.48
N ALA C 371 5.97 27.78 -24.71
CA ALA C 371 6.38 28.58 -23.56
C ALA C 371 6.97 29.91 -24.02
N PHE C 372 7.81 29.86 -25.06
CA PHE C 372 8.40 31.06 -25.65
C PHE C 372 7.31 32.02 -26.17
N GLN C 373 6.19 31.45 -26.63
CA GLN C 373 5.09 32.24 -27.20
C GLN C 373 4.30 32.99 -26.11
N GLN C 374 4.54 32.66 -24.85
CA GLN C 374 3.89 33.32 -23.73
C GLN C 374 4.70 34.47 -23.15
N LEU C 375 5.99 34.52 -23.51
CA LEU C 375 6.93 35.48 -22.90
C LEU C 375 6.62 36.96 -23.18
N PRO C 376 6.29 37.33 -24.41
CA PRO C 376 5.94 38.74 -24.71
C PRO C 376 4.67 39.22 -24.00
N GLU C 377 3.68 38.34 -23.86
CA GLU C 377 2.47 38.66 -23.10
C GLU C 377 2.78 38.90 -21.61
N LEU C 378 3.73 38.13 -21.08
CA LEU C 378 4.13 38.26 -19.68
C LEU C 378 5.02 39.48 -19.44
N ARG C 379 5.82 39.85 -20.45
CA ARG C 379 6.67 41.03 -20.37
C ARG C 379 5.83 42.29 -20.38
N ALA C 380 4.77 42.29 -21.20
CA ALA C 380 3.85 43.41 -21.28
C ALA C 380 3.11 43.59 -19.97
N GLN C 381 2.69 42.48 -19.37
CA GLN C 381 1.90 42.53 -18.16
C GLN C 381 2.74 42.95 -16.95
N LEU C 382 4.02 42.57 -16.94
CA LEU C 382 4.92 42.86 -15.81
C LEU C 382 5.61 44.22 -15.94
N GLU C 383 5.51 44.84 -17.11
CA GLU C 383 6.11 46.16 -17.35
C GLU C 383 5.51 47.24 -16.46
N THR C 384 4.17 47.22 -16.35
CA THR C 384 3.42 48.24 -15.60
C THR C 384 3.72 48.20 -14.11
N VAL C 385 4.06 47.01 -13.61
CA VAL C 385 4.23 46.77 -12.18
C VAL C 385 5.54 47.40 -11.67
N ASP C 386 5.43 48.52 -10.96
CA ASP C 386 6.60 49.20 -10.41
C ASP C 386 7.06 48.50 -9.13
N SER C 387 7.95 47.53 -9.31
CA SER C 387 8.57 46.78 -8.22
C SER C 387 9.91 46.27 -8.76
N ALA C 388 11.00 46.63 -8.09
CA ALA C 388 12.33 46.31 -8.62
C ALA C 388 12.57 44.80 -8.74
N PRO C 389 12.20 44.03 -7.71
CA PRO C 389 12.25 42.56 -7.82
C PRO C 389 11.35 41.97 -8.94
N VAL C 390 10.19 42.57 -9.19
CA VAL C 390 9.34 42.13 -10.29
C VAL C 390 10.00 42.38 -11.66
N GLN C 391 10.73 43.49 -11.80
CA GLN C 391 11.40 43.82 -13.06
C GLN C 391 12.70 43.02 -13.25
N ALA C 392 13.29 42.56 -12.14
CA ALA C 392 14.48 41.71 -12.18
C ALA C 392 14.11 40.32 -12.66
N LEU C 393 12.92 39.85 -12.28
CA LEU C 393 12.41 38.55 -12.71
C LEU C 393 11.93 38.61 -14.16
N ARG C 394 11.42 39.75 -14.57
CA ARG C 394 11.01 40.00 -15.95
C ARG C 394 12.22 39.94 -16.88
N GLU C 395 13.36 40.43 -16.40
CA GLU C 395 14.61 40.37 -17.15
C GLU C 395 15.19 38.95 -17.18
N LYS C 396 15.02 38.21 -16.08
CA LYS C 396 15.62 36.89 -15.95
C LYS C 396 14.93 35.85 -16.83
N MET C 397 13.65 36.06 -17.10
CA MET C 397 12.86 35.13 -17.92
C MET C 397 13.13 35.29 -19.41
N GLY C 398 13.80 36.37 -19.79
CA GLY C 398 14.22 36.56 -21.17
C GLY C 398 13.02 36.66 -22.10
N GLU C 399 13.29 36.43 -23.38
CA GLU C 399 12.26 36.41 -24.43
C GLU C 399 12.52 35.32 -25.45
N PHE C 400 13.78 35.18 -25.87
CA PHE C 400 14.20 34.14 -26.81
C PHE C 400 13.40 34.25 -28.10
N ALA C 401 13.56 35.35 -28.80
CA ALA C 401 12.84 35.57 -30.06
C ALA C 401 13.36 34.62 -31.12
N GLU C 402 14.69 34.50 -31.21
CA GLU C 402 15.33 33.72 -32.27
C GLU C 402 15.11 32.23 -32.17
N LEU C 403 14.90 31.72 -30.96
CA LEU C 403 14.66 30.28 -30.76
C LEU C 403 13.19 29.91 -30.93
N ARG C 404 12.29 30.81 -30.55
CA ARG C 404 10.85 30.64 -30.78
C ARG C 404 10.57 30.52 -32.26
N ASP C 405 11.35 31.26 -33.05
CA ASP C 405 11.23 31.27 -34.50
C ASP C 405 11.84 29.99 -35.08
N LEU C 406 12.93 29.53 -34.49
CA LEU C 406 13.61 28.33 -34.96
C LEU C 406 12.71 27.11 -34.82
N LEU C 407 12.01 27.01 -33.69
CA LEU C 407 11.14 25.86 -33.44
C LEU C 407 9.84 25.94 -34.22
N GLU C 408 9.41 27.15 -34.57
CA GLU C 408 8.18 27.34 -35.36
C GLU C 408 8.37 26.94 -36.83
N ARG C 409 9.58 27.13 -37.33
CA ARG C 409 9.94 26.80 -38.72
C ARG C 409 10.43 25.36 -38.87
N ALA C 410 10.76 24.71 -37.76
CA ALA C 410 11.38 23.39 -37.79
C ALA C 410 10.44 22.25 -37.39
N ILE C 411 9.45 22.50 -36.56
CA ILE C 411 8.55 21.43 -36.10
C ILE C 411 7.09 21.67 -36.48
N ILE C 412 6.37 20.58 -36.78
CA ILE C 412 4.92 20.59 -37.02
C ILE C 412 4.19 21.21 -35.82
N ASP C 413 2.97 21.69 -36.07
CA ASP C 413 2.14 22.25 -35.00
C ASP C 413 1.96 21.24 -33.88
N THR C 414 1.53 20.03 -34.22
CA THR C 414 1.32 18.97 -33.23
C THR C 414 2.01 17.67 -33.67
N PRO C 415 3.27 17.52 -33.31
CA PRO C 415 4.09 16.39 -33.80
C PRO C 415 3.80 15.09 -33.04
N PRO C 416 4.37 13.97 -33.50
CA PRO C 416 4.15 12.69 -32.81
C PRO C 416 4.92 12.62 -31.49
N VAL C 417 4.70 11.54 -30.74
CA VAL C 417 5.37 11.35 -29.45
C VAL C 417 6.86 11.08 -29.64
N LEU C 418 7.23 10.42 -30.73
CA LEU C 418 8.62 10.06 -30.97
C LEU C 418 9.07 10.51 -32.36
N VAL C 419 10.39 10.55 -32.55
CA VAL C 419 11.01 10.93 -33.82
C VAL C 419 11.38 9.71 -34.70
N ARG C 420 11.36 8.52 -34.11
CA ARG C 420 11.69 7.27 -34.80
C ARG C 420 10.95 7.05 -36.12
N ASP C 421 9.65 7.38 -36.14
CA ASP C 421 8.81 7.17 -37.32
C ASP C 421 8.79 8.34 -38.30
N GLY C 422 9.36 9.48 -37.89
CA GLY C 422 9.33 10.67 -38.72
C GLY C 422 8.02 11.44 -38.57
N GLY C 423 7.83 12.45 -39.41
CA GLY C 423 6.67 13.32 -39.31
C GLY C 423 6.82 14.40 -38.25
N VAL C 424 8.06 14.70 -37.88
CA VAL C 424 8.35 15.73 -36.88
C VAL C 424 8.75 17.04 -37.53
N ILE C 425 9.71 16.97 -38.46
CA ILE C 425 10.25 18.17 -39.11
C ILE C 425 9.30 18.67 -40.21
N ALA C 426 9.10 19.99 -40.27
CA ALA C 426 8.08 20.57 -41.16
C ALA C 426 8.63 20.92 -42.52
N SER C 427 7.70 21.17 -43.44
CA SER C 427 8.04 21.55 -44.80
C SER C 427 8.68 22.93 -44.80
N GLY C 428 9.78 23.06 -45.54
CA GLY C 428 10.46 24.34 -45.73
C GLY C 428 11.73 24.47 -44.92
N TYR C 429 11.85 23.69 -43.85
CA TYR C 429 13.02 23.79 -42.98
C TYR C 429 14.31 23.27 -43.65
N ASN C 430 14.17 22.20 -44.43
CA ASN C 430 15.28 21.62 -45.17
C ASN C 430 14.85 21.24 -46.59
N GLU C 431 15.54 21.80 -47.59
CA GLU C 431 15.19 21.59 -49.01
C GLU C 431 15.34 20.13 -49.43
N GLU C 432 16.38 19.47 -48.92
CA GLU C 432 16.64 18.07 -49.24
C GLU C 432 15.55 17.14 -48.71
N LEU C 433 14.98 17.46 -47.55
CA LEU C 433 13.92 16.64 -46.97
C LEU C 433 12.63 16.67 -47.79
N ASP C 434 12.34 17.82 -48.39
CA ASP C 434 11.15 17.98 -49.21
C ASP C 434 11.22 17.24 -50.55
N GLU C 435 12.41 17.15 -51.15
CA GLU C 435 12.57 16.38 -52.39
C GLU C 435 12.73 14.87 -52.14
N TRP C 436 12.99 14.50 -50.89
CA TRP C 436 12.98 13.09 -50.47
C TRP C 436 11.56 12.66 -50.06
N ARG C 437 10.69 13.65 -49.84
CA ARG C 437 9.28 13.42 -49.51
C ARG C 437 8.43 13.19 -50.78
N ALA C 438 9.03 13.37 -51.96
CA ALA C 438 8.39 12.99 -53.24
C ALA C 438 8.16 11.47 -53.25
N LEU C 439 7.03 11.06 -52.68
CA LEU C 439 6.84 9.70 -52.19
C LEU C 439 5.53 9.60 -51.41
N ALA C 440 5.33 10.50 -50.43
CA ALA C 440 4.12 10.56 -49.60
C ALA C 440 2.89 10.94 -50.43
N ASP C 441 3.07 11.83 -51.41
CA ASP C 441 2.05 12.11 -52.43
C ASP C 441 2.46 11.56 -53.80
N GLY C 442 3.59 10.85 -53.85
CA GLY C 442 3.92 10.01 -55.00
C GLY C 442 3.19 8.66 -54.92
N ALA C 443 2.69 8.32 -53.72
CA ALA C 443 1.98 7.07 -53.47
C ALA C 443 0.48 7.31 -53.38
N THR C 444 -0.30 6.41 -53.97
CA THR C 444 -1.76 6.55 -54.17
C THR C 444 -2.13 7.53 -55.30
N ASP C 445 -1.21 8.46 -55.60
CA ASP C 445 -1.17 9.12 -56.90
C ASP C 445 -0.85 8.05 -57.94
N TYR C 446 0.28 7.37 -57.75
CA TYR C 446 0.80 6.40 -58.72
C TYR C 446 0.13 5.04 -58.63
N LEU C 447 -0.10 4.58 -57.40
CA LEU C 447 -0.63 3.24 -57.15
C LEU C 447 -2.09 3.11 -57.57
N GLU C 448 -2.87 4.19 -57.45
CA GLU C 448 -4.26 4.18 -57.91
C GLU C 448 -4.33 4.20 -59.43
N ARG C 449 -3.38 4.91 -60.05
CA ARG C 449 -3.29 4.95 -61.51
C ARG C 449 -2.86 3.60 -62.09
N LEU C 450 -2.01 2.89 -61.36
CA LEU C 450 -1.56 1.55 -61.74
C LEU C 450 -2.66 0.54 -61.55
N GLU C 451 -3.52 0.79 -60.55
CA GLU C 451 -4.61 -0.10 -60.25
C GLU C 451 -5.63 -0.07 -61.37
N VAL C 452 -6.18 1.11 -61.62
CA VAL C 452 -7.21 1.28 -62.65
C VAL C 452 -6.70 0.89 -64.05
N ARG C 453 -5.47 1.29 -64.35
CA ARG C 453 -4.84 0.99 -65.63
C ARG C 453 -4.75 -0.50 -65.90
N GLU C 454 -4.36 -1.26 -64.88
CA GLU C 454 -4.19 -2.71 -65.02
C GLU C 454 -5.50 -3.43 -64.82
N ARG C 455 -6.43 -2.82 -64.09
CA ARG C 455 -7.75 -3.39 -63.93
C ARG C 455 -8.48 -3.36 -65.29
N GLU C 456 -8.29 -2.28 -66.04
CA GLU C 456 -8.97 -2.08 -67.32
C GLU C 456 -8.31 -2.89 -68.44
N ARG C 457 -6.98 -2.81 -68.51
CA ARG C 457 -6.19 -3.51 -69.52
C ARG C 457 -6.42 -5.01 -69.47
N THR C 458 -6.59 -5.52 -68.26
CA THR C 458 -6.67 -6.94 -67.99
C THR C 458 -8.13 -7.45 -68.02
N GLY C 459 -9.07 -6.56 -67.75
CA GLY C 459 -10.48 -6.92 -67.70
C GLY C 459 -10.91 -7.71 -66.47
N LEU C 460 -10.05 -7.75 -65.45
CA LEU C 460 -10.32 -8.51 -64.23
C LEU C 460 -10.73 -7.58 -63.09
N ASP C 461 -12.03 -7.51 -62.81
CA ASP C 461 -12.59 -6.47 -61.92
C ASP C 461 -12.17 -6.54 -60.43
N THR C 462 -11.68 -7.69 -59.97
CA THR C 462 -11.23 -7.84 -58.58
C THR C 462 -9.84 -7.26 -58.34
N LEU C 463 -9.11 -6.93 -59.41
CA LEU C 463 -7.73 -6.45 -59.30
C LEU C 463 -7.60 -5.18 -58.44
N LYS C 464 -6.76 -5.25 -57.42
CA LYS C 464 -6.38 -4.07 -56.62
C LYS C 464 -4.87 -4.07 -56.39
N VAL C 465 -4.34 -2.93 -55.98
CA VAL C 465 -2.91 -2.78 -55.75
C VAL C 465 -2.67 -2.39 -54.30
N GLY C 466 -1.90 -3.22 -53.58
CA GLY C 466 -1.65 -2.98 -52.17
C GLY C 466 -0.22 -3.17 -51.71
N PHE C 467 0.01 -2.83 -50.45
CA PHE C 467 1.30 -3.03 -49.80
C PHE C 467 1.14 -3.96 -48.60
N ASN C 468 2.22 -4.69 -48.32
CA ASN C 468 2.32 -5.57 -47.17
C ASN C 468 3.76 -5.53 -46.66
N ALA C 469 3.95 -5.35 -45.35
CA ALA C 469 5.30 -5.18 -44.79
C ALA C 469 6.26 -6.32 -45.15
N VAL C 470 5.74 -7.54 -45.17
CA VAL C 470 6.56 -8.74 -45.31
C VAL C 470 6.94 -9.05 -46.76
N HIS C 471 5.99 -8.92 -47.68
CA HIS C 471 6.19 -9.30 -49.08
C HIS C 471 6.37 -8.14 -50.04
N GLY C 472 6.02 -6.93 -49.60
CA GLY C 472 6.12 -5.73 -50.42
C GLY C 472 4.86 -5.41 -51.19
N TYR C 473 4.98 -4.51 -52.17
CA TYR C 473 3.89 -4.14 -53.06
C TYR C 473 3.44 -5.29 -53.95
N TYR C 474 2.16 -5.30 -54.30
CA TYR C 474 1.58 -6.38 -55.08
C TYR C 474 0.39 -5.96 -55.92
N ILE C 475 0.08 -6.78 -56.92
CA ILE C 475 -1.15 -6.71 -57.68
C ILE C 475 -1.93 -7.95 -57.27
N GLN C 476 -3.07 -7.74 -56.62
CA GLN C 476 -3.92 -8.84 -56.16
C GLN C 476 -5.06 -9.07 -57.13
N ILE C 477 -5.28 -10.34 -57.48
CA ILE C 477 -6.45 -10.78 -58.22
C ILE C 477 -7.12 -11.87 -57.37
N SER C 478 -8.43 -12.05 -57.51
CA SER C 478 -9.13 -13.10 -56.76
C SER C 478 -8.72 -14.49 -57.28
N ARG C 479 -8.88 -15.52 -56.45
CA ARG C 479 -8.56 -16.89 -56.84
C ARG C 479 -9.34 -17.30 -58.10
N GLY C 480 -10.65 -17.02 -58.10
CA GLY C 480 -11.53 -17.33 -59.22
C GLY C 480 -11.24 -16.60 -60.53
N GLN C 481 -10.52 -15.48 -60.46
CA GLN C 481 -10.03 -14.77 -61.65
C GLN C 481 -8.53 -14.94 -61.90
N SER C 482 -7.81 -15.62 -61.00
CA SER C 482 -6.33 -15.67 -61.06
C SER C 482 -5.77 -16.50 -62.21
N HIS C 483 -6.57 -17.46 -62.69
CA HIS C 483 -6.17 -18.26 -63.86
C HIS C 483 -6.24 -17.46 -65.18
N LEU C 484 -6.72 -16.22 -65.12
CA LEU C 484 -6.84 -15.34 -66.28
C LEU C 484 -5.76 -14.25 -66.33
N ALA C 485 -4.90 -14.23 -65.31
CA ALA C 485 -3.93 -13.14 -65.15
C ALA C 485 -2.83 -13.27 -66.20
N PRO C 486 -2.19 -12.17 -66.58
CA PRO C 486 -1.09 -12.26 -67.54
C PRO C 486 0.01 -13.20 -67.05
N ILE C 487 0.74 -13.77 -68.01
CA ILE C 487 1.83 -14.67 -67.70
C ILE C 487 3.08 -13.85 -67.38
N ASN C 488 3.05 -12.58 -67.79
CA ASN C 488 3.99 -11.54 -67.35
C ASN C 488 4.02 -11.31 -65.83
N TYR C 489 2.86 -11.49 -65.18
CA TYR C 489 2.72 -11.30 -63.74
C TYR C 489 3.52 -12.33 -62.96
N MET C 490 4.63 -11.92 -62.35
CA MET C 490 5.46 -12.83 -61.54
C MET C 490 4.78 -13.06 -60.21
N ARG C 491 4.68 -14.31 -59.78
CA ARG C 491 3.92 -14.67 -58.58
C ARG C 491 4.70 -14.38 -57.28
N ARG C 492 4.11 -13.56 -56.40
CA ARG C 492 4.76 -13.06 -55.18
C ARG C 492 4.22 -13.67 -53.88
N GLN C 493 2.90 -13.69 -53.72
CA GLN C 493 2.29 -14.16 -52.48
C GLN C 493 0.90 -14.76 -52.68
N THR C 494 0.69 -15.96 -52.15
CA THR C 494 -0.58 -16.66 -52.29
C THR C 494 -1.37 -16.70 -51.00
N LEU C 495 -2.69 -16.62 -51.13
CA LEU C 495 -3.61 -16.61 -50.00
C LEU C 495 -4.75 -17.58 -50.26
N LYS C 496 -5.64 -17.72 -49.30
CA LYS C 496 -6.76 -18.66 -49.44
C LYS C 496 -7.62 -18.31 -50.64
N ASN C 497 -8.07 -17.05 -50.72
CA ASN C 497 -8.99 -16.62 -51.76
C ASN C 497 -8.45 -15.54 -52.70
N ALA C 498 -7.13 -15.50 -52.89
CA ALA C 498 -6.52 -14.51 -53.76
C ALA C 498 -5.04 -14.78 -54.05
N GLU C 499 -4.62 -14.52 -55.27
CA GLU C 499 -3.20 -14.58 -55.61
C GLU C 499 -2.70 -13.16 -55.78
N ARG C 500 -1.44 -12.95 -55.40
CA ARG C 500 -0.77 -11.65 -55.53
C ARG C 500 0.48 -11.79 -56.38
N TYR C 501 0.79 -10.75 -57.15
CA TYR C 501 1.89 -10.80 -58.12
C TYR C 501 2.70 -9.52 -58.09
N ILE C 502 3.85 -9.55 -58.75
CA ILE C 502 4.72 -8.39 -58.93
C ILE C 502 5.06 -8.26 -60.43
N ILE C 503 5.29 -7.03 -60.89
CA ILE C 503 5.75 -6.78 -62.25
C ILE C 503 6.93 -5.80 -62.23
N PRO C 504 7.84 -5.89 -63.20
CA PRO C 504 9.04 -5.03 -63.21
C PRO C 504 8.84 -3.55 -62.86
N GLU C 505 7.68 -2.99 -63.22
CA GLU C 505 7.38 -1.59 -62.97
C GLU C 505 7.12 -1.30 -61.48
N LEU C 506 6.31 -2.15 -60.85
CA LEU C 506 5.95 -2.00 -59.44
C LEU C 506 7.09 -2.35 -58.49
N LYS C 507 7.96 -3.28 -58.90
CA LYS C 507 9.16 -3.63 -58.14
C LYS C 507 10.15 -2.46 -58.14
N GLU C 508 10.23 -1.75 -59.28
CA GLU C 508 11.10 -0.58 -59.39
C GLU C 508 10.60 0.54 -58.49
N TYR C 509 9.28 0.69 -58.41
CA TYR C 509 8.65 1.68 -57.54
C TYR C 509 8.80 1.29 -56.06
N GLU C 510 8.81 -0.01 -55.78
CA GLU C 510 9.03 -0.51 -54.42
C GLU C 510 10.45 -0.20 -53.93
N ASP C 511 11.45 -0.40 -54.78
CA ASP C 511 12.84 -0.18 -54.39
C ASP C 511 13.13 1.30 -54.14
N LYS C 512 12.52 2.17 -54.95
CA LYS C 512 12.79 3.60 -54.89
C LYS C 512 12.01 4.27 -53.77
N VAL C 513 10.77 3.83 -53.55
CA VAL C 513 9.93 4.37 -52.49
C VAL C 513 10.56 4.10 -51.12
N LEU C 514 11.13 2.90 -50.96
CA LEU C 514 11.67 2.46 -49.67
C LEU C 514 13.09 2.95 -49.43
N THR C 515 13.90 3.12 -50.48
CA THR C 515 15.23 3.71 -50.31
C THR C 515 15.11 5.19 -49.94
N SER C 516 14.15 5.88 -50.56
CA SER C 516 13.91 7.29 -50.28
C SER C 516 13.19 7.52 -48.94
N LYS C 517 12.42 6.55 -48.45
CA LYS C 517 11.79 6.67 -47.15
C LYS C 517 12.85 6.50 -46.05
N GLY C 518 13.82 5.64 -46.32
CA GLY C 518 14.95 5.44 -45.43
C GLY C 518 15.87 6.64 -45.43
N LYS C 519 15.98 7.29 -46.57
CA LYS C 519 16.80 8.50 -46.70
C LYS C 519 16.15 9.69 -46.01
N ALA C 520 14.81 9.75 -46.06
CA ALA C 520 14.04 10.85 -45.48
C ALA C 520 13.97 10.75 -43.97
N LEU C 521 14.04 9.52 -43.45
CA LEU C 521 14.00 9.29 -42.02
C LEU C 521 15.34 9.56 -41.37
N ALA C 522 16.41 9.18 -42.08
CA ALA C 522 17.77 9.39 -41.61
C ALA C 522 18.11 10.87 -41.56
N LEU C 523 17.66 11.63 -42.54
CA LEU C 523 17.91 13.08 -42.62
C LEU C 523 17.12 13.83 -41.57
N GLU C 524 15.86 13.45 -41.40
CA GLU C 524 14.98 13.99 -40.36
C GLU C 524 15.60 13.85 -38.96
N LYS C 525 16.23 12.71 -38.70
CA LYS C 525 16.87 12.45 -37.40
C LYS C 525 18.16 13.24 -37.26
N GLN C 526 18.82 13.51 -38.38
CA GLN C 526 20.03 14.35 -38.40
C GLN C 526 19.66 15.80 -38.11
N LEU C 527 18.50 16.22 -38.63
CA LEU C 527 18.00 17.58 -38.44
C LEU C 527 17.47 17.79 -37.02
N TYR C 528 16.97 16.73 -36.40
CA TYR C 528 16.38 16.81 -35.08
C TYR C 528 17.47 16.82 -34.00
N GLU C 529 18.51 16.03 -34.22
CA GLU C 529 19.72 16.10 -33.40
C GLU C 529 20.40 17.46 -33.56
N GLU C 530 20.27 18.07 -34.74
CA GLU C 530 20.80 19.41 -34.99
C GLU C 530 20.05 20.50 -34.21
N LEU C 531 18.77 20.30 -33.94
CA LEU C 531 18.01 21.25 -33.12
C LEU C 531 18.62 21.35 -31.72
N PHE C 532 19.09 20.23 -31.20
CA PHE C 532 19.82 20.22 -29.93
C PHE C 532 21.12 21.02 -30.04
N ASP C 533 21.86 20.86 -31.14
CA ASP C 533 23.13 21.58 -31.34
C ASP C 533 22.95 23.10 -31.27
N LEU C 534 21.83 23.61 -31.76
CA LEU C 534 21.54 25.04 -31.81
C LEU C 534 20.85 25.58 -30.54
N LEU C 535 20.12 24.72 -29.83
CA LEU C 535 19.42 25.14 -28.60
C LEU C 535 20.38 25.13 -27.41
N LEU C 536 21.27 24.14 -27.37
CA LEU C 536 22.16 23.91 -26.21
C LEU C 536 23.12 25.05 -25.80
N PRO C 537 23.72 25.77 -26.74
CA PRO C 537 24.49 26.97 -26.36
C PRO C 537 23.73 27.97 -25.46
N HIS C 538 22.41 28.06 -25.59
CA HIS C 538 21.62 28.98 -24.76
C HIS C 538 21.05 28.35 -23.49
N LEU C 539 21.69 27.28 -23.00
CA LEU C 539 21.11 26.48 -21.93
C LEU C 539 21.04 27.23 -20.60
N GLU C 540 22.09 27.98 -20.28
CA GLU C 540 22.17 28.68 -19.00
C GLU C 540 21.02 29.67 -18.88
N ALA C 541 20.88 30.53 -19.89
CA ALA C 541 19.85 31.55 -19.91
C ALA C 541 18.46 30.95 -19.89
N LEU C 542 18.33 29.76 -20.48
CA LEU C 542 17.06 29.06 -20.54
C LEU C 542 16.70 28.52 -19.15
N GLN C 543 17.68 27.95 -18.47
CA GLN C 543 17.51 27.47 -17.10
C GLN C 543 17.17 28.63 -16.18
N GLN C 544 17.77 29.79 -16.42
CA GLN C 544 17.49 30.98 -15.61
C GLN C 544 16.04 31.43 -15.83
N SER C 545 15.55 31.27 -17.06
CA SER C 545 14.19 31.66 -17.43
C SER C 545 13.14 30.74 -16.83
N ALA C 546 13.49 29.48 -16.64
CA ALA C 546 12.56 28.51 -16.07
C ALA C 546 12.43 28.83 -14.59
N SER C 547 13.57 29.14 -13.99
CA SER C 547 13.65 29.45 -12.57
C SER C 547 12.87 30.74 -12.28
N ALA C 548 13.06 31.76 -13.11
CA ALA C 548 12.31 32.99 -12.97
C ALA C 548 10.81 32.77 -13.19
N LEU C 549 10.45 31.86 -14.09
CA LEU C 549 9.04 31.59 -14.38
C LEU C 549 8.42 30.81 -13.22
N ALA C 550 9.19 29.90 -12.63
CA ALA C 550 8.73 29.11 -11.50
C ALA C 550 8.56 29.99 -10.25
N GLU C 551 9.51 30.89 -10.01
CA GLU C 551 9.45 31.79 -8.86
C GLU C 551 8.30 32.77 -9.01
N LEU C 552 8.05 33.21 -10.24
CA LEU C 552 6.92 34.09 -10.56
C LEU C 552 5.64 33.39 -10.15
N ASP C 553 5.54 32.12 -10.51
CA ASP C 553 4.36 31.33 -10.23
C ASP C 553 4.16 31.20 -8.71
N VAL C 554 5.25 31.00 -7.99
CA VAL C 554 5.16 30.87 -6.52
C VAL C 554 4.64 32.16 -5.91
N LEU C 555 5.17 33.29 -6.38
CA LEU C 555 4.94 34.57 -5.75
C LEU C 555 3.57 35.13 -6.13
N VAL C 556 3.21 34.98 -7.40
CA VAL C 556 1.88 35.32 -7.87
C VAL C 556 0.86 34.46 -7.10
N ASN C 557 1.25 33.23 -6.82
CA ASN C 557 0.42 32.34 -6.04
C ASN C 557 0.19 32.87 -4.64
N LEU C 558 1.30 33.22 -3.96
CA LEU C 558 1.24 33.63 -2.57
C LEU C 558 0.50 34.96 -2.43
N ALA C 559 0.54 35.78 -3.48
CA ALA C 559 -0.22 37.03 -3.54
C ALA C 559 -1.72 36.76 -3.54
N GLU C 560 -2.14 35.85 -4.42
CA GLU C 560 -3.53 35.46 -4.53
C GLU C 560 -4.08 34.88 -3.24
N ARG C 561 -3.28 34.04 -2.56
CA ARG C 561 -3.68 33.39 -1.33
C ARG C 561 -3.82 34.41 -0.22
N ALA C 562 -2.86 35.32 -0.15
CA ALA C 562 -2.87 36.40 0.82
C ALA C 562 -4.14 37.25 0.74
N TYR C 563 -4.63 37.47 -0.48
CA TYR C 563 -5.86 38.19 -0.71
C TYR C 563 -7.01 37.29 -0.30
N THR C 564 -7.11 36.14 -0.97
CA THR C 564 -8.26 35.26 -0.86
C THR C 564 -8.51 34.75 0.56
N LEU C 565 -7.44 34.52 1.31
CA LEU C 565 -7.51 33.93 2.64
C LEU C 565 -7.27 34.94 3.75
N ASN C 566 -7.29 36.23 3.41
CA ASN C 566 -7.20 37.34 4.37
C ASN C 566 -5.93 37.30 5.23
N TYR C 567 -4.77 37.33 4.58
CA TYR C 567 -3.46 37.41 5.23
C TYR C 567 -2.88 38.83 5.17
N THR C 568 -2.02 39.15 6.14
CA THR C 568 -1.35 40.45 6.26
C THR C 568 0.16 40.30 6.19
N CYS C 569 0.87 41.37 5.87
CA CYS C 569 2.34 41.31 5.78
C CYS C 569 2.98 41.41 7.15
N PRO C 570 3.82 40.44 7.53
CA PRO C 570 4.56 40.54 8.80
C PRO C 570 5.75 41.47 8.70
N THR C 571 6.13 42.08 9.82
CA THR C 571 7.36 42.85 9.95
C THR C 571 8.32 42.12 10.89
N PHE C 572 9.60 42.48 10.81
CA PHE C 572 10.66 41.80 11.57
C PHE C 572 11.33 42.76 12.54
N ILE C 573 11.61 42.29 13.75
CA ILE C 573 12.26 43.10 14.77
C ILE C 573 13.67 42.55 15.03
N ASP C 574 14.49 43.30 15.76
CA ASP C 574 15.91 42.96 15.92
C ASP C 574 16.19 41.77 16.84
N LYS C 575 15.29 41.52 17.78
CA LYS C 575 15.54 40.55 18.84
C LYS C 575 14.46 39.49 18.85
N PRO C 576 14.75 38.35 19.49
CA PRO C 576 13.72 37.33 19.69
C PRO C 576 12.43 37.95 20.17
N GLY C 577 11.32 37.42 19.68
CA GLY C 577 10.00 37.88 20.05
C GLY C 577 8.98 37.54 18.98
N ILE C 578 7.74 37.30 19.39
CA ILE C 578 6.64 37.11 18.45
C ILE C 578 5.42 37.84 18.96
N ARG C 579 4.90 38.78 18.15
CA ARG C 579 3.69 39.52 18.54
C ARG C 579 2.61 39.32 17.50
N ILE C 580 1.60 38.53 17.85
CA ILE C 580 0.49 38.23 16.95
C ILE C 580 -0.79 38.91 17.44
N THR C 581 -1.52 39.49 16.50
CA THR C 581 -2.86 40.02 16.74
C THR C 581 -3.85 39.24 15.86
N GLU C 582 -4.87 38.65 16.49
CA GLU C 582 -5.89 37.87 15.82
C GLU C 582 -5.34 36.89 14.77
N GLY C 583 -4.44 36.01 15.24
CA GLY C 583 -3.82 34.99 14.40
C GLY C 583 -4.62 33.69 14.34
N ARG C 584 -4.47 32.96 13.23
CA ARG C 584 -5.21 31.70 13.03
C ARG C 584 -4.31 30.60 12.49
N HIS C 585 -4.73 29.34 12.71
CA HIS C 585 -4.03 28.19 12.15
C HIS C 585 -4.42 28.10 10.67
N PRO C 586 -3.47 28.34 9.77
CA PRO C 586 -3.80 28.52 8.35
C PRO C 586 -4.50 27.31 7.73
N VAL C 587 -4.35 26.13 8.34
CA VAL C 587 -4.92 24.91 7.79
C VAL C 587 -6.25 24.58 8.48
N VAL C 588 -6.27 24.60 9.81
CA VAL C 588 -7.46 24.26 10.58
C VAL C 588 -8.62 25.21 10.27
N GLU C 589 -8.29 26.45 9.94
CA GLU C 589 -9.29 27.45 9.60
C GLU C 589 -10.01 27.15 8.29
N GLN C 590 -9.31 26.50 7.36
CA GLN C 590 -9.92 26.09 6.10
C GLN C 590 -10.78 24.83 6.22
N VAL C 591 -10.30 23.82 6.95
CA VAL C 591 -11.00 22.53 6.99
C VAL C 591 -12.20 22.54 7.95
N LEU C 592 -12.19 23.48 8.90
CA LEU C 592 -13.20 23.53 9.95
C LEU C 592 -14.50 24.08 9.40
N ASN C 593 -15.59 23.33 9.58
CA ASN C 593 -16.90 23.81 9.13
C ASN C 593 -17.51 24.59 10.28
N GLU C 594 -17.04 25.83 10.43
CA GLU C 594 -17.37 26.77 11.52
C GLU C 594 -16.19 27.70 11.79
N PRO C 595 -16.42 28.83 12.45
CA PRO C 595 -15.45 29.93 12.41
C PRO C 595 -14.29 29.70 13.36
N PHE C 596 -13.07 29.87 12.86
CA PHE C 596 -11.87 29.73 13.69
C PHE C 596 -11.75 30.94 14.62
N ILE C 597 -11.61 30.67 15.91
CA ILE C 597 -11.48 31.74 16.91
C ILE C 597 -10.06 32.28 16.88
N ALA C 598 -9.89 33.52 16.44
CA ALA C 598 -8.55 34.09 16.31
C ALA C 598 -7.97 34.39 17.70
N ASN C 599 -6.64 34.43 17.80
CA ASN C 599 -5.94 34.46 19.08
C ASN C 599 -4.61 35.22 19.10
N PRO C 600 -4.36 35.98 20.15
CA PRO C 600 -3.12 36.77 20.25
C PRO C 600 -1.93 35.95 20.74
N LEU C 601 -0.73 36.52 20.67
CA LEU C 601 0.42 35.99 21.38
C LEU C 601 1.43 37.09 21.61
N ASN C 602 1.94 37.18 22.83
CA ASN C 602 3.06 38.07 23.14
C ASN C 602 4.22 37.23 23.67
N LEU C 603 5.32 37.22 22.94
CA LEU C 603 6.55 36.54 23.31
C LEU C 603 7.73 37.51 23.15
N SER C 604 8.61 37.53 24.14
CA SER C 604 9.77 38.44 24.15
C SER C 604 10.87 37.87 25.06
N PRO C 605 12.03 38.49 25.10
CA PRO C 605 13.10 38.03 26.02
C PRO C 605 12.70 38.17 27.49
N GLN C 606 11.79 39.09 27.81
CA GLN C 606 11.27 39.24 29.17
C GLN C 606 10.14 38.24 29.42
N ARG C 607 9.32 38.03 28.40
CA ARG C 607 8.18 37.13 28.47
C ARG C 607 8.44 35.98 27.51
N ARG C 608 9.37 35.10 27.88
CA ARG C 608 9.93 34.13 26.93
C ARG C 608 9.36 32.72 27.05
N MET C 609 8.69 32.41 28.15
CA MET C 609 8.02 31.12 28.29
C MET C 609 6.60 31.29 28.76
N LEU C 610 5.67 30.70 28.03
CA LEU C 610 4.28 30.65 28.45
C LEU C 610 3.91 29.23 28.82
N ILE C 611 3.39 29.05 30.02
CA ILE C 611 2.78 27.78 30.42
C ILE C 611 1.32 27.83 30.00
N ILE C 612 0.91 26.88 29.16
CA ILE C 612 -0.43 26.86 28.57
C ILE C 612 -1.26 25.76 29.20
N THR C 613 -2.40 26.10 29.78
CA THR C 613 -3.30 25.12 30.38
C THR C 613 -4.70 25.22 29.80
N GLY C 614 -5.52 24.25 30.16
CA GLY C 614 -6.88 24.22 29.72
C GLY C 614 -7.25 22.79 29.44
N PRO C 615 -8.53 22.53 29.27
CA PRO C 615 -8.99 21.15 29.18
C PRO C 615 -8.50 20.50 27.89
N ASN C 616 -8.55 19.17 27.86
CA ASN C 616 -8.39 18.39 26.65
C ASN C 616 -9.43 18.85 25.62
N MET C 617 -8.96 19.05 24.40
CA MET C 617 -9.75 19.60 23.29
C MET C 617 -10.04 21.11 23.47
N GLY C 618 -9.31 21.73 24.39
CA GLY C 618 -9.46 23.15 24.66
C GLY C 618 -8.77 24.04 23.65
N GLY C 619 -7.82 23.49 22.91
CA GLY C 619 -7.19 24.20 21.82
C GLY C 619 -5.73 24.55 22.06
N LYS C 620 -5.07 23.85 22.96
CA LYS C 620 -3.71 24.17 23.38
C LYS C 620 -2.70 23.81 22.29
N SER C 621 -2.81 22.60 21.75
CA SER C 621 -1.84 22.13 20.75
C SER C 621 -1.94 22.94 19.47
N THR C 622 -3.18 23.25 19.09
CA THR C 622 -3.47 24.07 17.92
C THR C 622 -2.85 25.46 18.03
N TYR C 623 -2.94 26.07 19.22
CA TYR C 623 -2.37 27.40 19.47
C TYR C 623 -0.84 27.43 19.27
N MET C 624 -0.18 26.33 19.63
CA MET C 624 1.27 26.21 19.50
C MET C 624 1.69 26.06 18.04
N ARG C 625 1.11 25.08 17.37
CA ARG C 625 1.31 24.86 15.95
C ARG C 625 1.16 26.14 15.11
N GLN C 626 0.05 26.86 15.30
CA GLN C 626 -0.22 28.03 14.49
C GLN C 626 0.80 29.14 14.71
N THR C 627 1.43 29.14 15.88
CA THR C 627 2.55 30.03 16.13
C THR C 627 3.70 29.68 15.20
N ALA C 628 4.03 28.40 15.15
CA ALA C 628 5.13 27.90 14.36
C ALA C 628 4.88 28.00 12.85
N LEU C 629 3.63 27.85 12.42
CA LEU C 629 3.28 27.96 11.00
C LEU C 629 3.37 29.42 10.56
N ILE C 630 2.98 30.32 11.45
CA ILE C 630 3.07 31.76 11.22
C ILE C 630 4.54 32.21 11.15
N ALA C 631 5.39 31.58 11.96
CA ALA C 631 6.83 31.82 11.93
C ALA C 631 7.42 31.30 10.63
N LEU C 632 7.07 30.07 10.28
CA LEU C 632 7.42 29.44 9.01
C LEU C 632 7.05 30.28 7.80
N MET C 633 5.80 30.68 7.73
CA MET C 633 5.26 31.44 6.61
C MET C 633 5.93 32.79 6.49
N ALA C 634 6.12 33.47 7.62
CA ALA C 634 6.84 34.74 7.64
C ALA C 634 8.27 34.63 7.07
N TYR C 635 8.91 33.48 7.29
CA TYR C 635 10.30 33.31 6.90
C TYR C 635 10.48 32.57 5.57
N ILE C 636 9.40 32.49 4.78
CA ILE C 636 9.52 32.21 3.34
C ILE C 636 9.20 33.45 2.48
N GLY C 637 8.84 34.58 3.12
CA GLY C 637 8.46 35.79 2.42
C GLY C 637 6.95 35.98 2.30
N SER C 638 6.19 34.97 2.70
CA SER C 638 4.74 34.98 2.49
C SER C 638 4.04 35.85 3.50
N TYR C 639 2.85 36.30 3.14
CA TYR C 639 1.96 36.95 4.10
C TYR C 639 1.42 35.87 5.03
N VAL C 640 0.75 36.30 6.09
CA VAL C 640 0.55 35.51 7.29
C VAL C 640 -0.92 35.58 7.75
N PRO C 641 -1.46 34.48 8.27
CA PRO C 641 -2.87 34.43 8.71
C PRO C 641 -3.14 35.16 10.03
N ALA C 642 -3.24 36.49 9.97
CA ALA C 642 -3.44 37.31 11.17
C ALA C 642 -3.78 38.75 10.82
N GLN C 643 -4.24 39.50 11.83
CA GLN C 643 -4.46 40.94 11.73
C GLN C 643 -3.15 41.73 11.76
N LYS C 644 -2.08 41.13 12.31
CA LYS C 644 -0.77 41.77 12.42
C LYS C 644 0.26 40.83 13.09
N VAL C 645 1.44 40.73 12.49
CA VAL C 645 2.56 39.98 13.10
C VAL C 645 3.85 40.79 13.10
N GLU C 646 4.57 40.73 14.24
CA GLU C 646 5.90 41.31 14.42
C GLU C 646 6.79 40.18 14.96
N ILE C 647 7.81 39.77 14.22
CA ILE C 647 8.55 38.56 14.56
C ILE C 647 10.07 38.76 14.52
N GLY C 648 10.74 38.25 15.55
CA GLY C 648 12.18 38.36 15.65
C GLY C 648 12.82 37.21 14.91
N PRO C 649 14.15 37.20 14.83
CA PRO C 649 14.89 36.09 14.22
C PRO C 649 14.76 34.78 14.98
N ILE C 650 14.53 33.72 14.22
CA ILE C 650 14.53 32.36 14.70
C ILE C 650 15.63 31.56 14.01
N ASP C 651 16.37 30.77 14.80
CA ASP C 651 17.40 29.86 14.30
C ASP C 651 16.91 28.42 14.12
N ARG C 652 15.99 27.98 14.98
CA ARG C 652 15.58 26.59 15.03
C ARG C 652 14.19 26.47 15.65
N ILE C 653 13.36 25.60 15.08
CA ILE C 653 12.10 25.22 15.70
C ILE C 653 12.22 23.79 16.21
N PHE C 654 11.80 23.58 17.45
CA PHE C 654 11.80 22.27 18.12
C PHE C 654 10.36 21.92 18.52
N THR C 655 9.95 20.69 18.23
CA THR C 655 8.68 20.17 18.71
C THR C 655 8.93 18.88 19.51
N ARG C 656 8.41 18.85 20.74
CA ARG C 656 8.42 17.66 21.56
C ARG C 656 6.98 17.31 21.91
N VAL C 657 6.44 16.31 21.23
CA VAL C 657 5.11 15.79 21.52
C VAL C 657 5.26 14.37 22.05
N GLY C 658 4.15 13.77 22.47
CA GLY C 658 4.17 12.41 22.98
C GLY C 658 4.44 11.38 21.90
N ALA C 659 4.91 10.21 22.31
CA ALA C 659 5.16 9.11 21.39
C ALA C 659 4.10 8.01 21.58
N GLY C 666 9.18 1.13 17.28
CA GLY C 666 9.38 1.70 18.60
C GLY C 666 9.34 0.67 19.73
N ARG C 667 9.72 1.10 20.94
CA ARG C 667 9.62 0.26 22.16
C ARG C 667 9.17 1.07 23.39
N SER C 668 10.11 1.80 24.01
CA SER C 668 9.87 2.47 25.32
C SER C 668 9.53 3.95 25.18
N THR C 669 8.28 4.34 25.41
CA THR C 669 7.81 5.70 25.07
C THR C 669 8.40 6.81 25.93
N PHE C 670 8.70 6.53 27.19
CA PHE C 670 9.28 7.55 28.06
C PHE C 670 10.75 7.72 27.74
N MET C 671 11.44 6.65 27.35
CA MET C 671 12.83 6.77 26.91
C MET C 671 12.93 7.71 25.72
N VAL C 672 12.10 7.50 24.69
CA VAL C 672 12.22 8.28 23.46
C VAL C 672 11.84 9.73 23.69
N GLU C 673 10.79 9.96 24.49
CA GLU C 673 10.36 11.31 24.83
C GLU C 673 11.44 12.06 25.62
N MET C 674 12.20 11.34 26.42
CA MET C 674 13.29 11.93 27.21
C MET C 674 14.54 12.22 26.38
N THR C 675 14.83 11.38 25.38
CA THR C 675 15.98 11.63 24.51
C THR C 675 15.65 12.78 23.58
N GLU C 676 14.38 12.94 23.22
CA GLU C 676 13.95 14.02 22.34
C GLU C 676 13.98 15.35 23.08
N THR C 677 13.71 15.29 24.39
CA THR C 677 13.80 16.45 25.27
C THR C 677 15.25 16.87 25.50
N ALA C 678 16.15 15.90 25.51
CA ALA C 678 17.58 16.11 25.71
C ALA C 678 18.19 16.85 24.52
N ASN C 679 17.83 16.45 23.31
CA ASN C 679 18.23 17.16 22.09
C ASN C 679 17.82 18.63 22.17
N ILE C 680 16.60 18.85 22.63
CA ILE C 680 16.11 20.21 22.79
C ILE C 680 16.97 21.00 23.79
N LEU C 681 17.32 20.40 24.92
CA LEU C 681 18.09 21.08 25.97
C LEU C 681 19.57 21.25 25.62
N HIS C 682 20.06 20.46 24.67
CA HIS C 682 21.47 20.44 24.32
C HIS C 682 21.75 21.40 23.16
N ASN C 683 20.74 21.65 22.32
CA ASN C 683 20.93 22.36 21.05
C ASN C 683 20.09 23.65 20.87
N ALA C 684 19.22 23.96 21.83
CA ALA C 684 18.40 25.16 21.73
C ALA C 684 19.20 26.38 22.21
N THR C 685 18.83 27.54 21.70
CA THR C 685 19.52 28.81 21.97
C THR C 685 18.48 29.89 22.30
N GLU C 686 18.93 31.13 22.48
CA GLU C 686 18.05 32.25 22.78
C GLU C 686 17.21 32.66 21.57
N TYR C 687 17.57 32.12 20.41
CA TYR C 687 16.88 32.42 19.16
C TYR C 687 15.93 31.32 18.67
N SER C 688 15.87 30.21 19.39
CA SER C 688 15.02 29.08 19.02
C SER C 688 13.58 29.21 19.52
N LEU C 689 12.64 28.75 18.71
CA LEU C 689 11.26 28.58 19.12
C LEU C 689 11.08 27.13 19.54
N VAL C 690 10.49 26.90 20.71
CA VAL C 690 10.38 25.57 21.32
C VAL C 690 8.96 25.25 21.79
N LEU C 691 8.34 24.27 21.14
CA LEU C 691 6.98 23.82 21.49
C LEU C 691 7.04 22.51 22.29
N MET C 692 6.64 22.54 23.57
CA MET C 692 6.61 21.35 24.42
C MET C 692 5.18 20.96 24.70
N ASP C 693 4.76 19.83 24.14
CA ASP C 693 3.41 19.33 24.35
C ASP C 693 3.37 18.23 25.41
N GLU C 694 2.19 17.76 25.73
CA GLU C 694 2.02 16.78 26.80
C GLU C 694 2.71 15.45 26.45
N ILE C 695 3.24 14.80 27.48
CA ILE C 695 3.91 13.51 27.32
C ILE C 695 3.35 12.47 28.32
N GLY C 696 3.85 11.25 28.21
CA GLY C 696 3.53 10.20 29.16
C GLY C 696 4.02 10.51 30.57
N ALA C 697 3.43 9.82 31.53
CA ALA C 697 3.88 9.90 32.91
C ALA C 697 5.16 9.10 33.05
N GLY C 698 5.86 9.32 34.15
CA GLY C 698 6.96 8.46 34.55
C GLY C 698 6.36 7.28 35.27
N THR C 699 7.19 6.49 35.93
CA THR C 699 6.72 5.28 36.63
C THR C 699 5.84 5.57 37.85
N SER C 700 5.99 6.77 38.42
CA SER C 700 5.24 7.15 39.62
C SER C 700 4.53 8.50 39.45
N THR C 701 3.95 9.00 40.54
CA THR C 701 3.06 10.17 40.51
C THR C 701 3.74 11.44 40.04
N TYR C 702 4.82 11.79 40.72
CA TYR C 702 5.51 13.06 40.52
C TYR C 702 6.85 12.83 39.85
N ASP C 703 7.02 11.60 39.42
CA ASP C 703 8.21 11.16 38.72
C ASP C 703 8.50 12.04 37.52
N GLY C 704 7.50 12.20 36.64
CA GLY C 704 7.63 12.91 35.38
C GLY C 704 7.47 14.42 35.48
N LEU C 705 6.62 14.88 36.41
CA LEU C 705 6.44 16.29 36.73
C LEU C 705 7.72 16.97 37.26
N SER C 706 8.49 16.23 38.06
CA SER C 706 9.82 16.66 38.47
C SER C 706 10.65 17.09 37.26
N LEU C 707 10.65 16.25 36.23
CA LEU C 707 11.51 16.45 35.07
C LEU C 707 10.92 17.53 34.19
N ALA C 708 9.60 17.67 34.21
CA ALA C 708 8.94 18.72 33.44
C ALA C 708 9.25 20.09 34.04
N TRP C 709 9.31 20.14 35.37
CA TRP C 709 9.66 21.35 36.10
C TRP C 709 11.14 21.71 35.88
N ALA C 710 12.00 20.71 36.00
CA ALA C 710 13.43 20.90 35.87
C ALA C 710 13.76 21.31 34.44
N CYS C 711 13.00 20.78 33.49
CA CYS C 711 13.21 21.07 32.07
C CYS C 711 12.73 22.47 31.75
N ALA C 712 11.57 22.83 32.30
CA ALA C 712 10.97 24.13 32.04
C ALA C 712 11.89 25.23 32.52
N GLU C 713 12.53 24.95 33.65
CA GLU C 713 13.37 25.90 34.37
C GLU C 713 14.69 26.04 33.66
N ASN C 714 15.20 24.95 33.10
CA ASN C 714 16.40 25.03 32.30
C ASN C 714 16.14 25.84 31.03
N LEU C 715 14.93 25.74 30.48
CA LEU C 715 14.61 26.49 29.25
C LEU C 715 14.40 27.97 29.59
N ALA C 716 13.84 28.24 30.75
CA ALA C 716 13.61 29.62 31.18
C ALA C 716 14.92 30.29 31.61
N ASN C 717 15.69 29.59 32.44
CA ASN C 717 16.80 30.18 33.18
C ASN C 717 18.19 30.06 32.52
N LYS C 718 18.45 28.97 31.83
CA LYS C 718 19.77 28.76 31.20
C LYS C 718 19.81 29.10 29.71
N ILE C 719 18.95 28.42 28.97
CA ILE C 719 18.88 28.54 27.51
C ILE C 719 18.17 29.82 27.05
N LYS C 720 17.08 30.17 27.74
CA LYS C 720 16.28 31.38 27.47
C LYS C 720 15.65 31.42 26.08
N ALA C 721 15.31 30.26 25.55
CA ALA C 721 14.59 30.20 24.27
C ALA C 721 13.15 30.71 24.43
N LEU C 722 12.48 30.88 23.30
CA LEU C 722 11.07 31.22 23.29
C LEU C 722 10.31 29.92 23.38
N THR C 723 9.61 29.69 24.49
CA THR C 723 9.03 28.37 24.72
C THR C 723 7.55 28.47 25.00
N LEU C 724 6.76 27.80 24.18
CA LEU C 724 5.37 27.49 24.56
C LEU C 724 5.40 26.10 25.16
N PHE C 725 4.70 25.92 26.27
CA PHE C 725 4.77 24.70 27.08
C PHE C 725 3.36 24.27 27.49
N ALA C 726 2.68 23.54 26.60
CA ALA C 726 1.35 22.99 26.91
C ALA C 726 1.48 21.79 27.86
N THR C 727 0.75 21.84 28.96
CA THR C 727 0.81 20.78 29.96
C THR C 727 -0.54 20.59 30.69
N HIS C 728 -0.81 19.36 31.11
CA HIS C 728 -1.96 19.05 31.94
C HIS C 728 -1.61 19.13 33.43
N TYR C 729 -0.31 19.32 33.70
CA TYR C 729 0.18 19.48 35.06
C TYR C 729 -0.11 20.89 35.56
N PHE C 730 -1.18 21.02 36.33
CA PHE C 730 -1.56 22.28 36.96
C PHE C 730 -0.48 22.79 37.93
N GLU C 731 0.36 21.87 38.39
CA GLU C 731 1.45 22.21 39.30
C GLU C 731 2.38 23.24 38.64
N LEU C 732 2.60 23.11 37.33
CA LEU C 732 3.45 24.04 36.58
C LEU C 732 2.92 25.48 36.45
N THR C 733 1.66 25.72 36.86
CA THR C 733 1.15 27.10 36.92
C THR C 733 1.76 27.95 38.07
N GLN C 734 2.44 27.29 39.01
CA GLN C 734 3.20 27.96 40.05
C GLN C 734 4.54 28.49 39.54
N LEU C 735 4.99 28.01 38.38
CA LEU C 735 6.30 28.39 37.86
C LEU C 735 6.52 29.90 37.73
N PRO C 736 5.62 30.61 37.05
CA PRO C 736 5.73 32.08 36.94
C PRO C 736 6.12 32.78 38.24
N GLU C 737 5.44 32.41 39.32
CA GLU C 737 5.75 32.90 40.67
C GLU C 737 7.24 32.84 41.03
N LYS C 738 7.82 31.68 40.76
CA LYS C 738 9.18 31.35 41.18
C LYS C 738 10.27 31.76 40.17
N MET C 739 9.91 31.88 38.89
CA MET C 739 10.90 31.92 37.81
C MET C 739 10.71 33.09 36.88
N GLU C 740 11.78 33.83 36.65
CA GLU C 740 11.78 34.96 35.72
C GLU C 740 11.55 34.47 34.29
N GLY C 741 10.91 35.30 33.47
CA GLY C 741 10.63 34.95 32.09
C GLY C 741 9.44 34.04 31.85
N VAL C 742 8.80 33.57 32.92
CA VAL C 742 7.75 32.59 32.78
C VAL C 742 6.40 33.19 33.15
N ALA C 743 5.39 32.84 32.38
CA ALA C 743 4.06 33.41 32.53
C ALA C 743 3.03 32.38 32.18
N ASN C 744 1.88 32.47 32.86
CA ASN C 744 0.76 31.55 32.68
C ASN C 744 -0.21 32.08 31.66
N VAL C 745 -0.55 31.29 30.64
CA VAL C 745 -1.76 31.52 29.84
C VAL C 745 -2.66 30.28 29.83
N HIS C 746 -3.90 30.44 29.35
CA HIS C 746 -4.85 29.33 29.32
C HIS C 746 -5.96 29.46 28.29
N LEU C 747 -6.45 28.32 27.83
CA LEU C 747 -7.55 28.30 26.89
C LEU C 747 -8.87 28.06 27.63
N ASP C 748 -9.80 28.97 27.35
CA ASP C 748 -10.92 29.22 28.22
C ASP C 748 -11.97 28.13 28.06
N ALA C 749 -12.80 27.98 29.07
CA ALA C 749 -13.88 27.00 29.04
C ALA C 749 -14.95 27.37 30.04
N LEU C 750 -16.20 27.36 29.59
CA LEU C 750 -17.33 27.60 30.47
C LEU C 750 -17.93 26.29 30.90
N GLU C 751 -17.94 26.04 32.21
CA GLU C 751 -18.75 24.95 32.77
C GLU C 751 -20.12 25.54 33.09
N HIS C 752 -21.16 24.92 32.54
CA HIS C 752 -22.55 25.36 32.76
C HIS C 752 -23.43 24.12 32.90
N GLY C 753 -23.95 23.91 34.12
CA GLY C 753 -24.69 22.71 34.44
C GLY C 753 -23.80 21.49 34.38
N ASP C 754 -24.33 20.41 33.81
CA ASP C 754 -23.59 19.14 33.66
C ASP C 754 -22.86 19.02 32.31
N THR C 755 -22.27 20.11 31.83
CA THR C 755 -21.58 20.07 30.54
C THR C 755 -20.52 21.16 30.36
N ILE C 756 -19.58 20.92 29.45
CA ILE C 756 -18.47 21.85 29.22
C ILE C 756 -18.46 22.35 27.77
N ALA C 757 -18.14 23.64 27.61
CA ALA C 757 -18.00 24.27 26.30
C ALA C 757 -16.59 24.77 26.13
N PHE C 758 -16.00 24.49 24.96
CA PHE C 758 -14.62 24.87 24.66
C PHE C 758 -14.64 26.13 23.79
N MET C 759 -14.16 27.24 24.34
CA MET C 759 -14.28 28.57 23.73
C MET C 759 -13.15 28.91 22.77
N HIS C 760 -12.06 28.15 22.86
CA HIS C 760 -10.90 28.26 21.96
C HIS C 760 -10.26 29.66 21.99
N SER C 761 -10.30 30.29 23.15
CA SER C 761 -9.84 31.68 23.33
C SER C 761 -8.74 31.73 24.36
N VAL C 762 -7.60 32.30 24.00
CA VAL C 762 -6.46 32.38 24.90
C VAL C 762 -6.61 33.57 25.83
N GLN C 763 -6.39 33.34 27.12
CA GLN C 763 -6.56 34.34 28.15
C GLN C 763 -5.32 34.34 29.04
N ASP C 764 -4.96 35.53 29.53
CA ASP C 764 -3.82 35.65 30.42
C ASP C 764 -4.15 35.08 31.80
N GLY C 765 -3.15 34.48 32.42
CA GLY C 765 -3.29 33.84 33.72
C GLY C 765 -3.44 32.34 33.61
N ALA C 766 -3.36 31.66 34.75
CA ALA C 766 -3.65 30.25 34.82
C ALA C 766 -5.14 30.07 34.68
N ALA C 767 -5.57 28.86 34.37
CA ALA C 767 -6.98 28.53 34.46
C ALA C 767 -7.46 28.70 35.91
N SER C 768 -8.76 28.90 36.07
CA SER C 768 -9.38 28.94 37.39
C SER C 768 -9.24 27.57 38.06
N LYS C 769 -9.56 26.54 37.28
CA LYS C 769 -9.39 25.13 37.66
C LYS C 769 -8.98 24.26 36.46
N SER C 770 -8.75 22.98 36.71
CA SER C 770 -8.67 21.98 35.62
C SER C 770 -10.01 21.24 35.52
N TYR C 771 -10.27 20.70 34.33
CA TYR C 771 -11.57 20.13 33.96
C TYR C 771 -11.50 18.64 33.63
N GLY C 772 -10.64 17.91 34.32
CA GLY C 772 -10.46 16.49 34.05
C GLY C 772 -11.71 15.69 34.28
N LEU C 773 -12.32 15.87 35.45
CA LEU C 773 -13.55 15.18 35.80
C LEU C 773 -14.67 15.53 34.83
N ALA C 774 -14.71 16.79 34.39
CA ALA C 774 -15.71 17.26 33.42
C ALA C 774 -15.62 16.57 32.05
N VAL C 775 -14.40 16.45 31.53
CA VAL C 775 -14.13 15.80 30.24
C VAL C 775 -14.48 14.31 30.32
N ALA C 776 -14.21 13.71 31.47
CA ALA C 776 -14.51 12.30 31.74
C ALA C 776 -16.01 12.03 31.73
N ALA C 777 -16.78 13.00 32.25
CA ALA C 777 -18.23 12.92 32.27
C ALA C 777 -18.80 13.10 30.86
N LEU C 778 -18.13 13.89 30.05
CA LEU C 778 -18.50 14.05 28.64
C LEU C 778 -18.28 12.75 27.88
N ALA C 779 -17.28 11.97 28.30
CA ALA C 779 -16.96 10.69 27.68
C ALA C 779 -17.89 9.54 28.10
N GLY C 780 -18.82 9.79 29.02
CA GLY C 780 -19.85 8.83 29.42
C GLY C 780 -19.54 7.94 30.62
N VAL C 781 -18.57 8.34 31.46
CA VAL C 781 -18.28 7.66 32.74
C VAL C 781 -19.49 7.83 33.65
N PRO C 782 -19.97 6.73 34.25
CA PRO C 782 -21.15 6.77 35.13
C PRO C 782 -21.12 7.92 36.12
N LYS C 783 -22.27 8.51 36.40
CA LYS C 783 -22.34 9.65 37.30
C LYS C 783 -21.92 9.34 38.74
N GLU C 784 -22.27 8.14 39.24
CA GLU C 784 -21.86 7.72 40.59
C GLU C 784 -20.33 7.72 40.76
N VAL C 785 -19.61 7.33 39.71
CA VAL C 785 -18.15 7.33 39.75
C VAL C 785 -17.59 8.75 39.73
N ILE C 786 -18.22 9.64 38.97
CA ILE C 786 -17.84 11.05 38.89
C ILE C 786 -18.11 11.77 40.23
N LYS C 787 -19.19 11.38 40.90
CA LYS C 787 -19.52 11.92 42.20
C LYS C 787 -18.45 11.53 43.21
N ARG C 788 -18.05 10.27 43.15
CA ARG C 788 -17.03 9.73 44.04
C ARG C 788 -15.68 10.40 43.78
N ALA C 789 -15.38 10.61 42.50
CA ALA C 789 -14.13 11.26 42.09
C ALA C 789 -14.07 12.73 42.53
N ARG C 790 -15.22 13.38 42.56
CA ARG C 790 -15.33 14.78 43.00
C ARG C 790 -15.20 14.87 44.50
N GLN C 791 -15.53 13.79 45.19
CA GLN C 791 -15.40 13.73 46.64
C GLN C 791 -13.92 13.57 46.94
N LYS C 792 -13.28 12.63 46.27
CA LYS C 792 -11.84 12.44 46.39
C LYS C 792 -11.05 13.69 46.02
N LEU C 793 -11.55 14.48 45.07
CA LEU C 793 -10.86 15.70 44.66
C LEU C 793 -10.83 16.73 45.79
N ARG C 794 -11.95 16.88 46.49
CA ARG C 794 -12.03 17.84 47.58
C ARG C 794 -11.04 17.53 48.68
N GLU C 795 -10.92 16.25 49.03
CA GLU C 795 -9.86 15.77 49.91
C GLU C 795 -8.46 16.26 49.46
N LEU C 796 -8.15 16.14 48.18
CA LEU C 796 -6.84 16.53 47.65
C LEU C 796 -6.63 18.04 47.60
N GLU C 797 -7.73 18.78 47.45
CA GLU C 797 -7.69 20.24 47.37
C GLU C 797 -7.63 20.88 48.75
N SER C 798 -7.90 20.09 49.79
CA SER C 798 -7.83 20.58 51.15
C SER C 798 -6.41 20.45 51.69
N ILE C 799 -5.53 19.78 50.93
CA ILE C 799 -4.12 19.69 51.31
C ILE C 799 -3.54 21.07 51.54
N SER C 800 -3.79 22.00 50.62
CA SER C 800 -3.36 23.39 50.78
C SER C 800 -4.54 24.37 50.66
N ALA D 9 -27.20 11.21 -25.89
CA ALA D 9 -26.84 12.10 -27.02
C ALA D 9 -25.34 12.05 -27.34
N HIS D 10 -24.73 10.88 -27.19
CA HIS D 10 -23.31 10.69 -27.48
C HIS D 10 -23.07 9.59 -28.54
N THR D 11 -21.81 9.41 -28.90
CA THR D 11 -21.37 8.47 -29.95
C THR D 11 -22.04 7.08 -29.90
N PRO D 12 -22.27 6.45 -31.06
CA PRO D 12 -22.94 5.14 -31.14
C PRO D 12 -22.47 4.03 -30.17
N MET D 13 -21.20 3.99 -29.78
CA MET D 13 -20.73 2.98 -28.83
C MET D 13 -21.11 3.30 -27.37
N MET D 14 -21.11 4.60 -27.04
CA MET D 14 -21.43 5.07 -25.69
C MET D 14 -22.93 5.21 -25.41
N GLN D 15 -23.75 5.07 -26.44
CA GLN D 15 -25.19 5.01 -26.26
C GLN D 15 -25.58 3.67 -25.63
N GLN D 16 -24.85 2.61 -26.00
CA GLN D 16 -25.08 1.28 -25.44
C GLN D 16 -24.54 1.17 -24.00
N TYR D 17 -23.37 1.74 -23.74
CA TYR D 17 -22.78 1.68 -22.40
C TYR D 17 -23.70 2.30 -21.34
N LEU D 18 -24.34 3.42 -21.69
CA LEU D 18 -25.13 4.19 -20.73
C LEU D 18 -26.42 3.50 -20.34
N ARG D 19 -27.09 2.88 -21.32
CA ARG D 19 -28.32 2.12 -21.04
C ARG D 19 -28.04 0.92 -20.12
N LEU D 20 -26.90 0.26 -20.34
CA LEU D 20 -26.50 -0.91 -19.54
C LEU D 20 -26.13 -0.51 -18.11
N LYS D 21 -25.54 0.67 -17.94
CA LYS D 21 -25.18 1.19 -16.62
C LYS D 21 -26.45 1.51 -15.82
N ALA D 22 -27.53 1.85 -16.51
CA ALA D 22 -28.82 2.12 -15.86
C ALA D 22 -29.40 0.86 -15.18
N GLN D 23 -29.12 -0.31 -15.75
CA GLN D 23 -29.58 -1.58 -15.19
C GLN D 23 -28.89 -1.91 -13.86
N HIS D 24 -27.61 -1.56 -13.75
CA HIS D 24 -26.83 -1.77 -12.53
C HIS D 24 -25.99 -0.51 -12.22
N PRO D 25 -26.64 0.53 -11.70
CA PRO D 25 -26.00 1.84 -11.49
C PRO D 25 -25.13 1.89 -10.24
N GLU D 26 -25.59 1.24 -9.17
CA GLU D 26 -24.85 1.17 -7.92
C GLU D 26 -23.59 0.29 -7.98
N ILE D 27 -23.42 -0.47 -9.07
CA ILE D 27 -22.30 -1.39 -9.22
C ILE D 27 -21.33 -0.93 -10.31
N LEU D 28 -20.03 -1.02 -10.04
CA LEU D 28 -18.99 -0.74 -11.04
C LEU D 28 -19.18 -1.60 -12.27
N LEU D 29 -19.03 -1.03 -13.47
CA LEU D 29 -19.34 -1.74 -14.71
C LEU D 29 -18.12 -1.90 -15.64
N PHE D 30 -17.56 -3.10 -15.63
CA PHE D 30 -16.59 -3.57 -16.62
C PHE D 30 -17.28 -3.73 -17.96
N TYR D 31 -16.72 -3.14 -19.01
CA TYR D 31 -17.32 -3.12 -20.35
C TYR D 31 -16.31 -3.57 -21.40
N ARG D 32 -16.58 -4.73 -22.02
CA ARG D 32 -15.64 -5.36 -22.95
C ARG D 32 -15.31 -4.47 -24.15
N MET D 33 -14.03 -4.42 -24.49
CA MET D 33 -13.47 -3.55 -25.53
C MET D 33 -12.16 -4.15 -26.05
N GLY D 34 -12.28 -5.22 -26.83
CA GLY D 34 -11.13 -5.96 -27.33
C GLY D 34 -10.44 -6.80 -26.25
N ASP D 35 -9.17 -6.48 -25.97
CA ASP D 35 -8.39 -7.21 -24.98
C ASP D 35 -8.54 -6.65 -23.57
N PHE D 36 -9.41 -5.65 -23.40
CA PHE D 36 -9.57 -4.98 -22.11
C PHE D 36 -11.06 -4.85 -21.72
N TYR D 37 -11.33 -4.94 -20.42
CA TYR D 37 -12.58 -4.40 -19.88
C TYR D 37 -12.32 -2.95 -19.55
N GLU D 38 -13.32 -2.10 -19.74
CA GLU D 38 -13.14 -0.65 -19.58
C GLU D 38 -14.30 -0.03 -18.80
N LEU D 39 -13.95 0.78 -17.80
CA LEU D 39 -14.91 1.49 -16.95
C LEU D 39 -14.91 2.96 -17.34
N PHE D 40 -16.07 3.62 -17.28
CA PHE D 40 -16.20 5.03 -17.67
C PHE D 40 -16.86 5.90 -16.59
N TYR D 41 -16.56 7.20 -16.64
CA TYR D 41 -17.12 8.20 -15.71
C TYR D 41 -16.73 7.94 -14.24
N ASP D 42 -17.72 7.80 -13.35
CA ASP D 42 -17.45 7.63 -11.92
C ASP D 42 -16.86 6.25 -11.61
N ASP D 43 -17.10 5.30 -12.51
CA ASP D 43 -16.49 3.97 -12.41
C ASP D 43 -15.00 4.02 -12.71
N ALA D 44 -14.59 4.88 -13.65
CA ALA D 44 -13.19 5.04 -14.03
C ALA D 44 -12.39 5.73 -12.94
N LYS D 45 -12.98 6.72 -12.29
CA LYS D 45 -12.30 7.50 -11.25
C LYS D 45 -12.14 6.68 -9.98
N ARG D 46 -13.22 6.02 -9.56
CA ARG D 46 -13.20 5.20 -8.35
C ARG D 46 -12.25 3.99 -8.49
N ALA D 47 -12.15 3.45 -9.69
CA ALA D 47 -11.35 2.23 -9.93
C ALA D 47 -9.86 2.52 -10.12
N SER D 48 -9.52 3.72 -10.56
CA SER D 48 -8.14 4.16 -10.68
C SER D 48 -7.57 4.41 -9.28
N GLN D 49 -8.46 4.72 -8.35
CA GLN D 49 -8.12 4.96 -6.95
C GLN D 49 -7.95 3.64 -6.17
N LEU D 50 -8.76 2.64 -6.50
CA LEU D 50 -8.79 1.38 -5.75
C LEU D 50 -7.72 0.38 -6.19
N LEU D 51 -7.38 0.40 -7.48
CA LEU D 51 -6.59 -0.68 -8.11
C LEU D 51 -5.19 -0.28 -8.57
N ASP D 52 -4.84 1.00 -8.45
CA ASP D 52 -3.60 1.53 -9.02
C ASP D 52 -3.55 1.26 -10.54
N ILE D 53 -4.42 1.94 -11.28
CA ILE D 53 -4.32 2.01 -12.74
C ILE D 53 -4.61 3.43 -13.24
N SER D 54 -4.25 3.70 -14.49
CA SER D 54 -4.24 5.05 -15.02
C SER D 54 -5.65 5.63 -15.22
N LEU D 55 -5.69 6.93 -15.50
CA LEU D 55 -6.92 7.65 -15.82
C LEU D 55 -6.69 8.49 -17.08
N THR D 56 -7.49 8.25 -18.12
CA THR D 56 -7.31 8.86 -19.43
C THR D 56 -7.99 10.23 -19.49
N PRO D 65 -14.27 14.71 -23.49
CA PRO D 65 -13.20 13.79 -23.05
C PRO D 65 -13.70 12.81 -21.99
N ILE D 66 -14.08 11.60 -22.41
CA ILE D 66 -14.63 10.60 -21.49
C ILE D 66 -13.55 9.94 -20.60
N PRO D 67 -13.72 9.98 -19.28
CA PRO D 67 -12.83 9.23 -18.37
C PRO D 67 -12.88 7.73 -18.62
N MET D 68 -11.71 7.09 -18.65
CA MET D 68 -11.61 5.65 -18.94
C MET D 68 -10.49 4.99 -18.13
N ALA D 69 -10.70 3.74 -17.74
CA ALA D 69 -9.67 2.93 -17.09
C ALA D 69 -9.87 1.48 -17.52
N GLY D 70 -8.77 0.78 -17.78
CA GLY D 70 -8.83 -0.54 -18.38
C GLY D 70 -7.98 -1.61 -17.72
N ILE D 71 -8.55 -2.81 -17.60
CA ILE D 71 -7.86 -3.99 -17.11
C ILE D 71 -7.73 -4.99 -18.25
N PRO D 72 -6.56 -5.60 -18.46
CA PRO D 72 -6.44 -6.64 -19.48
C PRO D 72 -7.21 -7.92 -19.14
N TYR D 73 -7.68 -8.63 -20.16
CA TYR D 73 -8.54 -9.82 -20.03
C TYR D 73 -7.88 -10.96 -19.25
N HIS D 74 -6.59 -11.16 -19.52
CA HIS D 74 -5.85 -12.28 -18.94
C HIS D 74 -5.64 -12.17 -17.42
N ALA D 75 -5.85 -10.98 -16.85
CA ALA D 75 -5.81 -10.77 -15.41
C ALA D 75 -7.15 -10.33 -14.82
N VAL D 76 -8.26 -10.63 -15.49
CA VAL D 76 -9.56 -10.15 -15.04
C VAL D 76 -9.91 -10.67 -13.65
N GLU D 77 -9.50 -11.90 -13.35
CA GLU D 77 -9.82 -12.53 -12.07
C GLU D 77 -8.98 -11.96 -10.94
N ASN D 78 -7.72 -11.62 -11.22
CA ASN D 78 -6.89 -10.99 -10.20
C ASN D 78 -7.49 -9.66 -9.73
N TYR D 79 -7.91 -8.83 -10.69
CA TYR D 79 -8.44 -7.50 -10.41
C TYR D 79 -9.89 -7.53 -9.91
N LEU D 80 -10.63 -8.59 -10.21
CA LEU D 80 -11.96 -8.76 -9.63
C LEU D 80 -11.82 -9.03 -8.14
N ALA D 81 -10.81 -9.83 -7.79
CA ALA D 81 -10.52 -10.18 -6.40
C ALA D 81 -10.02 -8.99 -5.59
N LYS D 82 -9.39 -8.01 -6.24
CA LYS D 82 -8.88 -6.82 -5.56
C LYS D 82 -10.03 -5.88 -5.23
N LEU D 83 -10.95 -5.72 -6.17
CA LEU D 83 -12.13 -4.87 -5.97
C LEU D 83 -13.10 -5.48 -4.96
N VAL D 84 -13.24 -6.80 -5.02
CA VAL D 84 -14.15 -7.54 -4.15
C VAL D 84 -13.62 -7.56 -2.71
N ASN D 85 -12.31 -7.50 -2.57
CA ASN D 85 -11.65 -7.40 -1.26
C ASN D 85 -11.86 -6.02 -0.60
N GLN D 86 -12.26 -5.02 -1.38
CA GLN D 86 -12.54 -3.67 -0.87
C GLN D 86 -14.04 -3.31 -0.88
N GLY D 87 -14.89 -4.34 -1.00
CA GLY D 87 -16.33 -4.17 -0.82
C GLY D 87 -17.11 -3.86 -2.09
N GLU D 88 -16.48 -3.97 -3.25
CA GLU D 88 -17.12 -3.59 -4.51
C GLU D 88 -17.74 -4.79 -5.23
N SER D 89 -19.02 -4.67 -5.53
CA SER D 89 -19.65 -5.55 -6.51
C SER D 89 -19.18 -5.09 -7.88
N VAL D 90 -19.20 -6.00 -8.86
CA VAL D 90 -18.71 -5.71 -10.20
C VAL D 90 -19.50 -6.48 -11.27
N ALA D 91 -20.06 -5.74 -12.22
CA ALA D 91 -20.75 -6.33 -13.35
C ALA D 91 -19.82 -6.33 -14.57
N ILE D 92 -19.76 -7.46 -15.28
CA ILE D 92 -19.04 -7.58 -16.56
C ILE D 92 -20.05 -7.60 -17.73
N CYS D 93 -19.74 -6.86 -18.79
CA CYS D 93 -20.64 -6.70 -19.94
C CYS D 93 -19.95 -7.18 -21.23
N GLU D 94 -20.32 -8.37 -21.70
CA GLU D 94 -19.66 -9.00 -22.85
C GLU D 94 -20.54 -8.87 -24.10
N GLN D 95 -20.05 -9.40 -25.23
CA GLN D 95 -20.77 -9.30 -26.51
C GLN D 95 -21.85 -10.37 -26.64
N VAL D 106 -22.83 -4.65 -32.41
CA VAL D 106 -22.73 -5.95 -31.74
C VAL D 106 -23.42 -5.88 -30.36
N GLU D 107 -24.46 -6.71 -30.18
CA GLU D 107 -25.28 -6.66 -28.96
C GLU D 107 -24.50 -7.07 -27.70
N ARG D 108 -24.74 -6.33 -26.60
CA ARG D 108 -24.11 -6.62 -25.31
C ARG D 108 -25.13 -6.79 -24.17
N LYS D 109 -24.66 -7.41 -23.09
CA LYS D 109 -25.49 -7.70 -21.93
C LYS D 109 -24.63 -8.06 -20.73
N VAL D 110 -25.08 -7.69 -19.53
CA VAL D 110 -24.38 -8.05 -18.31
C VAL D 110 -24.51 -9.55 -18.09
N VAL D 111 -23.42 -10.26 -18.35
CA VAL D 111 -23.39 -11.72 -18.34
C VAL D 111 -22.81 -12.33 -17.04
N ARG D 112 -22.14 -11.52 -16.24
CA ARG D 112 -21.58 -11.98 -14.96
C ARG D 112 -21.62 -10.87 -13.90
N ILE D 113 -21.78 -11.28 -12.65
CA ILE D 113 -21.67 -10.38 -11.49
C ILE D 113 -21.03 -11.10 -10.31
N VAL D 114 -20.02 -10.47 -9.72
CA VAL D 114 -19.43 -10.95 -8.47
C VAL D 114 -19.72 -9.92 -7.38
N THR D 115 -20.32 -10.36 -6.28
CA THR D 115 -20.44 -9.55 -5.08
C THR D 115 -19.51 -10.12 -4.01
N PRO D 116 -18.98 -9.25 -3.15
CA PRO D 116 -17.95 -9.65 -2.16
C PRO D 116 -18.32 -10.78 -1.20
N GLY D 117 -19.55 -10.75 -0.67
CA GLY D 117 -20.03 -11.75 0.26
C GLY D 117 -20.53 -13.05 -0.35
N THR D 118 -20.57 -13.15 -1.69
CA THR D 118 -21.07 -14.36 -2.34
C THR D 118 -20.16 -15.01 -3.40
N ILE D 119 -18.87 -14.64 -3.42
CA ILE D 119 -17.89 -15.36 -4.25
C ILE D 119 -17.57 -16.73 -3.66
N SER D 120 -17.25 -17.67 -4.55
CA SER D 120 -16.86 -19.02 -4.15
C SER D 120 -15.72 -19.57 -5.01
N ASP D 121 -15.17 -18.74 -5.89
CA ASP D 121 -14.10 -19.14 -6.79
C ASP D 121 -12.76 -18.96 -6.10
N GLU D 122 -11.97 -20.03 -6.09
CA GLU D 122 -10.63 -20.05 -5.50
C GLU D 122 -9.68 -18.88 -5.88
N ALA D 123 -9.82 -18.35 -7.09
CA ALA D 123 -9.04 -17.18 -7.53
C ALA D 123 -9.42 -15.91 -6.77
N LEU D 124 -10.72 -15.76 -6.48
CA LEU D 124 -11.24 -14.57 -5.82
C LEU D 124 -11.23 -14.65 -4.29
N LEU D 125 -10.89 -15.81 -3.73
CA LEU D 125 -10.90 -16.01 -2.27
C LEU D 125 -9.48 -16.14 -1.71
N GLN D 126 -9.31 -15.66 -0.49
CA GLN D 126 -8.11 -15.90 0.30
C GLN D 126 -8.27 -17.22 1.08
N GLU D 127 -7.22 -18.02 1.02
CA GLU D 127 -7.24 -19.39 1.52
C GLU D 127 -7.63 -19.52 3.00
N ARG D 128 -7.07 -18.63 3.82
CA ARG D 128 -7.09 -18.78 5.29
C ARG D 128 -7.86 -17.67 5.99
N GLN D 129 -8.74 -17.00 5.26
CA GLN D 129 -9.62 -15.95 5.81
C GLN D 129 -11.04 -16.31 5.46
N ASP D 130 -11.93 -16.24 6.45
CA ASP D 130 -13.36 -16.40 6.19
C ASP D 130 -13.83 -15.21 5.36
N ASN D 131 -14.93 -15.39 4.65
CA ASN D 131 -15.49 -14.34 3.82
C ASN D 131 -17.01 -14.37 3.93
N LEU D 132 -17.56 -13.51 4.79
CA LEU D 132 -18.99 -13.57 5.10
C LEU D 132 -19.90 -12.55 4.40
N LEU D 133 -21.07 -13.01 3.97
CA LEU D 133 -22.22 -12.14 3.73
C LEU D 133 -22.91 -11.93 5.06
N ALA D 134 -23.43 -10.73 5.28
CA ALA D 134 -24.18 -10.44 6.50
C ALA D 134 -25.34 -9.47 6.29
N ALA D 135 -26.40 -9.62 7.10
CA ALA D 135 -27.54 -8.71 7.09
C ALA D 135 -27.81 -8.20 8.50
N ILE D 136 -28.20 -6.93 8.62
CA ILE D 136 -28.47 -6.29 9.91
C ILE D 136 -29.76 -5.48 9.86
N TRP D 137 -30.54 -5.45 10.95
CA TRP D 137 -31.70 -4.57 11.01
C TRP D 137 -32.24 -4.32 12.43
N GLN D 138 -33.11 -3.32 12.56
CA GLN D 138 -33.49 -2.78 13.87
C GLN D 138 -35.00 -2.68 14.13
N ASP D 139 -35.46 -3.47 15.10
CA ASP D 139 -36.78 -3.35 15.72
C ASP D 139 -36.78 -2.21 16.73
N SER D 140 -37.97 -1.87 17.20
CA SER D 140 -38.13 -1.11 18.44
C SER D 140 -37.68 -1.95 19.64
N LYS D 141 -37.86 -3.27 19.54
CA LYS D 141 -37.41 -4.21 20.57
C LYS D 141 -35.90 -4.42 20.63
N GLY D 142 -35.22 -4.44 19.48
CA GLY D 142 -33.77 -4.69 19.46
C GLY D 142 -33.19 -4.95 18.07
N PHE D 143 -32.09 -5.72 18.02
CA PHE D 143 -31.37 -5.94 16.77
C PHE D 143 -31.61 -7.32 16.17
N GLY D 144 -31.32 -7.45 14.87
CA GLY D 144 -31.29 -8.73 14.18
C GLY D 144 -30.01 -8.81 13.34
N TYR D 145 -29.31 -9.93 13.42
CA TYR D 145 -28.08 -10.14 12.66
C TYR D 145 -28.03 -11.55 12.09
N ALA D 146 -27.33 -11.73 10.98
CA ALA D 146 -27.16 -13.05 10.36
C ALA D 146 -25.94 -13.07 9.46
N THR D 147 -25.09 -14.08 9.62
CA THR D 147 -23.94 -14.26 8.73
C THR D 147 -24.14 -15.48 7.84
N LEU D 148 -23.43 -15.50 6.72
CA LEU D 148 -23.39 -16.68 5.88
C LEU D 148 -22.01 -16.82 5.27
N ASP D 149 -21.45 -18.00 5.44
CA ASP D 149 -20.30 -18.41 4.66
C ASP D 149 -20.88 -19.19 3.51
N ILE D 150 -20.93 -18.59 2.32
CA ILE D 150 -21.57 -19.21 1.17
C ILE D 150 -20.84 -20.46 0.65
N SER D 151 -19.58 -20.64 1.03
CA SER D 151 -18.83 -21.86 0.68
C SER D 151 -19.13 -23.03 1.60
N SER D 152 -18.95 -22.81 2.90
CA SER D 152 -19.17 -23.87 3.88
C SER D 152 -20.67 -24.19 4.10
N GLY D 153 -21.55 -23.22 3.84
CA GLY D 153 -22.95 -23.32 4.23
C GLY D 153 -23.27 -22.84 5.64
N ARG D 154 -22.25 -22.41 6.37
CA ARG D 154 -22.36 -21.99 7.76
C ARG D 154 -23.22 -20.75 7.88
N PHE D 155 -24.43 -20.94 8.39
CA PHE D 155 -25.47 -19.92 8.51
C PHE D 155 -25.72 -19.69 9.99
N ARG D 156 -25.57 -18.46 10.45
CA ARG D 156 -25.72 -18.11 11.86
C ARG D 156 -26.63 -16.89 12.03
N LEU D 157 -27.50 -16.88 13.03
CA LEU D 157 -28.22 -15.68 13.41
C LEU D 157 -28.10 -15.35 14.89
N SER D 158 -28.37 -14.08 15.22
CA SER D 158 -28.35 -13.58 16.60
C SER D 158 -29.32 -12.41 16.79
N GLU D 159 -29.50 -11.99 18.03
CA GLU D 159 -30.33 -10.83 18.36
C GLU D 159 -29.65 -10.01 19.45
N PRO D 160 -28.53 -9.38 19.14
CA PRO D 160 -27.79 -8.61 20.14
C PRO D 160 -28.69 -7.66 20.92
N ALA D 161 -28.47 -7.58 22.23
CA ALA D 161 -29.39 -6.89 23.13
C ALA D 161 -29.27 -5.37 23.05
N ASP D 162 -28.11 -4.88 22.60
CA ASP D 162 -27.87 -3.43 22.52
C ASP D 162 -26.77 -3.03 21.54
N ARG D 163 -26.54 -1.74 21.49
CA ARG D 163 -25.58 -1.12 20.58
C ARG D 163 -24.16 -1.72 20.67
N GLU D 164 -23.64 -1.84 21.89
CA GLU D 164 -22.23 -2.23 22.10
C GLU D 164 -21.97 -3.71 21.76
N THR D 165 -22.94 -4.56 22.09
CA THR D 165 -22.92 -5.99 21.74
C THR D 165 -23.04 -6.24 20.23
N MET D 166 -23.75 -5.35 19.54
CA MET D 166 -23.96 -5.45 18.10
C MET D 166 -22.72 -4.96 17.35
N ALA D 167 -22.05 -3.95 17.90
CA ALA D 167 -20.78 -3.47 17.36
C ALA D 167 -19.69 -4.51 17.60
N ALA D 168 -19.88 -5.32 18.65
CA ALA D 168 -18.96 -6.38 19.01
C ALA D 168 -19.09 -7.56 18.04
N GLU D 169 -20.31 -7.94 17.69
CA GLU D 169 -20.53 -9.02 16.73
C GLU D 169 -20.10 -8.57 15.33
N LEU D 170 -20.17 -7.28 15.04
CA LEU D 170 -19.76 -6.74 13.75
C LEU D 170 -18.26 -6.76 13.59
N GLN D 171 -17.53 -6.41 14.64
CA GLN D 171 -16.08 -6.45 14.62
C GLN D 171 -15.58 -7.88 14.40
N ARG D 172 -16.17 -8.81 15.13
CA ARG D 172 -15.77 -10.22 15.15
C ARG D 172 -16.05 -10.98 13.88
N THR D 173 -17.26 -10.83 13.35
CA THR D 173 -17.68 -11.53 12.13
C THR D 173 -17.03 -10.91 10.89
N ASN D 174 -16.83 -9.60 10.94
CA ASN D 174 -16.13 -8.87 9.88
C ASN D 174 -16.64 -9.22 8.48
N PRO D 175 -17.91 -8.95 8.21
CA PRO D 175 -18.49 -9.27 6.91
C PRO D 175 -17.83 -8.49 5.77
N ALA D 176 -17.65 -9.14 4.63
CA ALA D 176 -17.17 -8.50 3.42
C ALA D 176 -18.29 -7.71 2.71
N GLU D 177 -19.54 -8.00 3.07
CA GLU D 177 -20.72 -7.40 2.46
C GLU D 177 -21.85 -7.39 3.48
N LEU D 178 -22.48 -6.24 3.68
CA LEU D 178 -23.46 -6.07 4.74
C LEU D 178 -24.79 -5.50 4.25
N LEU D 179 -25.80 -6.36 4.13
CA LEU D 179 -27.16 -5.93 3.85
C LEU D 179 -27.72 -5.22 5.09
N TYR D 180 -28.42 -4.10 4.86
CA TYR D 180 -29.00 -3.30 5.94
C TYR D 180 -30.26 -2.55 5.47
N ALA D 181 -31.20 -2.34 6.38
CA ALA D 181 -32.50 -1.76 6.04
C ALA D 181 -32.38 -0.28 5.66
N GLU D 182 -33.37 0.21 4.92
CA GLU D 182 -33.48 1.62 4.55
C GLU D 182 -33.55 2.52 5.80
N ASP D 183 -34.40 2.13 6.74
CA ASP D 183 -34.69 2.92 7.93
C ASP D 183 -33.78 2.64 9.13
N PHE D 184 -32.58 2.13 8.87
CA PHE D 184 -31.64 1.82 9.95
C PHE D 184 -31.30 3.11 10.71
N ALA D 185 -31.71 3.18 11.97
CA ALA D 185 -31.51 4.36 12.79
C ALA D 185 -30.07 4.50 13.27
N GLU D 186 -29.50 3.38 13.75
CA GLU D 186 -28.17 3.38 14.35
C GLU D 186 -27.10 3.23 13.28
N MET D 187 -26.99 4.23 12.39
CA MET D 187 -26.14 4.14 11.21
C MET D 187 -24.67 4.30 11.55
N SER D 188 -24.38 4.85 12.73
CA SER D 188 -23.00 4.99 13.18
C SER D 188 -22.33 3.63 13.40
N LEU D 189 -23.14 2.58 13.63
CA LEU D 189 -22.62 1.22 13.78
C LEU D 189 -21.90 0.70 12.55
N ILE D 190 -22.41 1.05 11.38
CA ILE D 190 -21.99 0.43 10.12
C ILE D 190 -21.46 1.41 9.03
N GLU D 191 -21.37 2.69 9.34
CA GLU D 191 -21.13 3.73 8.33
C GLU D 191 -19.81 3.59 7.57
N GLY D 192 -18.74 3.29 8.30
CA GLY D 192 -17.41 3.23 7.72
C GLY D 192 -17.12 1.94 6.97
N ARG D 193 -17.91 0.89 7.24
CA ARG D 193 -17.69 -0.44 6.68
C ARG D 193 -17.79 -0.52 5.15
N ARG D 194 -17.00 -1.44 4.59
CA ARG D 194 -17.05 -1.75 3.16
C ARG D 194 -18.27 -2.60 2.86
N GLY D 195 -18.63 -2.66 1.58
CA GLY D 195 -19.67 -3.56 1.10
C GLY D 195 -21.05 -3.32 1.66
N LEU D 196 -21.39 -2.06 1.95
CA LEU D 196 -22.71 -1.70 2.46
C LEU D 196 -23.71 -1.73 1.34
N ARG D 197 -24.82 -2.43 1.57
CA ARG D 197 -25.85 -2.65 0.56
C ARG D 197 -27.21 -2.25 1.14
N ARG D 198 -27.68 -1.04 0.81
CA ARG D 198 -28.97 -0.55 1.26
C ARG D 198 -30.09 -1.36 0.61
N ARG D 199 -31.05 -1.81 1.41
CA ARG D 199 -32.15 -2.66 0.90
C ARG D 199 -33.52 -2.15 1.36
N PRO D 200 -34.56 -2.47 0.59
CA PRO D 200 -35.94 -2.14 0.97
C PRO D 200 -36.39 -2.81 2.26
N LEU D 201 -37.34 -2.19 2.96
CA LEU D 201 -37.83 -2.73 4.23
C LEU D 201 -38.69 -4.00 4.05
N TRP D 202 -39.31 -4.18 2.88
CA TRP D 202 -40.11 -5.39 2.61
C TRP D 202 -39.25 -6.66 2.50
N GLU D 203 -37.94 -6.51 2.32
CA GLU D 203 -37.01 -7.64 2.31
C GLU D 203 -36.75 -8.20 3.71
N PHE D 204 -37.10 -7.43 4.74
CA PHE D 204 -37.03 -7.87 6.13
C PHE D 204 -38.43 -8.14 6.72
N GLU D 205 -39.36 -8.57 5.87
CA GLU D 205 -40.71 -8.92 6.35
C GLU D 205 -40.66 -10.36 6.84
N ILE D 206 -41.27 -10.62 8.00
CA ILE D 206 -41.03 -11.85 8.73
C ILE D 206 -41.79 -13.10 8.27
N ASP D 207 -43.03 -12.97 7.82
CA ASP D 207 -43.76 -14.13 7.29
C ASP D 207 -43.08 -14.66 6.02
N THR D 208 -42.70 -13.75 5.13
CA THR D 208 -41.91 -14.10 3.94
C THR D 208 -40.54 -14.71 4.28
N ALA D 209 -39.94 -14.26 5.38
CA ALA D 209 -38.64 -14.78 5.80
C ALA D 209 -38.74 -16.24 6.26
N ARG D 210 -39.77 -16.55 7.03
CA ARG D 210 -40.01 -17.92 7.49
C ARG D 210 -40.28 -18.86 6.33
N GLN D 211 -41.13 -18.41 5.41
CA GLN D 211 -41.53 -19.23 4.28
C GLN D 211 -40.29 -19.59 3.47
N GLN D 212 -39.52 -18.58 3.08
CA GLN D 212 -38.35 -18.81 2.25
C GLN D 212 -37.34 -19.69 2.97
N LEU D 213 -37.17 -19.50 4.28
CA LEU D 213 -36.17 -20.26 5.06
C LEU D 213 -36.57 -21.73 5.23
N ASN D 214 -37.83 -21.97 5.57
CA ASN D 214 -38.36 -23.32 5.66
C ASN D 214 -38.21 -24.08 4.33
N LEU D 215 -38.45 -23.41 3.21
CA LEU D 215 -38.36 -24.05 1.91
C LEU D 215 -36.88 -24.34 1.53
N GLN D 216 -35.97 -23.49 1.98
CA GLN D 216 -34.54 -23.74 1.77
C GLN D 216 -34.07 -24.94 2.58
N PHE D 217 -34.73 -25.20 3.72
CA PHE D 217 -34.27 -26.22 4.66
C PHE D 217 -35.07 -27.49 4.57
N GLY D 218 -36.12 -27.50 3.76
CA GLY D 218 -37.00 -28.65 3.69
C GLY D 218 -37.86 -28.88 4.92
N THR D 219 -38.00 -27.86 5.76
CA THR D 219 -38.72 -27.98 7.04
C THR D 219 -40.10 -27.35 7.00
N ARG D 220 -40.89 -27.63 8.03
CA ARG D 220 -42.22 -27.04 8.19
C ARG D 220 -42.15 -25.86 9.18
N ASP D 221 -41.41 -26.05 10.27
CA ASP D 221 -41.05 -24.95 11.16
C ASP D 221 -39.53 -24.95 11.43
N LEU D 222 -39.05 -23.88 12.05
CA LEU D 222 -37.63 -23.75 12.33
C LEU D 222 -37.21 -24.25 13.72
N VAL D 223 -38.12 -24.96 14.39
CA VAL D 223 -37.92 -25.50 15.75
C VAL D 223 -36.65 -26.33 15.87
N GLY D 224 -36.41 -27.20 14.92
CA GLY D 224 -35.24 -28.06 14.95
C GLY D 224 -33.89 -27.33 14.90
N PHE D 225 -33.89 -26.10 14.39
CA PHE D 225 -32.69 -25.25 14.36
C PHE D 225 -32.61 -24.28 15.54
N GLY D 226 -33.64 -24.30 16.39
CA GLY D 226 -33.64 -23.59 17.65
C GLY D 226 -33.89 -22.09 17.52
N VAL D 227 -34.48 -21.68 16.39
CA VAL D 227 -34.65 -20.26 16.09
C VAL D 227 -36.10 -19.90 15.75
N GLU D 228 -37.04 -20.80 16.03
CA GLU D 228 -38.44 -20.56 15.68
C GLU D 228 -38.97 -19.29 16.35
N ASN D 229 -38.46 -18.97 17.54
CA ASN D 229 -38.93 -17.80 18.32
C ASN D 229 -37.94 -16.60 18.35
N ALA D 230 -37.29 -16.37 17.22
CA ALA D 230 -36.27 -15.32 17.11
C ALA D 230 -36.58 -14.41 15.93
N PRO D 231 -37.76 -13.79 15.93
CA PRO D 231 -38.23 -13.05 14.74
C PRO D 231 -37.22 -12.03 14.19
N ARG D 232 -36.62 -11.21 15.05
CA ARG D 232 -35.60 -10.26 14.61
C ARG D 232 -34.47 -10.91 13.82
N GLY D 233 -34.00 -12.07 14.30
CA GLY D 233 -32.93 -12.79 13.67
C GLY D 233 -33.27 -13.35 12.30
N LEU D 234 -34.48 -13.89 12.18
CA LEU D 234 -34.99 -14.49 10.96
C LEU D 234 -35.20 -13.46 9.86
N CYS D 235 -35.60 -12.25 10.25
CA CYS D 235 -35.77 -11.16 9.29
C CYS D 235 -34.47 -10.88 8.58
N ALA D 236 -33.38 -10.85 9.33
CA ALA D 236 -32.06 -10.62 8.75
C ALA D 236 -31.62 -11.80 7.89
N ALA D 237 -31.89 -13.01 8.36
CA ALA D 237 -31.51 -14.24 7.65
C ALA D 237 -32.33 -14.45 6.37
N GLY D 238 -33.52 -13.89 6.33
CA GLY D 238 -34.39 -14.01 5.18
C GLY D 238 -33.93 -13.10 4.06
N CYS D 239 -33.53 -11.89 4.44
CA CYS D 239 -33.02 -10.90 3.49
C CYS D 239 -31.72 -11.41 2.94
N LEU D 240 -30.89 -11.94 3.82
CA LEU D 240 -29.61 -12.50 3.47
C LEU D 240 -29.78 -13.61 2.44
N LEU D 241 -30.77 -14.46 2.65
CA LEU D 241 -30.93 -15.67 1.82
C LEU D 241 -31.39 -15.25 0.44
N GLN D 242 -32.42 -14.41 0.39
CA GLN D 242 -32.91 -13.86 -0.87
C GLN D 242 -31.80 -13.20 -1.68
N TYR D 243 -30.91 -12.47 -1.02
CA TYR D 243 -29.85 -11.76 -1.70
C TYR D 243 -28.86 -12.75 -2.29
N ALA D 244 -28.53 -13.77 -1.50
CA ALA D 244 -27.55 -14.78 -1.91
C ALA D 244 -28.04 -15.55 -3.13
N LYS D 245 -29.32 -15.93 -3.08
CA LYS D 245 -30.00 -16.61 -4.18
C LYS D 245 -30.01 -15.75 -5.44
N ASP D 246 -30.46 -14.51 -5.32
CA ASP D 246 -30.52 -13.57 -6.46
C ASP D 246 -29.14 -13.35 -7.10
N THR D 247 -28.13 -13.56 -6.30
CA THR D 247 -26.77 -13.28 -6.68
C THR D 247 -26.19 -14.47 -7.44
N GLN D 248 -26.71 -15.67 -7.15
CA GLN D 248 -26.21 -16.92 -7.75
C GLN D 248 -27.06 -17.44 -8.92
N ARG D 249 -28.38 -17.26 -8.83
CA ARG D 249 -29.33 -17.91 -9.71
C ARG D 249 -29.10 -19.41 -9.80
N THR D 250 -28.77 -20.01 -8.65
CA THR D 250 -28.66 -21.45 -8.50
C THR D 250 -29.30 -21.82 -7.20
N THR D 251 -29.79 -23.04 -7.10
CA THR D 251 -30.09 -23.61 -5.80
C THR D 251 -28.80 -23.61 -4.98
N LEU D 252 -28.98 -23.59 -3.66
CA LEU D 252 -27.87 -23.59 -2.73
C LEU D 252 -28.07 -24.73 -1.75
N PRO D 253 -27.95 -25.97 -2.25
CA PRO D 253 -28.30 -27.17 -1.47
C PRO D 253 -27.40 -27.42 -0.28
N HIS D 254 -26.18 -26.89 -0.32
CA HIS D 254 -25.26 -27.00 0.81
C HIS D 254 -25.64 -26.11 2.01
N ILE D 255 -26.58 -25.18 1.81
CA ILE D 255 -27.14 -24.41 2.92
C ILE D 255 -28.40 -25.07 3.51
N ARG D 256 -28.21 -26.00 4.44
CA ARG D 256 -29.29 -26.87 4.96
C ARG D 256 -29.65 -26.62 6.44
N SER D 257 -28.89 -25.77 7.10
CA SER D 257 -29.01 -25.55 8.53
C SER D 257 -28.85 -24.08 8.91
N ILE D 258 -29.50 -23.67 10.00
CA ILE D 258 -29.16 -22.39 10.65
C ILE D 258 -29.03 -22.54 12.19
N THR D 259 -28.14 -21.76 12.76
CA THR D 259 -27.83 -21.84 14.20
C THR D 259 -27.89 -20.47 14.85
N MET D 260 -28.32 -20.45 16.10
CA MET D 260 -28.45 -19.21 16.84
C MET D 260 -27.38 -19.12 17.92
N GLU D 261 -26.56 -18.09 17.83
CA GLU D 261 -25.59 -17.76 18.85
C GLU D 261 -26.27 -16.91 19.92
N ARG D 262 -26.14 -17.32 21.19
CA ARG D 262 -26.69 -16.56 22.31
C ARG D 262 -25.55 -15.93 23.12
N GLU D 263 -25.85 -14.87 23.86
CA GLU D 263 -24.84 -14.11 24.62
C GLU D 263 -24.10 -14.97 25.65
N GLN D 264 -24.88 -15.74 26.43
CA GLN D 264 -24.36 -16.70 27.42
C GLN D 264 -23.38 -17.74 26.86
N ASP D 265 -23.49 -18.05 25.57
CA ASP D 265 -22.69 -19.10 24.95
C ASP D 265 -21.22 -18.74 24.75
N SER D 266 -20.87 -17.46 24.85
CA SER D 266 -19.50 -17.07 24.59
C SER D 266 -19.04 -15.89 25.43
N ILE D 267 -17.73 -15.68 25.42
CA ILE D 267 -17.09 -14.59 26.13
C ILE D 267 -17.08 -13.40 25.19
N ILE D 268 -17.82 -12.36 25.56
CA ILE D 268 -17.96 -11.16 24.75
C ILE D 268 -16.65 -10.37 24.78
N MET D 269 -16.24 -9.85 23.62
CA MET D 269 -15.09 -8.97 23.53
C MET D 269 -15.39 -7.84 22.55
N ASP D 270 -15.33 -6.61 23.05
CA ASP D 270 -15.45 -5.41 22.22
C ASP D 270 -14.24 -5.30 21.29
N ALA D 271 -14.30 -4.37 20.34
CA ALA D 271 -13.26 -4.20 19.32
C ALA D 271 -11.92 -3.85 19.89
N ALA D 272 -11.91 -2.95 20.87
CA ALA D 272 -10.66 -2.49 21.48
C ALA D 272 -9.92 -3.64 22.14
N THR D 273 -10.66 -4.54 22.78
CA THR D 273 -10.10 -5.68 23.48
C THR D 273 -9.56 -6.71 22.50
N ARG D 274 -10.39 -7.00 21.50
CA ARG D 274 -10.04 -7.90 20.40
C ARG D 274 -8.77 -7.43 19.69
N ARG D 275 -8.61 -6.11 19.60
CA ARG D 275 -7.49 -5.50 18.91
C ARG D 275 -6.26 -5.45 19.78
N ASN D 276 -6.43 -5.24 21.09
CA ASN D 276 -5.32 -5.08 22.02
C ASN D 276 -4.68 -6.43 22.41
N LEU D 277 -5.48 -7.50 22.37
CA LEU D 277 -5.01 -8.86 22.61
C LEU D 277 -4.41 -9.47 21.35
N GLU D 278 -4.55 -8.80 20.22
CA GLU D 278 -3.85 -9.19 19.00
C GLU D 278 -4.07 -10.66 18.66
N ILE D 279 -5.34 -11.04 18.56
CA ILE D 279 -5.71 -12.44 18.34
C ILE D 279 -5.20 -12.96 16.98
N THR D 280 -5.73 -12.43 15.87
CA THR D 280 -5.30 -12.80 14.50
C THR D 280 -4.55 -11.68 13.75
N GLN D 281 -4.66 -10.46 14.28
CA GLN D 281 -4.16 -9.26 13.63
C GLN D 281 -3.44 -8.39 14.64
N ASN D 282 -2.15 -8.13 14.41
CA ASN D 282 -1.38 -7.26 15.29
C ASN D 282 -1.80 -5.80 15.12
N LEU D 283 -1.36 -4.94 16.03
CA LEU D 283 -1.82 -3.55 16.09
C LEU D 283 -1.56 -2.78 14.79
N ALA D 284 -0.49 -3.12 14.07
CA ALA D 284 -0.15 -2.51 12.78
C ALA D 284 -0.83 -3.19 11.57
N GLY D 285 -2.00 -3.81 11.79
CA GLY D 285 -2.75 -4.44 10.72
C GLY D 285 -2.19 -5.73 10.13
N GLY D 286 -0.96 -6.12 10.53
CA GLY D 286 -0.34 -7.34 10.02
C GLY D 286 -0.82 -8.62 10.68
N ALA D 287 -0.31 -9.75 10.19
CA ALA D 287 -0.64 -11.08 10.72
C ALA D 287 0.45 -11.67 11.61
N GLU D 288 1.60 -11.01 11.67
CA GLU D 288 2.74 -11.52 12.41
C GLU D 288 2.66 -11.11 13.89
N ASN D 289 3.25 -11.94 14.76
CA ASN D 289 3.27 -11.70 16.19
C ASN D 289 1.88 -11.58 16.82
N THR D 290 1.00 -12.50 16.43
CA THR D 290 -0.35 -12.61 17.00
C THR D 290 -0.52 -13.96 17.69
N LEU D 291 -1.62 -14.12 18.40
CA LEU D 291 -1.91 -15.40 19.06
C LEU D 291 -2.05 -16.49 18.00
N ALA D 292 -2.66 -16.16 16.87
CA ALA D 292 -2.80 -17.08 15.76
C ALA D 292 -1.44 -17.45 15.15
N SER D 293 -0.50 -16.51 15.07
CA SER D 293 0.80 -16.83 14.48
C SER D 293 1.50 -17.97 15.25
N VAL D 294 1.34 -18.01 16.57
CA VAL D 294 1.92 -19.09 17.38
C VAL D 294 1.04 -20.33 17.42
N LEU D 295 -0.22 -20.17 17.81
CA LEU D 295 -1.15 -21.29 17.97
C LEU D 295 -1.54 -22.01 16.69
N ASP D 296 -1.59 -21.30 15.56
CA ASP D 296 -2.18 -21.84 14.32
C ASP D 296 -1.15 -22.47 13.40
N CYS D 297 -0.87 -23.75 13.64
CA CYS D 297 -0.07 -24.59 12.75
C CYS D 297 -0.90 -25.69 12.10
N THR D 298 -2.19 -25.43 11.90
CA THR D 298 -3.05 -26.38 11.19
C THR D 298 -2.46 -26.68 9.81
N VAL D 299 -2.96 -27.73 9.15
CA VAL D 299 -2.40 -28.18 7.88
C VAL D 299 -3.32 -28.03 6.66
N THR D 300 -4.62 -27.94 6.89
CA THR D 300 -5.58 -27.61 5.83
C THR D 300 -6.02 -26.17 6.01
N PRO D 301 -6.33 -25.46 4.92
CA PRO D 301 -6.88 -24.12 5.03
C PRO D 301 -8.23 -24.09 5.74
N MET D 302 -9.02 -25.16 5.67
CA MET D 302 -10.31 -25.18 6.38
C MET D 302 -10.11 -25.28 7.89
N GLY D 303 -9.01 -25.90 8.30
CA GLY D 303 -8.68 -25.99 9.72
C GLY D 303 -8.25 -24.67 10.32
N SER D 304 -7.38 -23.95 9.61
CA SER D 304 -6.93 -22.62 10.00
C SER D 304 -8.11 -21.65 10.21
N ARG D 305 -9.07 -21.70 9.30
CA ARG D 305 -10.24 -20.84 9.42
C ARG D 305 -11.08 -21.16 10.64
N MET D 306 -11.32 -22.45 10.88
CA MET D 306 -12.03 -22.91 12.06
C MET D 306 -11.31 -22.57 13.37
N LEU D 307 -9.98 -22.56 13.34
CA LEU D 307 -9.21 -22.26 14.55
C LEU D 307 -9.38 -20.79 14.95
N LYS D 308 -9.36 -19.91 13.94
CA LYS D 308 -9.53 -18.47 14.14
C LYS D 308 -10.97 -18.13 14.55
N ARG D 309 -11.94 -18.90 14.08
CA ARG D 309 -13.31 -18.70 14.54
C ARG D 309 -13.43 -18.99 16.04
N TRP D 310 -12.72 -20.02 16.49
CA TRP D 310 -12.69 -20.41 17.90
C TRP D 310 -11.97 -19.38 18.77
N LEU D 311 -10.82 -18.89 18.29
CA LEU D 311 -10.05 -17.90 19.02
C LEU D 311 -10.89 -16.66 19.29
N HIS D 312 -11.70 -16.23 18.31
CA HIS D 312 -12.52 -15.03 18.43
C HIS D 312 -13.85 -15.32 19.10
N MET D 313 -14.17 -16.59 19.34
CA MET D 313 -15.40 -16.95 20.01
C MET D 313 -15.18 -18.07 21.03
N PRO D 314 -14.58 -17.71 22.16
CA PRO D 314 -14.53 -18.61 23.30
C PRO D 314 -15.92 -18.99 23.74
N VAL D 315 -16.10 -20.28 23.99
CA VAL D 315 -17.36 -20.81 24.48
C VAL D 315 -17.26 -21.02 25.98
N ARG D 316 -18.40 -20.94 26.65
CA ARG D 316 -18.45 -20.89 28.11
C ARG D 316 -18.97 -22.17 28.72
N ASP D 317 -19.53 -23.03 27.86
CA ASP D 317 -19.99 -24.36 28.21
C ASP D 317 -18.79 -25.24 28.47
N THR D 318 -18.58 -25.63 29.73
CA THR D 318 -17.41 -26.44 30.06
C THR D 318 -17.51 -27.85 29.50
N ARG D 319 -18.73 -28.32 29.24
CA ARG D 319 -18.92 -29.62 28.60
C ARG D 319 -18.13 -29.71 27.31
N VAL D 320 -18.34 -28.73 26.42
CA VAL D 320 -17.66 -28.68 25.12
C VAL D 320 -16.14 -28.54 25.35
N LEU D 321 -15.78 -27.77 26.36
CA LEU D 321 -14.39 -27.46 26.68
C LEU D 321 -13.61 -28.68 27.19
N LEU D 322 -14.20 -29.44 28.10
CA LEU D 322 -13.58 -30.66 28.60
C LEU D 322 -13.40 -31.68 27.47
N GLU D 323 -14.30 -31.67 26.49
CA GLU D 323 -14.23 -32.60 25.37
C GLU D 323 -13.05 -32.30 24.44
N ARG D 324 -12.74 -31.03 24.28
CA ARG D 324 -11.63 -30.61 23.43
C ARG D 324 -10.30 -30.88 24.13
N GLN D 325 -10.24 -30.58 25.42
CA GLN D 325 -9.12 -30.91 26.28
C GLN D 325 -8.78 -32.39 26.19
N GLN D 326 -9.80 -33.24 26.41
CA GLN D 326 -9.64 -34.68 26.40
C GLN D 326 -9.02 -35.11 25.07
N THR D 327 -9.56 -34.57 23.99
CA THR D 327 -9.09 -34.87 22.64
C THR D 327 -7.64 -34.43 22.42
N ILE D 328 -7.28 -33.29 23.00
CA ILE D 328 -5.94 -32.72 22.87
C ILE D 328 -4.89 -33.59 23.56
N GLY D 329 -5.26 -34.22 24.67
CA GLY D 329 -4.35 -35.07 25.41
C GLY D 329 -4.30 -36.49 24.87
N ALA D 330 -5.40 -36.94 24.28
CA ALA D 330 -5.50 -38.30 23.77
C ALA D 330 -4.77 -38.43 22.43
N LEU D 331 -4.72 -37.32 21.69
CA LEU D 331 -4.05 -37.28 20.39
C LEU D 331 -2.58 -36.89 20.48
N GLN D 332 -2.01 -36.84 21.69
CA GLN D 332 -0.60 -36.45 21.90
C GLN D 332 0.37 -37.23 21.01
N ASP D 333 0.31 -38.56 21.11
CA ASP D 333 1.22 -39.48 20.41
C ASP D 333 0.79 -39.83 18.97
N PHE D 334 -0.14 -39.07 18.40
CA PHE D 334 -0.71 -39.35 17.09
C PHE D 334 -0.60 -38.21 16.09
N THR D 335 0.00 -37.08 16.49
CA THR D 335 0.06 -35.88 15.63
C THR D 335 1.13 -35.96 14.55
N ALA D 336 2.24 -36.64 14.82
CA ALA D 336 3.28 -36.81 13.80
C ALA D 336 2.73 -37.71 12.69
N GLY D 337 1.95 -38.71 13.08
CA GLY D 337 1.35 -39.64 12.14
C GLY D 337 0.26 -39.03 11.28
N LEU D 338 -0.51 -38.10 11.86
CA LEU D 338 -1.77 -37.63 11.25
C LEU D 338 -1.62 -36.39 10.38
N GLN D 339 -0.71 -35.50 10.74
CA GLN D 339 -0.62 -34.20 10.09
C GLN D 339 -0.17 -34.27 8.61
N PRO D 340 0.83 -35.07 8.25
CA PRO D 340 1.12 -35.28 6.82
C PRO D 340 -0.06 -35.80 6.00
N VAL D 341 -0.82 -36.72 6.57
CA VAL D 341 -2.00 -37.28 5.91
C VAL D 341 -3.13 -36.25 5.80
N LEU D 342 -3.43 -35.55 6.90
CA LEU D 342 -4.45 -34.51 6.89
C LEU D 342 -4.09 -33.39 5.92
N ARG D 343 -2.82 -33.02 5.83
CA ARG D 343 -2.37 -32.00 4.87
C ARG D 343 -2.94 -32.26 3.47
N GLN D 344 -2.88 -33.51 3.06
CA GLN D 344 -3.24 -33.95 1.71
C GLN D 344 -4.74 -33.93 1.46
N VAL D 345 -5.52 -33.88 2.53
CA VAL D 345 -6.97 -33.71 2.44
C VAL D 345 -7.31 -32.36 1.82
N GLY D 346 -6.50 -31.34 2.14
CA GLY D 346 -6.65 -30.03 1.58
C GLY D 346 -7.95 -29.35 1.99
N ASP D 347 -8.32 -28.34 1.21
CA ASP D 347 -9.51 -27.56 1.47
C ASP D 347 -10.79 -28.21 0.93
N LEU D 348 -11.16 -29.36 1.48
CA LEU D 348 -12.36 -30.07 1.04
C LEU D 348 -13.66 -29.24 1.22
N GLU D 349 -13.66 -28.32 2.16
CA GLU D 349 -14.81 -27.45 2.40
C GLU D 349 -15.15 -26.55 1.21
N ARG D 350 -14.17 -25.81 0.70
CA ARG D 350 -14.41 -24.91 -0.42
C ARG D 350 -14.61 -25.64 -1.75
N ILE D 351 -14.06 -26.84 -1.84
CA ILE D 351 -14.19 -27.67 -3.04
C ILE D 351 -15.60 -28.22 -3.10
N LEU D 352 -16.17 -28.58 -1.96
CA LEU D 352 -17.55 -29.03 -1.91
C LEU D 352 -18.57 -27.96 -2.28
N ALA D 353 -18.24 -26.70 -2.03
CA ALA D 353 -19.10 -25.59 -2.41
C ALA D 353 -19.28 -25.55 -3.92
N ARG D 354 -18.17 -25.72 -4.63
CA ARG D 354 -18.20 -25.73 -6.09
C ARG D 354 -18.90 -26.98 -6.67
N LEU D 355 -18.91 -28.07 -5.94
CA LEU D 355 -19.72 -29.23 -6.31
C LEU D 355 -21.22 -28.92 -6.15
N ALA D 356 -21.57 -28.21 -5.08
CA ALA D 356 -22.95 -27.80 -4.83
C ALA D 356 -23.49 -26.78 -5.84
N LEU D 357 -22.60 -25.97 -6.41
CA LEU D 357 -22.98 -24.91 -7.35
C LEU D 357 -22.77 -25.34 -8.80
N ARG D 358 -22.23 -26.54 -8.99
CA ARG D 358 -21.90 -27.11 -10.30
C ARG D 358 -20.81 -26.35 -11.05
N THR D 359 -19.95 -25.63 -10.32
CA THR D 359 -18.84 -24.90 -10.91
C THR D 359 -17.48 -25.58 -10.73
N ALA D 360 -17.50 -26.78 -10.15
CA ALA D 360 -16.26 -27.50 -9.82
C ALA D 360 -15.48 -27.86 -11.10
N ARG D 361 -14.18 -27.64 -11.07
CA ARG D 361 -13.33 -27.88 -12.22
C ARG D 361 -12.51 -29.16 -12.01
N PRO D 362 -11.90 -29.72 -13.07
CA PRO D 362 -11.24 -31.02 -12.97
C PRO D 362 -10.24 -31.17 -11.82
N ARG D 363 -9.50 -30.12 -11.50
CA ARG D 363 -8.61 -30.20 -10.35
C ARG D 363 -9.39 -30.22 -9.02
N ASP D 364 -10.51 -29.51 -8.94
CA ASP D 364 -11.41 -29.66 -7.79
C ASP D 364 -11.82 -31.12 -7.56
N LEU D 365 -12.24 -31.81 -8.62
CA LEU D 365 -12.55 -33.23 -8.52
C LEU D 365 -11.30 -34.09 -8.25
N ALA D 366 -10.16 -33.67 -8.76
CA ALA D 366 -8.91 -34.37 -8.51
C ALA D 366 -8.49 -34.27 -7.04
N ARG D 367 -8.70 -33.11 -6.44
CA ARG D 367 -8.38 -32.90 -5.03
C ARG D 367 -9.37 -33.63 -4.11
N MET D 368 -10.63 -33.72 -4.52
CA MET D 368 -11.63 -34.45 -3.75
C MET D 368 -11.27 -35.94 -3.72
N ARG D 369 -10.71 -36.41 -4.83
CA ARG D 369 -10.28 -37.79 -4.98
C ARG D 369 -9.08 -38.06 -4.08
N HIS D 370 -8.11 -37.16 -4.13
CA HIS D 370 -6.91 -37.28 -3.31
C HIS D 370 -7.26 -37.27 -1.82
N ALA D 371 -8.30 -36.54 -1.43
CA ALA D 371 -8.75 -36.51 -0.04
C ALA D 371 -9.42 -37.83 0.35
N PHE D 372 -10.24 -38.39 -0.55
CA PHE D 372 -10.84 -39.70 -0.30
C PHE D 372 -9.78 -40.79 -0.15
N GLN D 373 -8.67 -40.62 -0.87
CA GLN D 373 -7.56 -41.58 -0.83
C GLN D 373 -6.84 -41.59 0.52
N GLN D 374 -7.07 -40.56 1.35
CA GLN D 374 -6.49 -40.46 2.69
C GLN D 374 -7.36 -41.04 3.82
N LEU D 375 -8.66 -41.13 3.62
CA LEU D 375 -9.58 -41.48 4.72
C LEU D 375 -9.37 -42.85 5.37
N PRO D 376 -9.09 -43.89 4.60
CA PRO D 376 -8.69 -45.19 5.18
C PRO D 376 -7.48 -45.15 6.12
N GLU D 377 -6.44 -44.40 5.74
CA GLU D 377 -5.24 -44.26 6.57
C GLU D 377 -5.59 -43.52 7.87
N LEU D 378 -6.32 -42.42 7.75
CA LEU D 378 -6.82 -41.68 8.91
C LEU D 378 -7.73 -42.50 9.82
N ARG D 379 -8.48 -43.44 9.25
CA ARG D 379 -9.36 -44.30 10.04
C ARG D 379 -8.56 -45.27 10.88
N ALA D 380 -7.50 -45.82 10.29
CA ALA D 380 -6.66 -46.80 10.97
C ALA D 380 -5.84 -46.17 12.09
N GLN D 381 -5.37 -44.94 11.86
CA GLN D 381 -4.58 -44.19 12.85
C GLN D 381 -5.41 -43.78 14.07
N LEU D 382 -6.67 -43.43 13.87
CA LEU D 382 -7.54 -42.96 14.96
C LEU D 382 -8.22 -44.11 15.68
N GLU D 383 -8.14 -45.31 15.11
CA GLU D 383 -8.83 -46.49 15.63
C GLU D 383 -8.48 -46.80 17.08
N THR D 384 -7.24 -46.52 17.47
CA THR D 384 -6.71 -46.87 18.79
C THR D 384 -6.88 -45.75 19.81
N VAL D 385 -7.05 -44.51 19.34
CA VAL D 385 -7.14 -43.35 20.23
C VAL D 385 -8.28 -43.52 21.22
N ASP D 386 -7.94 -43.61 22.50
CA ASP D 386 -8.92 -43.74 23.57
C ASP D 386 -9.57 -42.38 23.85
N SER D 387 -10.64 -42.08 23.12
CA SER D 387 -11.34 -40.82 23.32
C SER D 387 -12.65 -40.86 22.53
N ALA D 388 -13.78 -40.76 23.24
CA ALA D 388 -15.10 -40.83 22.60
C ALA D 388 -15.29 -39.75 21.52
N PRO D 389 -14.87 -38.51 21.78
CA PRO D 389 -14.95 -37.47 20.76
C PRO D 389 -14.08 -37.71 19.52
N VAL D 390 -12.88 -38.29 19.66
CA VAL D 390 -12.08 -38.62 18.47
C VAL D 390 -12.80 -39.68 17.65
N GLN D 391 -13.41 -40.66 18.32
CA GLN D 391 -14.05 -41.76 17.61
C GLN D 391 -15.28 -41.30 16.82
N ALA D 392 -15.95 -40.24 17.30
CA ALA D 392 -17.11 -39.68 16.59
C ALA D 392 -16.67 -38.82 15.41
N LEU D 393 -15.58 -38.08 15.55
CA LEU D 393 -14.98 -37.36 14.43
C LEU D 393 -14.50 -38.35 13.37
N ARG D 394 -14.03 -39.51 13.81
CA ARG D 394 -13.52 -40.56 12.92
C ARG D 394 -14.63 -41.17 12.05
N GLU D 395 -15.85 -41.26 12.59
CA GLU D 395 -17.01 -41.73 11.85
C GLU D 395 -17.53 -40.63 10.90
N LYS D 396 -17.90 -39.48 11.45
CA LYS D 396 -18.29 -38.31 10.67
C LYS D 396 -17.40 -38.08 9.44
N MET D 397 -16.11 -38.39 9.61
CA MET D 397 -15.10 -38.34 8.55
C MET D 397 -15.50 -39.17 7.33
N GLY D 398 -16.08 -40.34 7.56
CA GLY D 398 -16.56 -41.21 6.50
C GLY D 398 -15.42 -41.84 5.74
N GLU D 399 -15.75 -42.58 4.67
CA GLU D 399 -14.76 -43.23 3.82
C GLU D 399 -14.99 -42.91 2.33
N PHE D 400 -16.23 -43.11 1.86
CA PHE D 400 -16.62 -42.84 0.48
C PHE D 400 -15.81 -43.63 -0.55
N ALA D 401 -15.63 -44.91 -0.29
CA ALA D 401 -14.80 -45.76 -1.14
C ALA D 401 -15.36 -45.90 -2.56
N GLU D 402 -16.68 -45.83 -2.69
CA GLU D 402 -17.32 -46.00 -4.00
C GLU D 402 -17.08 -44.75 -4.86
N LEU D 403 -17.16 -43.57 -4.26
CA LEU D 403 -16.90 -42.30 -4.98
C LEU D 403 -15.41 -42.08 -5.21
N ARG D 404 -14.58 -42.76 -4.43
CA ARG D 404 -13.13 -42.71 -4.57
C ARG D 404 -12.73 -43.51 -5.80
N ASP D 405 -13.45 -44.61 -6.03
CA ASP D 405 -13.22 -45.49 -7.18
C ASP D 405 -13.71 -44.81 -8.45
N LEU D 406 -14.86 -44.15 -8.36
CA LEU D 406 -15.48 -43.46 -9.49
C LEU D 406 -14.49 -42.48 -10.12
N LEU D 407 -13.93 -41.61 -9.30
CA LEU D 407 -13.00 -40.59 -9.76
C LEU D 407 -11.63 -41.18 -10.09
N GLU D 408 -11.32 -42.33 -9.50
CA GLU D 408 -10.11 -43.08 -9.84
C GLU D 408 -10.20 -43.54 -11.30
N ARG D 409 -11.36 -44.04 -11.70
CA ARG D 409 -11.61 -44.58 -13.03
C ARG D 409 -12.00 -43.50 -14.07
N ALA D 410 -12.51 -42.36 -13.59
CA ALA D 410 -13.13 -41.36 -14.47
C ALA D 410 -12.17 -40.26 -14.89
N ILE D 411 -11.21 -39.93 -14.04
CA ILE D 411 -10.34 -38.78 -14.24
C ILE D 411 -8.87 -39.22 -14.20
N ILE D 412 -8.06 -38.67 -15.10
CA ILE D 412 -6.63 -39.03 -15.17
C ILE D 412 -5.87 -38.49 -13.95
N ASP D 413 -4.61 -38.85 -13.84
CA ASP D 413 -3.84 -38.50 -12.64
C ASP D 413 -3.80 -36.99 -12.35
N THR D 414 -3.50 -36.19 -13.37
CA THR D 414 -3.34 -34.75 -13.19
C THR D 414 -4.02 -33.99 -14.33
N PRO D 415 -5.33 -33.81 -14.24
CA PRO D 415 -6.10 -33.23 -15.34
C PRO D 415 -5.83 -31.75 -15.52
N PRO D 416 -6.16 -31.19 -16.68
CA PRO D 416 -5.98 -29.76 -16.94
C PRO D 416 -6.94 -28.89 -16.13
N VAL D 417 -6.62 -27.60 -16.02
CA VAL D 417 -7.37 -26.67 -15.18
C VAL D 417 -8.86 -26.59 -15.55
N LEU D 418 -9.15 -26.56 -16.85
CA LEU D 418 -10.51 -26.46 -17.38
C LEU D 418 -10.91 -27.75 -18.06
N VAL D 419 -12.21 -28.03 -18.10
CA VAL D 419 -12.78 -29.16 -18.86
C VAL D 419 -12.90 -28.83 -20.34
N ARG D 420 -13.02 -27.54 -20.66
CA ARG D 420 -13.16 -26.99 -22.02
C ARG D 420 -12.48 -27.74 -23.16
N ASP D 421 -11.19 -28.03 -23.00
CA ASP D 421 -10.39 -28.62 -24.07
C ASP D 421 -10.17 -30.13 -23.90
N GLY D 422 -11.04 -30.80 -23.15
CA GLY D 422 -10.94 -32.24 -22.94
C GLY D 422 -9.63 -32.71 -22.31
N GLY D 423 -9.26 -33.96 -22.56
CA GLY D 423 -8.12 -34.59 -21.90
C GLY D 423 -8.25 -34.70 -20.39
N VAL D 424 -9.47 -34.82 -19.87
CA VAL D 424 -9.74 -34.95 -18.43
C VAL D 424 -10.30 -36.32 -18.06
N ILE D 425 -11.09 -36.93 -18.95
CA ILE D 425 -11.61 -38.28 -18.74
C ILE D 425 -10.55 -39.30 -19.11
N ALA D 426 -10.39 -40.32 -18.27
CA ALA D 426 -9.37 -41.35 -18.45
C ALA D 426 -9.82 -42.45 -19.40
N SER D 427 -8.86 -43.23 -19.87
CA SER D 427 -9.13 -44.31 -20.82
C SER D 427 -9.52 -45.56 -20.04
N GLY D 428 -10.54 -46.26 -20.53
CA GLY D 428 -11.10 -47.40 -19.83
C GLY D 428 -12.41 -47.07 -19.14
N TYR D 429 -12.66 -45.78 -18.88
CA TYR D 429 -13.89 -45.35 -18.22
C TYR D 429 -15.13 -45.52 -19.08
N ASN D 430 -15.02 -45.13 -20.36
CA ASN D 430 -16.10 -45.25 -21.33
C ASN D 430 -15.61 -45.91 -22.63
N GLU D 431 -16.37 -46.86 -23.14
CA GLU D 431 -15.99 -47.60 -24.34
C GLU D 431 -16.13 -46.73 -25.60
N GLU D 432 -17.19 -45.93 -25.63
CA GLU D 432 -17.52 -45.07 -26.77
C GLU D 432 -16.41 -44.04 -26.96
N LEU D 433 -15.94 -43.47 -25.86
CA LEU D 433 -14.89 -42.45 -25.86
C LEU D 433 -13.58 -43.03 -26.38
N ASP D 434 -13.21 -44.19 -25.85
CA ASP D 434 -12.01 -44.91 -26.29
C ASP D 434 -12.04 -45.14 -27.80
N GLU D 435 -13.23 -45.41 -28.33
CA GLU D 435 -13.41 -45.70 -29.74
C GLU D 435 -13.08 -44.48 -30.61
N TRP D 436 -13.60 -43.31 -30.24
CA TRP D 436 -13.37 -42.07 -31.02
C TRP D 436 -11.92 -41.60 -30.94
N ARG D 437 -11.28 -41.87 -29.82
CA ARG D 437 -9.89 -41.48 -29.61
C ARG D 437 -8.96 -42.34 -30.45
N ALA D 438 -9.37 -43.58 -30.67
CA ALA D 438 -8.61 -44.55 -31.45
C ALA D 438 -8.68 -44.21 -32.93
N LEU D 439 -9.77 -43.55 -33.33
CA LEU D 439 -9.94 -43.13 -34.71
C LEU D 439 -9.19 -41.82 -34.99
N ALA D 440 -9.17 -40.94 -33.99
CA ALA D 440 -8.48 -39.66 -34.11
C ALA D 440 -6.98 -39.90 -34.13
N ASP D 441 -6.52 -40.80 -33.26
CA ASP D 441 -5.12 -41.24 -33.23
C ASP D 441 -4.71 -41.95 -34.50
N GLY D 442 -5.62 -42.73 -35.09
CA GLY D 442 -5.33 -43.47 -36.30
C GLY D 442 -5.18 -42.54 -37.49
N ALA D 443 -5.92 -41.44 -37.47
CA ALA D 443 -5.91 -40.47 -38.56
C ALA D 443 -4.69 -39.54 -38.46
N THR D 444 -4.30 -39.17 -37.24
CA THR D 444 -3.07 -38.39 -37.03
C THR D 444 -1.84 -39.26 -37.27
N ASP D 445 -1.99 -40.57 -37.05
CA ASP D 445 -0.93 -41.54 -37.34
C ASP D 445 -0.74 -41.66 -38.85
N TYR D 446 -1.85 -41.55 -39.60
CA TYR D 446 -1.79 -41.65 -41.05
C TYR D 446 -1.19 -40.38 -41.68
N LEU D 447 -1.41 -39.24 -41.04
CA LEU D 447 -0.89 -37.97 -41.54
C LEU D 447 0.59 -37.77 -41.18
N GLU D 448 1.05 -38.49 -40.16
CA GLU D 448 2.48 -38.54 -39.84
C GLU D 448 3.21 -39.39 -40.87
N ARG D 449 2.58 -40.50 -41.27
CA ARG D 449 3.09 -41.39 -42.30
C ARG D 449 3.00 -40.75 -43.67
N LEU D 450 2.05 -39.84 -43.83
CA LEU D 450 1.87 -39.09 -45.07
C LEU D 450 3.01 -38.10 -45.27
N GLU D 451 3.47 -37.51 -44.17
CA GLU D 451 4.61 -36.59 -44.20
C GLU D 451 5.90 -37.30 -44.62
N VAL D 452 6.14 -38.47 -44.04
CA VAL D 452 7.35 -39.25 -44.32
C VAL D 452 7.33 -39.85 -45.74
N ARG D 453 6.13 -40.21 -46.21
CA ARG D 453 5.95 -40.81 -47.53
C ARG D 453 6.12 -39.75 -48.62
N GLU D 454 5.52 -38.59 -48.39
CA GLU D 454 5.62 -37.48 -49.34
C GLU D 454 7.03 -36.90 -49.35
N ARG D 455 7.76 -37.06 -48.26
CA ARG D 455 9.10 -36.50 -48.13
C ARG D 455 10.16 -37.34 -48.86
N GLU D 456 9.98 -38.66 -48.88
CA GLU D 456 10.87 -39.52 -49.65
C GLU D 456 10.56 -39.41 -51.14
N ARG D 457 9.27 -39.29 -51.46
CA ARG D 457 8.79 -39.27 -52.85
C ARG D 457 9.23 -38.00 -53.59
N THR D 458 9.23 -36.86 -52.91
CA THR D 458 9.65 -35.60 -53.51
C THR D 458 11.17 -35.37 -53.40
N GLY D 459 11.79 -35.97 -52.40
CA GLY D 459 13.22 -35.77 -52.13
C GLY D 459 13.51 -34.43 -51.47
N LEU D 460 12.48 -33.84 -50.87
CA LEU D 460 12.54 -32.49 -50.30
C LEU D 460 12.59 -32.56 -48.78
N ASP D 461 13.79 -32.41 -48.22
CA ASP D 461 14.01 -32.64 -46.78
C ASP D 461 13.25 -31.71 -45.82
N THR D 462 12.79 -30.56 -46.30
CA THR D 462 12.08 -29.60 -45.44
C THR D 462 10.58 -29.87 -45.36
N LEU D 463 10.09 -30.75 -46.23
CA LEU D 463 8.67 -31.08 -46.27
C LEU D 463 8.18 -31.55 -44.90
N LYS D 464 7.07 -30.98 -44.45
CA LYS D 464 6.38 -31.43 -43.24
C LYS D 464 4.88 -31.18 -43.35
N VAL D 465 4.14 -31.68 -42.37
CA VAL D 465 2.69 -31.43 -42.26
C VAL D 465 2.44 -30.67 -40.96
N GLY D 466 1.83 -29.50 -41.08
CA GLY D 466 1.39 -28.74 -39.91
C GLY D 466 -0.13 -28.64 -39.84
N PHE D 467 -0.63 -28.03 -38.77
CA PHE D 467 -2.07 -27.77 -38.61
C PHE D 467 -2.33 -26.32 -38.23
N ASN D 468 -3.49 -25.82 -38.64
CA ASN D 468 -3.86 -24.41 -38.52
C ASN D 468 -5.37 -24.25 -38.30
N ALA D 469 -5.80 -23.10 -37.79
CA ALA D 469 -7.23 -22.83 -37.64
C ALA D 469 -7.87 -22.46 -38.99
N VAL D 470 -7.16 -21.64 -39.76
CA VAL D 470 -7.70 -21.03 -40.98
C VAL D 470 -7.60 -21.91 -42.23
N HIS D 471 -6.65 -22.84 -42.21
CA HIS D 471 -6.41 -23.72 -43.35
C HIS D 471 -6.67 -25.19 -43.03
N GLY D 472 -6.77 -25.54 -41.75
CA GLY D 472 -6.77 -26.93 -41.32
C GLY D 472 -5.38 -27.54 -41.50
N TYR D 473 -5.31 -28.80 -41.89
CA TYR D 473 -4.04 -29.45 -42.20
C TYR D 473 -3.47 -28.94 -43.52
N TYR D 474 -2.15 -29.02 -43.65
CA TYR D 474 -1.44 -28.54 -44.83
C TYR D 474 -0.03 -29.11 -44.90
N ILE D 475 0.51 -29.24 -46.11
CA ILE D 475 1.90 -29.64 -46.31
C ILE D 475 2.71 -28.38 -46.49
N GLN D 476 3.75 -28.20 -45.69
CA GLN D 476 4.65 -27.06 -45.85
C GLN D 476 5.97 -27.45 -46.55
N ILE D 477 6.46 -26.58 -47.42
CA ILE D 477 7.77 -26.74 -48.05
C ILE D 477 8.48 -25.41 -47.94
N SER D 478 9.78 -25.42 -47.67
CA SER D 478 10.54 -24.17 -47.56
C SER D 478 10.55 -23.43 -48.90
N ARG D 479 10.77 -22.11 -48.86
CA ARG D 479 10.78 -21.29 -50.08
C ARG D 479 11.79 -21.81 -51.10
N GLY D 480 13.04 -22.00 -50.67
CA GLY D 480 14.10 -22.46 -51.54
C GLY D 480 13.78 -23.74 -52.31
N GLN D 481 13.04 -24.65 -51.67
CA GLN D 481 12.67 -25.92 -52.28
C GLN D 481 11.30 -25.89 -52.94
N SER D 482 10.48 -24.88 -52.62
CA SER D 482 9.06 -24.83 -53.00
C SER D 482 8.75 -25.01 -54.48
N HIS D 483 9.71 -24.67 -55.35
CA HIS D 483 9.51 -24.74 -56.78
C HIS D 483 9.50 -26.18 -57.31
N LEU D 484 10.01 -27.11 -56.52
CA LEU D 484 9.98 -28.53 -56.86
C LEU D 484 8.79 -29.23 -56.24
N ALA D 485 7.77 -28.46 -55.86
CA ALA D 485 6.53 -29.01 -55.31
C ALA D 485 5.81 -29.74 -56.43
N PRO D 486 5.28 -30.93 -56.16
CA PRO D 486 4.55 -31.69 -57.18
C PRO D 486 3.37 -30.90 -57.72
N ILE D 487 3.01 -31.11 -58.99
CA ILE D 487 1.98 -30.30 -59.64
C ILE D 487 0.58 -30.55 -59.08
N ASN D 488 0.39 -31.67 -58.37
CA ASN D 488 -0.89 -31.99 -57.75
C ASN D 488 -1.14 -31.24 -56.42
N TYR D 489 -0.12 -30.55 -55.92
CA TYR D 489 -0.25 -29.69 -54.73
C TYR D 489 -0.93 -28.37 -55.11
N MET D 490 -1.81 -27.88 -54.25
CA MET D 490 -2.51 -26.62 -54.47
C MET D 490 -2.08 -25.58 -53.42
N ARG D 491 -1.49 -24.48 -53.87
CA ARG D 491 -0.96 -23.47 -52.95
C ARG D 491 -2.10 -22.75 -52.23
N ARG D 492 -1.90 -22.48 -50.94
CA ARG D 492 -2.89 -21.80 -50.10
C ARG D 492 -2.33 -20.65 -49.25
N GLN D 493 -1.10 -20.75 -48.79
CA GLN D 493 -0.47 -19.67 -48.02
C GLN D 493 1.03 -19.55 -48.28
N THR D 494 1.47 -18.38 -48.71
CA THR D 494 2.88 -18.06 -48.81
C THR D 494 3.30 -17.33 -47.54
N LEU D 495 4.29 -17.89 -46.84
CA LEU D 495 4.94 -17.21 -45.73
C LEU D 495 6.25 -16.63 -46.25
N LYS D 496 7.00 -16.00 -45.34
CA LYS D 496 8.23 -15.31 -45.70
C LYS D 496 9.26 -16.25 -46.31
N ASN D 497 9.39 -17.44 -45.71
CA ASN D 497 10.33 -18.45 -46.17
C ASN D 497 9.72 -19.84 -46.30
N ALA D 498 8.44 -19.91 -46.67
CA ALA D 498 7.79 -21.19 -46.96
C ALA D 498 6.52 -21.06 -47.83
N GLU D 499 6.02 -22.19 -48.31
CA GLU D 499 4.78 -22.29 -49.09
C GLU D 499 3.96 -23.44 -48.53
N ARG D 500 2.67 -23.23 -48.35
CA ARG D 500 1.83 -24.24 -47.75
C ARG D 500 0.81 -24.69 -48.77
N TYR D 501 0.66 -26.00 -48.93
CA TYR D 501 -0.24 -26.57 -49.93
C TYR D 501 -1.30 -27.49 -49.30
N ILE D 502 -2.38 -27.75 -50.03
CA ILE D 502 -3.33 -28.82 -49.68
C ILE D 502 -3.49 -29.81 -50.85
N ILE D 503 -3.84 -31.05 -50.52
CA ILE D 503 -4.20 -32.08 -51.51
C ILE D 503 -5.48 -32.77 -51.01
N PRO D 504 -6.23 -33.43 -51.89
CA PRO D 504 -7.46 -34.13 -51.46
C PRO D 504 -7.27 -35.09 -50.27
N GLU D 505 -6.12 -35.76 -50.21
CA GLU D 505 -5.77 -36.67 -49.12
C GLU D 505 -5.72 -35.95 -47.78
N LEU D 506 -5.16 -34.74 -47.77
CA LEU D 506 -5.06 -33.94 -46.55
C LEU D 506 -6.43 -33.56 -46.00
N LYS D 507 -7.32 -33.08 -46.86
CA LYS D 507 -8.64 -32.60 -46.41
C LYS D 507 -9.60 -33.75 -46.05
N GLU D 508 -9.23 -34.97 -46.47
CA GLU D 508 -10.01 -36.19 -46.21
C GLU D 508 -9.70 -36.75 -44.81
N TYR D 509 -8.42 -36.74 -44.45
CA TYR D 509 -8.01 -37.19 -43.13
C TYR D 509 -8.10 -36.05 -42.10
N GLU D 510 -8.27 -34.81 -42.58
CA GLU D 510 -8.54 -33.66 -41.70
C GLU D 510 -9.94 -33.78 -41.14
N ASP D 511 -10.89 -34.14 -42.01
CA ASP D 511 -12.26 -34.44 -41.60
C ASP D 511 -12.25 -35.56 -40.56
N LYS D 512 -11.39 -36.55 -40.76
CA LYS D 512 -11.34 -37.71 -39.88
C LYS D 512 -10.94 -37.35 -38.46
N VAL D 513 -9.92 -36.50 -38.30
CA VAL D 513 -9.45 -36.16 -36.95
C VAL D 513 -10.44 -35.20 -36.28
N LEU D 514 -10.90 -34.19 -37.03
CA LEU D 514 -11.70 -33.10 -36.46
C LEU D 514 -13.06 -33.57 -35.94
N THR D 515 -13.72 -34.43 -36.70
CA THR D 515 -15.04 -34.94 -36.32
C THR D 515 -14.95 -35.98 -35.20
N SER D 516 -13.83 -36.71 -35.14
CA SER D 516 -13.56 -37.67 -34.07
C SER D 516 -13.27 -36.95 -32.76
N LYS D 517 -12.34 -35.99 -32.80
CA LYS D 517 -11.97 -35.19 -31.62
C LYS D 517 -13.14 -34.40 -31.03
N GLY D 518 -14.10 -34.04 -31.88
CA GLY D 518 -15.26 -33.26 -31.46
C GLY D 518 -16.35 -34.11 -30.82
N LYS D 519 -16.52 -35.32 -31.33
CA LYS D 519 -17.46 -36.29 -30.75
C LYS D 519 -16.95 -36.77 -29.39
N ALA D 520 -15.62 -36.87 -29.27
CA ALA D 520 -14.97 -37.31 -28.04
C ALA D 520 -14.86 -36.17 -27.03
N LEU D 521 -14.99 -34.94 -27.51
CA LEU D 521 -14.96 -33.76 -26.66
C LEU D 521 -16.33 -33.51 -26.05
N ALA D 522 -17.38 -33.66 -26.85
CA ALA D 522 -18.77 -33.50 -26.38
C ALA D 522 -19.13 -34.62 -25.41
N LEU D 523 -18.48 -35.76 -25.57
CA LEU D 523 -18.71 -36.93 -24.74
C LEU D 523 -18.07 -36.73 -23.38
N GLU D 524 -16.79 -36.37 -23.38
CA GLU D 524 -16.08 -36.02 -22.15
C GLU D 524 -16.86 -35.02 -21.33
N LYS D 525 -17.43 -34.03 -22.00
CA LYS D 525 -18.17 -32.97 -21.33
C LYS D 525 -19.40 -33.57 -20.69
N GLN D 526 -20.09 -34.45 -21.39
CA GLN D 526 -21.29 -35.09 -20.84
C GLN D 526 -20.97 -36.11 -19.73
N LEU D 527 -19.78 -36.71 -19.79
CA LEU D 527 -19.34 -37.65 -18.76
C LEU D 527 -18.92 -36.89 -17.52
N TYR D 528 -18.43 -35.67 -17.73
CA TYR D 528 -18.00 -34.81 -16.64
C TYR D 528 -19.24 -34.37 -15.86
N GLU D 529 -20.27 -33.91 -16.58
CA GLU D 529 -21.53 -33.51 -15.96
C GLU D 529 -22.17 -34.69 -15.21
N GLU D 530 -21.93 -35.90 -15.69
CA GLU D 530 -22.48 -37.10 -15.07
C GLU D 530 -21.84 -37.36 -13.70
N LEU D 531 -20.58 -36.95 -13.54
CA LEU D 531 -19.88 -37.11 -12.27
C LEU D 531 -20.53 -36.27 -11.17
N PHE D 532 -21.07 -35.11 -11.54
CA PHE D 532 -21.81 -34.28 -10.59
C PHE D 532 -23.10 -34.96 -10.15
N ASP D 533 -23.76 -35.66 -11.07
CA ASP D 533 -25.01 -36.38 -10.76
C ASP D 533 -24.77 -37.53 -9.77
N LEU D 534 -23.59 -38.12 -9.79
CA LEU D 534 -23.26 -39.24 -8.92
C LEU D 534 -22.67 -38.80 -7.59
N LEU D 535 -22.05 -37.63 -7.54
CA LEU D 535 -21.40 -37.13 -6.33
C LEU D 535 -22.38 -36.40 -5.43
N LEU D 536 -23.24 -35.58 -6.03
CA LEU D 536 -24.18 -34.71 -5.30
C LEU D 536 -25.18 -35.40 -4.35
N PRO D 537 -25.67 -36.60 -4.67
CA PRO D 537 -26.55 -37.32 -3.73
C PRO D 537 -25.94 -37.50 -2.34
N HIS D 538 -24.61 -37.55 -2.27
CA HIS D 538 -23.89 -37.72 -1.01
C HIS D 538 -23.34 -36.40 -0.43
N LEU D 539 -23.78 -35.27 -0.97
CA LEU D 539 -23.29 -33.94 -0.56
C LEU D 539 -23.37 -33.70 0.95
N GLU D 540 -24.51 -34.07 1.56
CA GLU D 540 -24.74 -33.84 3.00
C GLU D 540 -23.70 -34.53 3.86
N ALA D 541 -23.44 -35.80 3.56
CA ALA D 541 -22.42 -36.56 4.29
C ALA D 541 -21.01 -36.06 3.98
N LEU D 542 -20.79 -35.56 2.76
CA LEU D 542 -19.50 -35.01 2.37
C LEU D 542 -19.20 -33.73 3.14
N GLN D 543 -20.25 -32.96 3.43
CA GLN D 543 -20.11 -31.70 4.14
C GLN D 543 -19.72 -31.98 5.59
N GLN D 544 -20.35 -33.02 6.16
CA GLN D 544 -20.02 -33.49 7.51
C GLN D 544 -18.58 -34.02 7.57
N SER D 545 -18.13 -34.69 6.53
CA SER D 545 -16.75 -35.19 6.47
C SER D 545 -15.70 -34.09 6.45
N ALA D 546 -15.93 -33.04 5.68
CA ALA D 546 -14.95 -31.96 5.54
C ALA D 546 -14.87 -31.13 6.81
N SER D 547 -16.02 -30.94 7.45
CA SER D 547 -16.10 -30.22 8.71
C SER D 547 -15.39 -30.97 9.82
N ALA D 548 -15.66 -32.27 9.93
CA ALA D 548 -14.98 -33.14 10.88
C ALA D 548 -13.48 -33.19 10.66
N LEU D 549 -13.07 -33.15 9.40
CA LEU D 549 -11.66 -33.19 9.05
C LEU D 549 -11.00 -31.86 9.41
N ALA D 550 -11.79 -30.79 9.40
CA ALA D 550 -11.31 -29.47 9.76
C ALA D 550 -11.08 -29.40 11.27
N GLU D 551 -12.01 -29.96 12.03
CA GLU D 551 -11.97 -29.94 13.48
C GLU D 551 -10.82 -30.80 13.99
N LEU D 552 -10.61 -31.96 13.36
CA LEU D 552 -9.50 -32.85 13.68
C LEU D 552 -8.21 -32.11 13.48
N ASP D 553 -8.15 -31.37 12.38
CA ASP D 553 -6.99 -30.57 12.05
C ASP D 553 -6.70 -29.54 13.13
N VAL D 554 -7.77 -28.98 13.71
CA VAL D 554 -7.66 -27.98 14.76
C VAL D 554 -7.20 -28.64 16.06
N LEU D 555 -7.91 -29.70 16.47
CA LEU D 555 -7.60 -30.38 17.72
C LEU D 555 -6.22 -31.00 17.72
N VAL D 556 -5.88 -31.71 16.64
CA VAL D 556 -4.52 -32.24 16.42
C VAL D 556 -3.45 -31.14 16.44
N ASN D 557 -3.76 -29.97 15.88
CA ASN D 557 -2.84 -28.83 15.92
C ASN D 557 -2.60 -28.37 17.35
N LEU D 558 -3.69 -28.27 18.11
CA LEU D 558 -3.65 -27.81 19.49
C LEU D 558 -2.96 -28.85 20.40
N ALA D 559 -3.02 -30.11 20.00
CA ALA D 559 -2.38 -31.20 20.73
C ALA D 559 -0.88 -31.16 20.50
N GLU D 560 -0.49 -30.87 19.26
CA GLU D 560 0.90 -30.70 18.92
C GLU D 560 1.44 -29.43 19.57
N ARG D 561 0.59 -28.43 19.75
CA ARG D 561 1.01 -27.16 20.34
C ARG D 561 1.28 -27.33 21.83
N ALA D 562 0.33 -27.94 22.53
CA ALA D 562 0.49 -28.21 23.95
C ALA D 562 1.73 -29.02 24.23
N TYR D 563 1.92 -30.11 23.51
CA TYR D 563 3.09 -30.96 23.72
C TYR D 563 4.39 -30.18 23.45
N THR D 564 4.48 -29.56 22.28
CA THR D 564 5.68 -28.84 21.87
C THR D 564 6.04 -27.64 22.75
N LEU D 565 5.04 -26.93 23.28
CA LEU D 565 5.25 -25.62 23.89
C LEU D 565 5.06 -25.67 25.39
N ASN D 566 5.14 -26.88 25.95
CA ASN D 566 5.01 -27.10 27.39
C ASN D 566 3.77 -26.55 28.03
N TYR D 567 2.62 -26.61 27.35
CA TYR D 567 1.38 -26.16 27.96
C TYR D 567 0.85 -27.20 28.95
N THR D 568 -0.14 -26.82 29.73
CA THR D 568 -0.80 -27.70 30.69
C THR D 568 -2.30 -27.48 30.61
N CYS D 569 -3.06 -28.44 31.14
CA CYS D 569 -4.52 -28.41 31.01
C CYS D 569 -5.16 -27.70 32.20
N PRO D 570 -5.87 -26.61 31.96
CA PRO D 570 -6.51 -25.88 33.05
C PRO D 570 -7.72 -26.63 33.56
N THR D 571 -8.01 -26.49 34.85
CA THR D 571 -9.25 -27.02 35.42
C THR D 571 -10.20 -25.87 35.69
N PHE D 572 -11.49 -26.19 35.76
CA PHE D 572 -12.53 -25.19 35.98
C PHE D 572 -13.10 -25.28 37.38
N ILE D 573 -13.34 -24.13 37.99
CA ILE D 573 -13.99 -24.05 39.29
C ILE D 573 -15.35 -23.34 39.15
N ASP D 574 -16.29 -23.66 40.03
CA ASP D 574 -17.65 -23.13 39.93
C ASP D 574 -17.75 -21.60 40.06
N LYS D 575 -16.83 -20.98 40.81
CA LYS D 575 -16.92 -19.55 41.15
C LYS D 575 -15.79 -18.74 40.51
N PRO D 576 -16.03 -17.46 40.24
CA PRO D 576 -15.02 -16.60 39.64
C PRO D 576 -13.67 -16.71 40.33
N GLY D 577 -12.60 -16.81 39.54
CA GLY D 577 -11.27 -16.87 40.09
C GLY D 577 -10.26 -17.33 39.08
N ILE D 578 -9.06 -16.77 39.15
CA ILE D 578 -7.98 -17.18 38.28
C ILE D 578 -6.77 -17.45 39.15
N ARG D 579 -6.36 -18.71 39.26
CA ARG D 579 -5.14 -19.09 39.98
C ARG D 579 -4.13 -19.62 38.98
N ILE D 580 -3.16 -18.80 38.60
CA ILE D 580 -2.11 -19.22 37.67
C ILE D 580 -0.82 -19.45 38.41
N THR D 581 -0.17 -20.59 38.15
CA THR D 581 1.18 -20.82 38.62
C THR D 581 2.14 -20.77 37.43
N GLU D 582 3.28 -20.12 37.60
CA GLU D 582 4.28 -19.92 36.54
C GLU D 582 3.70 -19.83 35.13
N GLY D 583 2.84 -18.84 34.91
CA GLY D 583 2.23 -18.62 33.62
C GLY D 583 3.07 -17.72 32.74
N ARG D 584 2.80 -17.75 31.43
CA ARG D 584 3.52 -16.89 30.49
C ARG D 584 2.62 -16.32 29.39
N HIS D 585 3.05 -15.19 28.82
CA HIS D 585 2.50 -14.65 27.56
C HIS D 585 2.88 -15.58 26.39
N PRO D 586 1.89 -16.22 25.76
CA PRO D 586 2.16 -17.25 24.74
C PRO D 586 2.81 -16.73 23.47
N VAL D 587 2.66 -15.45 23.14
CA VAL D 587 3.30 -14.90 21.96
C VAL D 587 4.67 -14.33 22.30
N VAL D 588 4.73 -13.54 23.37
CA VAL D 588 5.95 -12.87 23.77
C VAL D 588 7.06 -13.87 24.06
N GLU D 589 6.70 -15.05 24.57
CA GLU D 589 7.68 -16.05 24.95
C GLU D 589 8.32 -16.72 23.75
N GLN D 590 7.60 -16.84 22.65
CA GLN D 590 8.13 -17.42 21.41
C GLN D 590 8.92 -16.43 20.56
N VAL D 591 8.62 -15.14 20.71
CA VAL D 591 9.13 -14.11 19.80
C VAL D 591 10.50 -13.61 20.23
N LEU D 592 10.61 -13.18 21.49
CA LEU D 592 11.86 -12.63 21.96
C LEU D 592 12.89 -13.75 22.29
N ASN D 593 14.18 -13.43 22.13
CA ASN D 593 15.26 -14.40 22.42
C ASN D 593 15.90 -14.18 23.80
N GLU D 594 15.13 -13.57 24.70
CA GLU D 594 15.49 -13.40 26.11
C GLU D 594 14.57 -14.33 26.95
N PRO D 595 15.07 -14.90 28.04
CA PRO D 595 14.27 -15.84 28.85
C PRO D 595 12.95 -15.23 29.33
N PHE D 596 11.82 -15.91 29.15
CA PHE D 596 10.57 -15.36 29.66
C PHE D 596 10.38 -15.68 31.13
N ILE D 597 10.43 -14.65 31.98
CA ILE D 597 10.14 -14.82 33.40
C ILE D 597 8.64 -15.08 33.65
N ALA D 598 8.34 -16.30 34.07
CA ALA D 598 6.98 -16.70 34.41
C ALA D 598 6.54 -16.04 35.71
N ASN D 599 5.23 -15.84 35.87
CA ASN D 599 4.67 -15.16 37.03
C ASN D 599 3.38 -15.81 37.53
N PRO D 600 3.12 -15.67 38.83
CA PRO D 600 1.84 -16.11 39.40
C PRO D 600 0.70 -15.11 39.26
N LEU D 601 -0.50 -15.59 39.55
CA LEU D 601 -1.66 -14.73 39.75
C LEU D 601 -2.65 -15.47 40.62
N ASN D 602 -3.14 -14.81 41.66
CA ASN D 602 -4.20 -15.38 42.50
C ASN D 602 -5.29 -14.32 42.62
N LEU D 603 -6.34 -14.46 41.81
CA LEU D 603 -7.57 -13.67 41.95
C LEU D 603 -8.72 -14.55 42.44
N SER D 604 -9.53 -14.01 43.35
CA SER D 604 -10.71 -14.71 43.87
C SER D 604 -11.76 -13.69 44.33
N PRO D 605 -12.95 -14.13 44.71
CA PRO D 605 -13.91 -13.20 45.33
C PRO D 605 -13.34 -12.49 46.56
N GLN D 606 -12.36 -13.11 47.24
CA GLN D 606 -11.72 -12.51 48.42
C GLN D 606 -10.56 -11.60 48.05
N ARG D 607 -10.02 -11.79 46.84
CA ARG D 607 -8.86 -11.03 46.34
C ARG D 607 -9.17 -10.63 44.89
N ARG D 608 -10.03 -9.65 44.74
CA ARG D 608 -10.66 -9.31 43.46
C ARG D 608 -9.85 -8.35 42.60
N MET D 609 -9.02 -7.51 43.23
CA MET D 609 -8.28 -6.49 42.49
C MET D 609 -6.83 -6.42 42.91
N LEU D 610 -5.96 -6.28 41.92
CA LEU D 610 -4.56 -5.99 42.16
C LEU D 610 -4.17 -4.65 41.56
N ILE D 611 -3.62 -3.77 42.39
CA ILE D 611 -3.08 -2.51 41.97
C ILE D 611 -1.63 -2.83 41.56
N ILE D 612 -1.29 -2.65 40.28
CA ILE D 612 0.04 -2.97 39.78
C ILE D 612 0.88 -1.71 39.62
N THR D 613 1.95 -1.59 40.42
CA THR D 613 2.87 -0.46 40.32
C THR D 613 4.24 -0.92 39.90
N GLY D 614 5.09 0.04 39.58
CA GLY D 614 6.43 -0.27 39.13
C GLY D 614 6.73 0.27 37.75
N PRO D 615 7.94 0.04 37.29
CA PRO D 615 8.53 0.75 36.15
C PRO D 615 7.81 0.71 34.79
N ASN D 616 8.20 1.67 33.96
CA ASN D 616 8.00 1.65 32.51
C ASN D 616 8.95 0.63 31.87
N MET D 617 8.45 -0.12 30.87
CA MET D 617 9.13 -1.29 30.33
C MET D 617 9.34 -2.33 31.43
N GLY D 618 8.54 -2.24 32.50
CA GLY D 618 8.69 -3.09 33.67
C GLY D 618 7.98 -4.43 33.53
N GLY D 619 6.93 -4.47 32.70
CA GLY D 619 6.23 -5.71 32.37
C GLY D 619 4.78 -5.78 32.81
N LYS D 620 4.14 -4.65 33.05
CA LYS D 620 2.74 -4.61 33.45
C LYS D 620 1.76 -4.97 32.34
N SER D 621 1.96 -4.38 31.16
CA SER D 621 1.04 -4.59 30.05
C SER D 621 1.07 -6.05 29.63
N THR D 622 2.25 -6.65 29.65
CA THR D 622 2.44 -8.05 29.29
C THR D 622 1.73 -8.98 30.28
N TYR D 623 1.85 -8.66 31.56
CA TYR D 623 1.35 -9.49 32.64
C TYR D 623 -0.20 -9.49 32.65
N MET D 624 -0.75 -8.36 32.22
CA MET D 624 -2.19 -8.20 32.12
C MET D 624 -2.73 -8.94 30.90
N ARG D 625 -2.14 -8.67 29.75
CA ARG D 625 -2.49 -9.34 28.51
C ARG D 625 -2.31 -10.87 28.53
N GLN D 626 -1.38 -11.40 29.32
CA GLN D 626 -1.18 -12.85 29.34
C GLN D 626 -2.28 -13.47 30.19
N THR D 627 -2.70 -12.76 31.21
CA THR D 627 -3.86 -13.16 31.99
C THR D 627 -5.06 -13.36 31.06
N ALA D 628 -5.27 -12.39 30.17
CA ALA D 628 -6.42 -12.41 29.27
C ALA D 628 -6.26 -13.48 28.21
N LEU D 629 -5.04 -13.68 27.72
CA LEU D 629 -4.77 -14.71 26.71
C LEU D 629 -4.93 -16.12 27.26
N ILE D 630 -4.48 -16.33 28.49
CA ILE D 630 -4.64 -17.61 29.17
C ILE D 630 -6.13 -17.88 29.42
N ALA D 631 -6.87 -16.90 29.91
CA ALA D 631 -8.32 -17.05 30.07
C ALA D 631 -8.97 -17.39 28.72
N LEU D 632 -8.57 -16.69 27.67
CA LEU D 632 -9.14 -16.88 26.34
C LEU D 632 -8.86 -18.29 25.82
N MET D 633 -7.65 -18.79 26.10
CA MET D 633 -7.21 -20.07 25.57
C MET D 633 -7.84 -21.20 26.36
N ALA D 634 -7.97 -21.04 27.67
CA ALA D 634 -8.72 -21.98 28.48
C ALA D 634 -10.14 -22.16 27.94
N TYR D 635 -10.74 -21.08 27.43
CA TYR D 635 -12.14 -21.14 27.03
C TYR D 635 -12.37 -21.35 25.53
N ILE D 636 -11.33 -21.81 24.82
CA ILE D 636 -11.50 -22.47 23.52
C ILE D 636 -11.18 -23.96 23.64
N GLY D 637 -10.76 -24.39 24.81
CA GLY D 637 -10.51 -25.80 25.07
C GLY D 637 -9.04 -26.17 24.99
N SER D 638 -8.18 -25.23 24.64
CA SER D 638 -6.76 -25.49 24.50
C SER D 638 -6.07 -25.65 25.85
N TYR D 639 -4.90 -26.27 25.81
CA TYR D 639 -3.99 -26.24 26.96
C TYR D 639 -3.34 -24.86 26.99
N VAL D 640 -2.73 -24.50 28.13
CA VAL D 640 -2.29 -23.12 28.38
C VAL D 640 -0.83 -23.00 28.81
N PRO D 641 -0.20 -21.86 28.55
CA PRO D 641 1.20 -21.65 28.91
C PRO D 641 1.38 -21.42 30.41
N ALA D 642 1.58 -22.49 31.17
CA ALA D 642 1.59 -22.42 32.63
C ALA D 642 1.85 -23.79 33.23
N GLN D 643 2.35 -23.80 34.48
CA GLN D 643 2.47 -25.04 35.25
C GLN D 643 1.12 -25.46 35.79
N LYS D 644 0.22 -24.50 35.96
CA LYS D 644 -1.11 -24.79 36.45
C LYS D 644 -2.04 -23.58 36.29
N VAL D 645 -3.31 -23.84 36.00
CA VAL D 645 -4.30 -22.79 35.93
C VAL D 645 -5.63 -23.38 36.38
N GLU D 646 -6.21 -22.85 37.45
CA GLU D 646 -7.61 -23.08 37.77
C GLU D 646 -8.37 -21.83 37.38
N ILE D 647 -9.58 -21.97 36.85
CA ILE D 647 -10.33 -20.79 36.38
C ILE D 647 -11.86 -20.88 36.46
N GLY D 648 -12.47 -19.83 37.00
CA GLY D 648 -13.91 -19.74 37.12
C GLY D 648 -14.52 -19.17 35.85
N PRO D 649 -15.84 -19.10 35.81
CA PRO D 649 -16.56 -18.65 34.62
C PRO D 649 -16.31 -17.20 34.32
N ILE D 650 -16.11 -16.89 33.04
CA ILE D 650 -16.01 -15.51 32.56
C ILE D 650 -17.07 -15.25 31.48
N ASP D 651 -17.79 -14.13 31.63
CA ASP D 651 -18.75 -13.68 30.61
C ASP D 651 -18.16 -12.66 29.62
N ARG D 652 -17.13 -11.92 30.04
CA ARG D 652 -16.59 -10.81 29.25
C ARG D 652 -15.14 -10.59 29.62
N ILE D 653 -14.35 -10.13 28.66
CA ILE D 653 -12.97 -9.71 28.89
C ILE D 653 -12.82 -8.28 28.40
N PHE D 654 -12.42 -7.39 29.31
CA PHE D 654 -12.33 -5.97 29.04
C PHE D 654 -10.87 -5.60 29.06
N THR D 655 -10.47 -4.73 28.16
CA THR D 655 -9.10 -4.29 28.06
C THR D 655 -9.07 -2.80 27.78
N ARG D 656 -8.42 -2.06 28.67
CA ARG D 656 -8.18 -0.64 28.49
C ARG D 656 -6.68 -0.49 28.58
N VAL D 657 -5.98 -1.05 27.59
CA VAL D 657 -4.53 -1.20 27.65
C VAL D 657 -3.88 -0.63 26.40
N GLY D 658 -3.05 0.39 26.60
CA GLY D 658 -2.21 0.93 25.54
C GLY D 658 -2.67 2.27 25.02
N ALA D 659 -1.99 2.78 24.00
CA ALA D 659 -2.38 4.03 23.36
C ALA D 659 -1.62 4.21 22.06
N SER D 668 -8.90 12.63 20.13
CA SER D 668 -8.04 12.93 21.27
C SER D 668 -7.91 11.70 22.18
N THR D 669 -6.67 11.37 22.55
CA THR D 669 -6.38 10.13 23.27
C THR D 669 -7.02 10.06 24.65
N PHE D 670 -7.00 11.14 25.43
CA PHE D 670 -7.63 11.14 26.75
C PHE D 670 -9.15 10.83 26.68
N MET D 671 -9.80 11.34 25.64
CA MET D 671 -11.23 11.11 25.42
C MET D 671 -11.55 9.66 25.05
N VAL D 672 -10.74 9.09 24.16
CA VAL D 672 -10.90 7.71 23.73
C VAL D 672 -10.66 6.73 24.89
N GLU D 673 -9.73 7.05 25.78
CA GLU D 673 -9.39 6.20 26.92
C GLU D 673 -10.47 6.27 27.99
N MET D 674 -11.08 7.45 28.14
CA MET D 674 -12.18 7.64 29.08
C MET D 674 -13.47 7.00 28.58
N THR D 675 -13.63 6.95 27.25
CA THR D 675 -14.85 6.40 26.66
C THR D 675 -14.82 4.89 26.81
N GLU D 676 -13.66 4.28 26.60
CA GLU D 676 -13.46 2.85 26.85
C GLU D 676 -13.61 2.51 28.32
N THR D 677 -13.15 3.41 29.19
CA THR D 677 -13.25 3.23 30.63
C THR D 677 -14.70 3.26 31.03
N ALA D 678 -15.44 4.17 30.42
CA ALA D 678 -16.86 4.33 30.67
C ALA D 678 -17.63 3.05 30.31
N ASN D 679 -17.27 2.46 29.17
CA ASN D 679 -17.91 1.25 28.67
C ASN D 679 -17.72 0.09 29.65
N ILE D 680 -16.53 -0.02 30.21
CA ILE D 680 -16.23 -1.08 31.17
C ILE D 680 -17.10 -0.95 32.41
N LEU D 681 -17.18 0.26 32.96
CA LEU D 681 -17.89 0.50 34.20
C LEU D 681 -19.40 0.28 34.05
N HIS D 682 -19.90 0.47 32.84
CA HIS D 682 -21.33 0.29 32.55
C HIS D 682 -21.74 -1.19 32.34
N ASN D 683 -20.85 -1.98 31.76
CA ASN D 683 -21.18 -3.31 31.24
C ASN D 683 -20.44 -4.51 31.87
N ALA D 684 -19.55 -4.26 32.83
CA ALA D 684 -18.79 -5.35 33.45
C ALA D 684 -19.61 -5.92 34.58
N THR D 685 -19.48 -7.23 34.80
CA THR D 685 -20.16 -7.91 35.91
C THR D 685 -19.12 -8.57 36.81
N GLU D 686 -19.59 -9.27 37.84
CA GLU D 686 -18.73 -9.97 38.79
C GLU D 686 -18.09 -11.20 38.16
N TYR D 687 -18.56 -11.60 36.99
CA TYR D 687 -17.94 -12.65 36.19
C TYR D 687 -17.02 -12.11 35.07
N SER D 688 -16.61 -10.85 35.18
CA SER D 688 -15.84 -10.20 34.10
C SER D 688 -14.38 -10.11 34.43
N LEU D 689 -13.52 -10.25 33.43
CA LEU D 689 -12.10 -9.99 33.59
C LEU D 689 -11.86 -8.59 33.07
N VAL D 690 -11.42 -7.70 33.94
CA VAL D 690 -11.19 -6.30 33.57
C VAL D 690 -9.71 -5.99 33.68
N LEU D 691 -9.12 -5.46 32.62
CA LEU D 691 -7.69 -5.12 32.60
C LEU D 691 -7.53 -3.65 32.25
N MET D 692 -7.10 -2.84 33.22
CA MET D 692 -7.00 -1.40 33.03
C MET D 692 -5.57 -0.92 33.14
N ASP D 693 -5.24 0.10 32.37
CA ASP D 693 -3.85 0.56 32.28
C ASP D 693 -3.77 2.08 32.24
N GLU D 694 -3.05 2.62 33.23
CA GLU D 694 -2.81 4.05 33.36
C GLU D 694 -4.03 4.93 33.07
N ILE D 695 -5.19 4.56 33.61
CA ILE D 695 -6.34 5.45 33.56
C ILE D 695 -6.03 6.58 34.53
N GLY D 696 -6.13 7.82 34.03
CA GLY D 696 -5.79 8.99 34.81
C GLY D 696 -4.71 9.83 34.16
N ALA D 697 -3.71 9.18 33.57
CA ALA D 697 -2.67 9.89 32.85
C ALA D 697 -3.26 10.54 31.60
N GLY D 698 -3.09 11.86 31.46
CA GLY D 698 -3.70 12.62 30.38
C GLY D 698 -4.25 13.96 30.84
N THR D 699 -4.75 13.98 32.08
CA THR D 699 -5.27 15.19 32.71
C THR D 699 -4.41 15.50 33.94
N SER D 700 -4.85 16.42 34.79
CA SER D 700 -4.08 16.84 35.97
C SER D 700 -3.91 15.73 37.00
N THR D 701 -2.93 15.89 37.89
CA THR D 701 -2.63 14.90 38.92
C THR D 701 -3.85 14.57 39.79
N TYR D 702 -4.47 15.61 40.33
CA TYR D 702 -5.55 15.44 41.28
C TYR D 702 -6.80 14.93 40.59
N ASP D 703 -7.07 15.43 39.38
CA ASP D 703 -8.22 14.95 38.60
C ASP D 703 -8.02 13.51 38.20
N GLY D 704 -6.85 13.18 37.65
CA GLY D 704 -6.58 11.85 37.16
C GLY D 704 -6.53 10.81 38.26
N LEU D 705 -5.90 11.17 39.38
CA LEU D 705 -5.85 10.32 40.57
C LEU D 705 -7.23 10.13 41.14
N SER D 706 -8.06 11.16 41.06
CA SER D 706 -9.42 11.11 41.63
C SER D 706 -10.29 10.18 40.83
N LEU D 707 -10.12 10.14 39.51
CA LEU D 707 -10.87 9.22 38.67
C LEU D 707 -10.39 7.80 38.84
N ALA D 708 -9.07 7.63 38.93
CA ALA D 708 -8.47 6.31 39.12
C ALA D 708 -8.96 5.66 40.42
N TRP D 709 -8.84 6.40 41.52
CA TRP D 709 -9.34 6.00 42.83
C TRP D 709 -10.80 5.59 42.74
N ALA D 710 -11.64 6.46 42.19
CA ALA D 710 -13.09 6.22 42.14
C ALA D 710 -13.46 5.09 41.18
N CYS D 711 -12.55 4.79 40.26
CA CYS D 711 -12.74 3.70 39.31
C CYS D 711 -12.44 2.37 39.99
N ALA D 712 -11.26 2.29 40.61
CA ALA D 712 -10.86 1.15 41.43
C ALA D 712 -11.99 0.78 42.42
N GLU D 713 -12.49 1.79 43.13
CA GLU D 713 -13.53 1.63 44.14
C GLU D 713 -14.74 0.94 43.54
N ASN D 714 -15.26 1.52 42.46
CA ASN D 714 -16.42 0.99 41.76
C ASN D 714 -16.23 -0.45 41.29
N LEU D 715 -15.12 -0.69 40.60
CA LEU D 715 -14.76 -2.03 40.14
C LEU D 715 -14.58 -3.03 41.28
N ALA D 716 -14.04 -2.54 42.40
CA ALA D 716 -13.74 -3.36 43.55
C ALA D 716 -14.95 -3.60 44.48
N ASN D 717 -15.88 -2.65 44.56
CA ASN D 717 -16.98 -2.71 45.55
C ASN D 717 -18.36 -2.87 44.92
N LYS D 718 -18.60 -2.15 43.84
CA LYS D 718 -19.89 -2.21 43.14
C LYS D 718 -19.94 -3.40 42.17
N ILE D 719 -19.05 -3.44 41.19
CA ILE D 719 -19.08 -4.48 40.16
C ILE D 719 -18.52 -5.80 40.70
N LYS D 720 -17.46 -5.71 41.49
CA LYS D 720 -16.73 -6.87 42.02
C LYS D 720 -16.14 -7.76 40.91
N ALA D 721 -15.75 -7.13 39.80
CA ALA D 721 -15.08 -7.87 38.72
C ALA D 721 -13.65 -8.16 39.12
N LEU D 722 -13.16 -9.32 38.71
CA LEU D 722 -11.76 -9.65 38.85
C LEU D 722 -10.98 -8.69 37.97
N THR D 723 -10.26 -7.77 38.60
CA THR D 723 -9.59 -6.68 37.90
C THR D 723 -8.09 -6.67 38.12
N LEU D 724 -7.36 -6.21 37.11
CA LEU D 724 -5.95 -5.86 37.24
C LEU D 724 -5.78 -4.41 36.82
N PHE D 725 -5.33 -3.58 37.75
CA PHE D 725 -5.31 -2.13 37.61
C PHE D 725 -3.86 -1.59 37.63
N ALA D 726 -3.25 -1.47 36.46
CA ALA D 726 -1.90 -0.92 36.38
C ALA D 726 -1.99 0.59 36.52
N THR D 727 -1.19 1.15 37.42
CA THR D 727 -1.22 2.59 37.70
C THR D 727 0.17 3.14 37.99
N HIS D 728 0.33 4.45 37.81
CA HIS D 728 1.54 5.14 38.26
C HIS D 728 1.29 5.89 39.57
N TYR D 729 0.02 6.13 39.89
CA TYR D 729 -0.35 6.81 41.14
C TYR D 729 -0.01 5.91 42.31
N PHE D 730 1.02 6.31 43.06
CA PHE D 730 1.45 5.56 44.24
C PHE D 730 0.44 5.74 45.39
N GLU D 731 -0.33 6.81 45.30
CA GLU D 731 -1.40 7.10 46.24
C GLU D 731 -2.42 5.97 46.21
N LEU D 732 -2.60 5.36 45.04
CA LEU D 732 -3.52 4.23 44.89
C LEU D 732 -3.12 2.99 45.69
N THR D 733 -1.86 2.88 46.11
CA THR D 733 -1.42 1.74 46.90
C THR D 733 -1.97 1.77 48.33
N GLN D 734 -2.50 2.91 48.76
CA GLN D 734 -3.20 3.00 50.06
C GLN D 734 -4.59 2.31 50.04
N LEU D 735 -5.03 1.84 48.87
CA LEU D 735 -6.32 1.16 48.71
C LEU D 735 -6.53 -0.10 49.57
N PRO D 736 -5.62 -1.08 49.50
CA PRO D 736 -5.72 -2.29 50.33
C PRO D 736 -6.02 -2.08 51.81
N GLU D 737 -5.46 -1.03 52.41
CA GLU D 737 -5.74 -0.69 53.81
C GLU D 737 -7.17 -0.17 53.99
N LYS D 738 -7.60 0.70 53.08
CA LYS D 738 -8.92 1.30 53.16
C LYS D 738 -10.10 0.35 52.89
N MET D 739 -9.86 -0.76 52.20
CA MET D 739 -10.95 -1.61 51.74
C MET D 739 -10.56 -3.04 51.35
N GLU D 740 -11.56 -3.92 51.41
CA GLU D 740 -11.38 -5.36 51.38
C GLU D 740 -11.33 -5.90 49.95
N GLY D 741 -10.57 -6.98 49.79
CA GLY D 741 -10.40 -7.60 48.49
C GLY D 741 -9.49 -6.84 47.53
N VAL D 742 -8.66 -5.95 48.04
CA VAL D 742 -7.69 -5.23 47.21
C VAL D 742 -6.28 -5.45 47.71
N ALA D 743 -5.37 -5.79 46.82
CA ALA D 743 -3.99 -6.01 47.21
C ALA D 743 -3.04 -5.28 46.29
N ASN D 744 -1.87 -4.99 46.81
CA ASN D 744 -0.81 -4.43 46.01
C ASN D 744 0.02 -5.55 45.41
N VAL D 745 0.46 -5.36 44.17
CA VAL D 745 1.63 -6.07 43.62
C VAL D 745 2.49 -5.09 42.87
N HIS D 746 3.68 -5.50 42.46
CA HIS D 746 4.58 -4.61 41.75
C HIS D 746 5.67 -5.35 41.04
N LEU D 747 6.27 -4.69 40.06
CA LEU D 747 7.49 -5.16 39.42
C LEU D 747 8.62 -4.20 39.79
N ASP D 748 9.86 -4.68 39.76
CA ASP D 748 10.98 -3.79 40.04
C ASP D 748 12.00 -3.85 38.93
N ALA D 749 12.97 -2.95 39.02
CA ALA D 749 14.11 -2.93 38.11
C ALA D 749 15.38 -3.13 38.92
N LEU D 750 16.50 -3.14 38.22
CA LEU D 750 17.80 -3.33 38.83
C LEU D 750 18.86 -2.57 38.05
N GLU D 751 19.63 -1.74 38.75
CA GLU D 751 20.66 -0.93 38.12
C GLU D 751 22.02 -1.61 38.20
N HIS D 752 22.73 -1.59 37.07
CA HIS D 752 24.08 -2.15 36.96
C HIS D 752 24.82 -1.52 35.77
N GLY D 753 26.14 -1.67 35.76
CA GLY D 753 26.97 -1.22 34.64
C GLY D 753 26.60 0.20 34.28
N ASP D 754 26.17 0.42 33.04
CA ASP D 754 25.67 1.73 32.63
C ASP D 754 24.23 1.65 32.07
N THR D 755 23.35 0.95 32.79
CA THR D 755 22.02 0.67 32.27
C THR D 755 21.01 0.23 33.34
N ILE D 756 19.78 -0.03 32.90
CA ILE D 756 18.73 -0.63 33.74
C ILE D 756 18.39 -2.03 33.25
N ALA D 757 18.12 -2.91 34.21
CA ALA D 757 17.67 -4.27 33.96
C ALA D 757 16.29 -4.42 34.60
N PHE D 758 15.25 -4.22 33.80
CA PHE D 758 13.89 -4.43 34.30
C PHE D 758 13.70 -5.93 34.52
N MET D 759 13.22 -6.29 35.71
CA MET D 759 13.25 -7.69 36.18
C MET D 759 12.06 -8.53 35.71
N HIS D 760 10.91 -7.88 35.45
CA HIS D 760 9.77 -8.55 34.85
C HIS D 760 9.15 -9.64 35.79
N SER D 761 9.52 -9.58 37.08
CA SER D 761 8.98 -10.49 38.10
C SER D 761 7.95 -9.82 39.00
N VAL D 762 6.73 -10.33 39.01
CA VAL D 762 5.67 -9.74 39.82
C VAL D 762 5.78 -10.27 41.26
N GLN D 763 5.99 -9.39 42.22
CA GLN D 763 6.05 -9.73 43.65
C GLN D 763 5.06 -8.92 44.47
N ASP D 764 4.65 -9.46 45.62
CA ASP D 764 3.68 -8.79 46.50
C ASP D 764 4.14 -7.39 46.92
N GLY D 765 3.15 -6.56 47.28
CA GLY D 765 3.41 -5.25 47.83
C GLY D 765 3.51 -4.11 46.82
N ALA D 766 3.42 -2.89 47.34
CA ALA D 766 3.64 -1.69 46.55
C ALA D 766 5.10 -1.57 46.14
N ALA D 767 5.35 -0.73 45.15
CA ALA D 767 6.72 -0.43 44.72
C ALA D 767 7.31 0.58 45.70
N SER D 768 8.65 0.61 45.82
CA SER D 768 9.32 1.59 46.67
C SER D 768 10.37 2.40 45.91
N LYS D 769 10.35 2.30 44.59
CA LYS D 769 11.27 3.05 43.73
C LYS D 769 10.56 3.51 42.46
N SER D 770 10.91 4.70 41.99
CA SER D 770 10.53 5.13 40.63
C SER D 770 11.81 5.12 39.77
N TYR D 771 11.67 5.08 38.45
CA TYR D 771 12.86 5.02 37.59
C TYR D 771 12.88 6.08 36.48
N GLY D 772 11.91 6.99 36.49
CA GLY D 772 11.78 8.04 35.49
C GLY D 772 13.05 8.88 35.36
N LEU D 773 13.55 9.34 36.50
CA LEU D 773 14.76 10.14 36.53
C LEU D 773 15.95 9.35 36.00
N ALA D 774 16.01 8.06 36.31
CA ALA D 774 17.13 7.21 35.85
C ALA D 774 17.15 7.04 34.33
N VAL D 775 15.95 6.94 33.75
CA VAL D 775 15.78 6.79 32.31
C VAL D 775 16.11 8.07 31.58
N ALA D 776 15.82 9.21 32.21
CA ALA D 776 16.21 10.51 31.69
C ALA D 776 17.75 10.68 31.66
N ALA D 777 18.44 10.14 32.67
CA ALA D 777 19.90 10.26 32.71
C ALA D 777 20.49 9.54 31.53
N LEU D 778 19.99 8.33 31.26
CA LEU D 778 20.47 7.50 30.16
C LEU D 778 20.00 8.02 28.80
N ALA D 779 19.04 8.93 28.79
CA ALA D 779 18.55 9.56 27.56
C ALA D 779 19.46 10.71 27.13
N GLY D 780 20.27 11.21 28.06
CA GLY D 780 21.17 12.31 27.79
C GLY D 780 20.70 13.63 28.38
N VAL D 781 19.52 13.64 29.01
CA VAL D 781 19.07 14.78 29.80
C VAL D 781 20.20 15.18 30.76
N PRO D 782 20.62 16.44 30.76
CA PRO D 782 21.85 16.81 31.48
C PRO D 782 21.78 16.51 32.98
N LYS D 783 22.93 16.21 33.59
CA LYS D 783 22.98 15.82 35.00
C LYS D 783 22.39 16.88 35.95
N GLU D 784 22.49 18.15 35.55
CA GLU D 784 22.11 19.27 36.41
C GLU D 784 20.61 19.45 36.40
N VAL D 785 19.98 19.09 35.29
CA VAL D 785 18.52 19.05 35.19
C VAL D 785 17.96 17.90 36.04
N ILE D 786 18.63 16.76 36.00
CA ILE D 786 18.24 15.59 36.78
C ILE D 786 18.32 15.92 38.28
N LYS D 787 19.40 16.59 38.67
CA LYS D 787 19.62 16.99 40.06
C LYS D 787 18.46 17.86 40.58
N ARG D 788 18.00 18.78 39.75
CA ARG D 788 16.94 19.69 40.13
C ARG D 788 15.62 18.92 40.28
N ALA D 789 15.41 17.93 39.41
CA ALA D 789 14.22 17.08 39.44
C ALA D 789 14.21 16.18 40.69
N ARG D 790 15.37 15.60 41.01
CA ARG D 790 15.55 14.84 42.25
C ARG D 790 15.11 15.67 43.45
N GLN D 791 15.53 16.94 43.51
CA GLN D 791 15.13 17.84 44.60
C GLN D 791 13.61 18.05 44.63
N LYS D 792 13.04 18.26 43.46
CA LYS D 792 11.66 18.61 43.27
C LYS D 792 10.77 17.40 43.54
N LEU D 793 11.32 16.19 43.39
CA LEU D 793 10.56 14.96 43.58
C LEU D 793 10.37 14.71 45.07
N ARG D 794 11.46 14.85 45.83
CA ARG D 794 11.39 14.67 47.26
C ARG D 794 10.46 15.71 47.85
N GLU D 795 10.61 16.95 47.39
CA GLU D 795 9.71 18.02 47.78
C GLU D 795 8.25 17.59 47.58
N LEU D 796 7.95 17.07 46.38
CA LEU D 796 6.58 16.78 45.97
C LEU D 796 5.97 15.57 46.68
N GLU D 797 6.78 14.56 46.98
CA GLU D 797 6.30 13.32 47.58
C GLU D 797 6.07 13.46 49.08
N SER D 798 6.78 14.39 49.74
CA SER D 798 6.78 14.51 51.20
C SER D 798 5.46 14.96 51.82
N ILE D 799 4.62 15.65 51.04
CA ILE D 799 3.30 16.05 51.51
C ILE D 799 2.39 14.81 51.64
N SER D 800 2.71 13.76 50.87
CA SER D 800 1.95 12.50 50.87
C SER D 800 2.19 11.70 52.14
MG MG E . -2.69 18.66 22.46
PB ADP F . -5.79 20.27 23.25
O1B ADP F . -5.67 21.27 24.33
O2B ADP F . -4.44 19.89 22.59
O3B ADP F . -6.28 18.97 23.89
PA ADP F . -6.37 20.97 20.59
O1A ADP F . -5.78 19.67 20.19
O2A ADP F . -5.40 22.14 20.28
O3A ADP F . -6.74 20.95 22.14
O5' ADP F . -7.73 21.30 19.79
C5' ADP F . -8.69 20.29 19.55
C4' ADP F . -9.65 20.72 18.45
O4' ADP F . -10.12 22.03 18.69
C3' ADP F . -9.00 20.72 17.09
O3' ADP F . -9.38 19.55 16.41
C2' ADP F . -9.50 21.97 16.41
O2' ADP F . -10.34 21.63 15.32
C1' ADP F . -10.24 22.75 17.49
N9 ADP F . -9.64 24.06 17.69
C8 ADP F . -8.43 24.34 18.29
N7 ADP F . -8.21 25.68 18.29
C5 ADP F . -9.27 26.26 17.71
C6 ADP F . -9.57 27.58 17.43
N6 ADP F . -8.86 28.53 18.01
N1 ADP F . -10.76 27.89 16.81
C2 ADP F . -11.66 26.89 16.44
N3 ADP F . -11.36 25.57 16.70
C4 ADP F . -10.19 25.26 17.33
MG MG G . 2.28 -0.61 29.36
PB ADP H . 5.08 -1.83 31.09
O1B ADP H . 5.46 -1.64 32.52
O2B ADP H . 3.63 -1.30 30.94
O3B ADP H . 6.03 -1.04 30.15
PA ADP H . 5.66 -4.00 29.26
O1A ADP H . 5.45 -2.95 28.24
O2A ADP H . 4.88 -5.28 28.95
O3A ADP H . 5.23 -3.40 30.71
O5' ADP H . 7.24 -4.39 29.39
C5' ADP H . 8.24 -4.15 28.38
C4' ADP H . 8.70 -5.39 27.60
O4' ADP H . 9.29 -6.40 28.41
C3' ADP H . 7.60 -6.08 26.80
O3' ADP H . 7.56 -5.60 25.48
C2' ADP H . 7.89 -7.57 26.88
O2' ADP H . 8.34 -8.11 25.64
C1' ADP H . 8.96 -7.71 27.96
N9 ADP H . 8.42 -8.50 29.09
C8 ADP H . 7.28 -8.19 29.81
N7 ADP H . 7.11 -9.13 30.76
C5 ADP H . 8.12 -10.03 30.66
C6 ADP H . 8.41 -11.17 31.39
N6 ADP H . 7.53 -11.65 32.28
N1 ADP H . 9.54 -11.92 31.06
C2 ADP H . 10.34 -11.52 30.02
N3 ADP H . 10.04 -10.38 29.30
C4 ADP H . 8.95 -9.64 29.62
#